data_4NL8
#
_entry.id   4NL8
#
_cell.length_a   106.610
_cell.length_b   153.248
_cell.length_c   192.373
_cell.angle_alpha   90.00
_cell.angle_beta   90.00
_cell.angle_gamma   90.00
#
_symmetry.space_group_name_H-M   'P 21 21 21'
#
loop_
_entity.id
_entity.type
_entity.pdbx_description
1 polymer 'Single-stranded DNA-binding protein'
2 polymer 'Primosome assembly protein PriA'
3 non-polymer 'ZINC ION'
#
loop_
_entity_poly.entity_id
_entity_poly.type
_entity_poly.pdbx_seq_one_letter_code
_entity_poly.pdbx_strand_id
1 'polypeptide(L)' WMDFDDDIPF C,D,F
2 'polypeptide(L)'
;HHHHHHSSGLVPRGSHMSVAHVALPVPLPRTFDYLLPEGMAVKAGCRVRVPFGKQERIGIVAAVSERSELPLDELKPVAE
ALDDEPVFSTTVWRLLMWAAEYYHHPIGDVLFHALPVMLRQGKPASATPLWYWFATEQGQVVDLNGLKRSRKQQQALAAL
RQGKIWRHQVGELEFNEAALQALRGKGLAELACEAPALTDWRSAYSVAGERLRLNTEQATAVGAIHSAADRFSAWLLAGI
TGSGKTEVYLSVLENVLAQGRQALVMVPEIGLTPQTIARFRQRFNAPVEVLHSGLNDSERLSAWLKAKNGEAAIVIGTRS
SLFTPFKDLGVIVIDEEHDSSYKQQEGWRYHARDLAVWRAHSEQIPIILGSATPALETLHNVRQGKYRQLTLSKRAGNAR
PAQQHVLDLKGQPLQAGLSPALISRMRQHLQADNQVILFLNRRGFAPALLCHDCGWIAECPRCDSYYTLHQAQHHLRCHH
CDSQRPIPRQCPSCGSTHLVPVGIGTEQLEQALAPLFPEVPISRIDRDTTSRKGALEEHLAAVHRGGARILIGTQMLAKG
HHFPDVTLVSLLDVDGALFSADFRSAERFAQLYTQVSGRAGRAGKQGEVILQTHHPEHPLLQTLLYKGYDAFAEQALAER
QTMQLPPWTSHVLIRAEDHNNQQAPLFLQQLRNLLQASPLADEKLWVLGPVPALAPKRGGRWRWQILLQHPSRVRLQHIV
SGTLALINTLPEARKVKWVLDVDPIEG
;
A,B,E
#
# COMPACT_ATOMS: atom_id res chain seq x y z
N ILE A 8 -9.74 -18.91 -34.42
CA ILE A 8 -10.20 -19.46 -33.11
C ILE A 8 -10.56 -18.31 -32.13
N PRO A 9 -11.89 -18.05 -31.92
CA PRO A 9 -12.25 -16.92 -31.03
C PRO A 9 -11.53 -17.01 -29.68
N PHE A 10 -11.44 -18.24 -29.16
CA PHE A 10 -10.64 -18.58 -27.97
C PHE A 10 -10.83 -20.06 -27.59
N MET B 17 -48.67 -20.35 -28.32
CA MET B 17 -47.96 -21.58 -27.83
C MET B 17 -46.67 -21.24 -27.04
N SER B 18 -46.51 -21.88 -25.87
CA SER B 18 -45.31 -21.73 -25.02
C SER B 18 -45.04 -22.97 -24.12
N VAL B 19 -43.79 -23.42 -24.18
CA VAL B 19 -43.35 -24.70 -23.63
C VAL B 19 -41.90 -24.50 -23.26
N ALA B 20 -41.54 -25.03 -22.10
CA ALA B 20 -40.23 -24.79 -21.49
C ALA B 20 -39.34 -26.02 -21.60
N HIS B 21 -38.15 -25.81 -22.14
CA HIS B 21 -37.09 -26.83 -22.21
C HIS B 21 -36.33 -26.83 -20.89
N VAL B 22 -36.58 -27.83 -20.06
CA VAL B 22 -36.05 -27.86 -18.71
C VAL B 22 -34.88 -28.86 -18.64
N ALA B 23 -33.81 -28.47 -17.96
CA ALA B 23 -32.68 -29.37 -17.71
C ALA B 23 -32.77 -30.01 -16.32
N LEU B 24 -32.55 -31.33 -16.28
CA LEU B 24 -32.63 -32.10 -15.06
C LEU B 24 -31.28 -32.70 -14.74
N PRO B 25 -30.97 -32.88 -13.43
CA PRO B 25 -29.68 -33.39 -12.94
C PRO B 25 -29.43 -34.86 -13.26
N VAL B 26 -29.34 -35.18 -14.56
CA VAL B 26 -29.25 -36.55 -15.04
C VAL B 26 -28.10 -36.72 -16.05
N PRO B 27 -27.51 -37.92 -16.11
CA PRO B 27 -26.38 -38.19 -17.00
C PRO B 27 -26.75 -38.32 -18.48
N LEU B 28 -27.82 -37.66 -18.91
CA LEU B 28 -28.27 -37.73 -20.30
C LEU B 28 -28.20 -36.32 -20.91
N PRO B 29 -27.58 -36.21 -22.11
CA PRO B 29 -27.18 -34.91 -22.68
C PRO B 29 -28.32 -34.11 -23.31
N ARG B 30 -29.44 -33.99 -22.60
CA ARG B 30 -30.66 -33.47 -23.22
C ARG B 30 -31.57 -32.76 -22.24
N THR B 31 -32.52 -32.03 -22.82
CA THR B 31 -33.45 -31.20 -22.07
C THR B 31 -34.81 -31.86 -22.17
N PHE B 32 -35.61 -31.78 -21.11
CA PHE B 32 -36.93 -32.39 -21.07
C PHE B 32 -37.97 -31.28 -21.16
N ASP B 33 -39.02 -31.49 -21.94
CA ASP B 33 -40.00 -30.43 -22.16
C ASP B 33 -41.21 -30.48 -21.20
N TYR B 34 -41.75 -29.30 -20.91
CA TYR B 34 -42.90 -29.16 -20.01
C TYR B 34 -43.75 -27.94 -20.38
N LEU B 35 -44.99 -27.91 -19.90
CA LEU B 35 -45.96 -26.87 -20.26
C LEU B 35 -46.02 -25.74 -19.26
N LEU B 36 -46.25 -24.53 -19.77
CA LEU B 36 -46.39 -23.33 -18.95
C LEU B 36 -47.82 -22.75 -18.93
N PRO B 37 -48.61 -23.04 -17.87
CA PRO B 37 -49.91 -22.36 -17.73
C PRO B 37 -49.76 -20.86 -17.40
N GLU B 38 -50.63 -20.03 -17.96
CA GLU B 38 -50.60 -18.55 -17.78
C GLU B 38 -49.40 -17.99 -17.02
N LYS B 43 -38.79 -17.36 -16.83
CA LYS B 43 -37.71 -17.19 -17.81
C LYS B 43 -36.63 -18.27 -17.65
N ALA B 44 -35.68 -18.28 -18.60
CA ALA B 44 -34.61 -19.28 -18.60
C ALA B 44 -33.55 -19.00 -17.52
N GLY B 45 -33.06 -20.05 -16.87
CA GLY B 45 -32.12 -19.89 -15.75
C GLY B 45 -32.80 -19.85 -14.40
N CYS B 46 -34.13 -19.99 -14.38
CA CYS B 46 -34.87 -20.10 -13.12
C CYS B 46 -35.07 -21.55 -12.78
N ARG B 47 -35.17 -21.82 -11.49
CA ARG B 47 -35.43 -23.16 -11.02
C ARG B 47 -36.93 -23.44 -11.03
N VAL B 48 -37.28 -24.69 -11.33
CA VAL B 48 -38.66 -25.14 -11.37
C VAL B 48 -38.81 -26.50 -10.73
N ARG B 49 -40.03 -26.77 -10.28
CA ARG B 49 -40.39 -28.06 -9.71
C ARG B 49 -41.27 -28.71 -10.76
N VAL B 50 -40.83 -29.85 -11.30
CA VAL B 50 -41.56 -30.55 -12.36
C VAL B 50 -41.79 -32.01 -12.01
N PRO B 51 -42.82 -32.63 -12.60
CA PRO B 51 -42.97 -34.08 -12.45
C PRO B 51 -41.97 -34.82 -13.34
N PHE B 52 -41.44 -35.94 -12.84
CA PHE B 52 -40.53 -36.76 -13.63
C PHE B 52 -40.83 -38.22 -13.36
N GLY B 53 -41.64 -38.81 -14.25
CA GLY B 53 -42.23 -40.12 -13.99
C GLY B 53 -43.34 -39.95 -12.97
N LYS B 54 -43.33 -40.76 -11.92
CA LYS B 54 -44.33 -40.68 -10.88
C LYS B 54 -43.90 -39.77 -9.74
N GLN B 55 -42.59 -39.74 -9.51
CA GLN B 55 -41.96 -38.86 -8.51
C GLN B 55 -41.95 -37.37 -8.93
N GLU B 56 -41.40 -36.52 -8.07
CA GLU B 56 -41.19 -35.12 -8.41
C GLU B 56 -39.70 -34.76 -8.36
N ARG B 57 -39.29 -33.75 -9.14
CA ARG B 57 -37.88 -33.34 -9.29
C ARG B 57 -37.72 -31.82 -9.37
N ILE B 58 -36.53 -31.34 -9.04
CA ILE B 58 -36.17 -29.94 -9.27
C ILE B 58 -35.45 -29.89 -10.61
N GLY B 59 -35.69 -28.83 -11.37
CA GLY B 59 -35.02 -28.63 -12.66
C GLY B 59 -34.69 -27.18 -12.91
N ILE B 60 -33.91 -26.93 -13.96
CA ILE B 60 -33.59 -25.57 -14.38
C ILE B 60 -34.00 -25.33 -15.84
N VAL B 61 -34.68 -24.21 -16.07
CA VAL B 61 -35.20 -23.90 -17.39
C VAL B 61 -34.08 -23.43 -18.28
N ALA B 62 -33.73 -24.24 -19.28
CA ALA B 62 -32.68 -23.92 -20.25
C ALA B 62 -33.17 -22.97 -21.36
N ALA B 63 -34.44 -23.12 -21.76
CA ALA B 63 -35.03 -22.28 -22.81
C ALA B 63 -36.55 -22.31 -22.75
N VAL B 64 -37.20 -21.30 -23.33
CA VAL B 64 -38.67 -21.29 -23.38
C VAL B 64 -39.17 -21.25 -24.83
N LEU B 75 -46.79 -33.73 -22.76
CA LEU B 75 -46.32 -32.52 -22.08
C LEU B 75 -47.06 -32.23 -20.78
N LYS B 76 -46.48 -32.66 -19.66
CA LYS B 76 -47.03 -32.31 -18.37
C LYS B 76 -46.62 -30.89 -17.99
N PRO B 77 -47.45 -30.20 -17.21
CA PRO B 77 -47.09 -28.86 -16.77
C PRO B 77 -46.09 -28.85 -15.60
N VAL B 78 -45.61 -27.65 -15.30
CA VAL B 78 -44.57 -27.45 -14.28
C VAL B 78 -45.07 -27.74 -12.86
N LEU B 82 -39.87 -21.88 -8.94
CA LEU B 82 -39.22 -21.68 -7.64
C LEU B 82 -38.47 -20.37 -7.55
N ASP B 83 -38.21 -19.75 -8.70
CA ASP B 83 -37.46 -18.52 -8.69
C ASP B 83 -38.23 -17.41 -9.37
N ASP B 84 -38.10 -16.22 -8.81
CA ASP B 84 -38.54 -14.97 -9.42
C ASP B 84 -37.57 -14.59 -10.56
N GLU B 85 -36.27 -14.54 -10.23
CA GLU B 85 -35.21 -14.13 -11.16
C GLU B 85 -34.27 -15.30 -11.47
N PRO B 86 -33.59 -15.26 -12.63
CA PRO B 86 -32.64 -16.34 -12.95
C PRO B 86 -31.62 -16.54 -11.84
N VAL B 87 -31.33 -17.81 -11.52
CA VAL B 87 -30.42 -18.11 -10.44
C VAL B 87 -28.95 -18.05 -10.84
N PHE B 88 -28.66 -17.93 -12.12
CA PHE B 88 -27.30 -17.71 -12.59
C PHE B 88 -27.28 -16.35 -13.22
N SER B 89 -26.16 -15.65 -13.09
CA SER B 89 -26.02 -14.37 -13.77
C SER B 89 -25.95 -14.58 -15.29
N THR B 90 -26.07 -13.50 -16.03
CA THR B 90 -25.95 -13.55 -17.49
C THR B 90 -24.67 -14.26 -17.94
N THR B 91 -23.52 -13.81 -17.45
CA THR B 91 -22.21 -14.28 -17.94
C THR B 91 -21.86 -15.66 -17.40
N VAL B 92 -22.26 -15.93 -16.17
CA VAL B 92 -22.12 -17.28 -15.62
C VAL B 92 -22.99 -18.27 -16.39
N TRP B 93 -24.20 -17.87 -16.75
CA TRP B 93 -25.05 -18.72 -17.57
C TRP B 93 -24.36 -19.03 -18.89
N ARG B 94 -23.87 -17.99 -19.59
CA ARG B 94 -23.14 -18.13 -20.87
C ARG B 94 -21.95 -19.05 -20.76
N LEU B 95 -21.18 -18.85 -19.69
CA LEU B 95 -20.03 -19.70 -19.38
C LEU B 95 -20.41 -21.18 -19.27
N LEU B 96 -21.45 -21.49 -18.49
CA LEU B 96 -21.80 -22.89 -18.24
C LEU B 96 -22.28 -23.55 -19.52
N MET B 97 -22.94 -22.78 -20.37
CA MET B 97 -23.50 -23.31 -21.60
C MET B 97 -22.38 -23.71 -22.54
N TRP B 98 -21.39 -22.84 -22.65
CA TRP B 98 -20.22 -23.15 -23.44
C TRP B 98 -19.45 -24.35 -22.87
N ALA B 99 -19.25 -24.34 -21.55
CA ALA B 99 -18.45 -25.38 -20.91
C ALA B 99 -19.05 -26.79 -21.03
N ALA B 100 -20.36 -26.88 -20.89
CA ALA B 100 -21.03 -28.15 -21.05
C ALA B 100 -20.74 -28.70 -22.43
N GLU B 101 -20.80 -27.84 -23.44
CA GLU B 101 -20.61 -28.29 -24.81
C GLU B 101 -19.14 -28.56 -25.13
N TYR B 102 -18.22 -27.84 -24.49
CA TYR B 102 -16.78 -28.01 -24.73
C TYR B 102 -16.21 -29.27 -24.08
N TYR B 103 -16.71 -29.60 -22.88
CA TYR B 103 -16.33 -30.83 -22.15
C TYR B 103 -17.25 -32.01 -22.42
N HIS B 104 -18.28 -31.77 -23.23
CA HIS B 104 -19.21 -32.82 -23.65
C HIS B 104 -19.79 -33.55 -22.45
N HIS B 105 -20.34 -32.75 -21.56
CA HIS B 105 -20.98 -33.24 -20.37
C HIS B 105 -22.45 -32.77 -20.33
N PRO B 106 -23.34 -33.63 -19.84
CA PRO B 106 -24.78 -33.34 -19.77
C PRO B 106 -25.13 -31.98 -19.20
N ILE B 107 -25.94 -31.20 -19.94
CA ILE B 107 -26.29 -29.82 -19.53
C ILE B 107 -26.95 -29.82 -18.17
N GLY B 108 -27.70 -30.88 -17.88
CA GLY B 108 -28.29 -31.10 -16.57
C GLY B 108 -27.30 -31.17 -15.41
N ASP B 109 -26.38 -32.12 -15.46
CA ASP B 109 -25.34 -32.21 -14.45
C ASP B 109 -24.73 -30.82 -14.36
N VAL B 110 -23.97 -30.45 -15.40
CA VAL B 110 -23.20 -29.21 -15.41
C VAL B 110 -23.88 -28.11 -14.60
N LEU B 111 -25.14 -27.82 -14.91
CA LEU B 111 -25.86 -26.72 -14.24
C LEU B 111 -26.10 -26.95 -12.75
N PHE B 112 -26.43 -28.18 -12.38
CA PHE B 112 -26.70 -28.51 -10.98
C PHE B 112 -25.41 -28.63 -10.17
N HIS B 113 -24.33 -29.08 -10.83
CA HIS B 113 -23.00 -29.06 -10.22
C HIS B 113 -22.55 -27.65 -9.84
N ALA B 114 -23.00 -26.65 -10.59
CA ALA B 114 -22.61 -25.28 -10.35
C ALA B 114 -23.34 -24.63 -9.19
N LEU B 115 -24.43 -25.22 -8.73
CA LEU B 115 -25.25 -24.62 -7.68
C LEU B 115 -24.86 -25.10 -6.28
N PRO B 116 -25.06 -24.23 -5.27
CA PRO B 116 -25.03 -24.62 -3.85
C PRO B 116 -25.97 -25.77 -3.57
N VAL B 117 -25.61 -26.64 -2.64
CA VAL B 117 -26.40 -27.84 -2.41
C VAL B 117 -27.86 -27.45 -2.14
N MET B 118 -28.05 -26.40 -1.35
CA MET B 118 -29.38 -25.99 -0.96
C MET B 118 -30.23 -25.55 -2.13
N LEU B 119 -29.63 -24.96 -3.15
CA LEU B 119 -30.38 -24.57 -4.35
C LEU B 119 -30.71 -25.77 -5.25
N ARG B 120 -29.90 -26.83 -5.20
CA ARG B 120 -30.18 -28.07 -5.93
C ARG B 120 -31.46 -28.70 -5.45
N GLN B 121 -31.70 -28.58 -4.15
CA GLN B 121 -32.83 -29.25 -3.50
C GLN B 121 -34.11 -28.44 -3.53
N GLY B 122 -34.08 -27.27 -4.18
CA GLY B 122 -35.29 -26.50 -4.43
C GLY B 122 -35.67 -25.55 -3.30
N LYS B 123 -34.71 -25.15 -2.48
CA LYS B 123 -34.98 -24.23 -1.37
C LYS B 123 -34.89 -22.79 -1.86
N PRO B 124 -35.45 -21.83 -1.10
CA PRO B 124 -35.48 -20.46 -1.59
C PRO B 124 -34.10 -19.83 -1.67
N ALA B 125 -33.97 -18.87 -2.56
CA ALA B 125 -32.74 -18.09 -2.74
C ALA B 125 -32.70 -16.86 -1.80
N SER B 126 -32.62 -17.13 -0.48
CA SER B 126 -32.47 -16.10 0.59
C SER B 126 -31.97 -16.79 1.89
N ALA B 127 -31.40 -16.01 2.82
CA ALA B 127 -30.78 -16.51 4.05
C ALA B 127 -30.87 -15.55 5.27
N THR B 128 -31.97 -15.62 6.05
CA THR B 128 -32.00 -15.06 7.45
C THR B 128 -31.83 -16.17 8.53
N ARG B 213 4.94 -0.28 0.49
CA ARG B 213 5.50 -1.63 0.45
C ARG B 213 6.14 -2.05 -0.89
N LEU B 214 5.43 -1.83 -2.00
CA LEU B 214 5.92 -2.24 -3.33
C LEU B 214 7.30 -1.65 -3.76
N ASN B 215 8.13 -2.48 -4.40
CA ASN B 215 9.38 -2.01 -5.04
C ASN B 215 9.16 -1.61 -6.50
N THR B 216 10.23 -1.47 -7.28
CA THR B 216 10.14 -1.13 -8.72
C THR B 216 9.32 -2.10 -9.59
N GLU B 217 9.78 -3.36 -9.69
CA GLU B 217 9.11 -4.41 -10.48
C GLU B 217 7.66 -4.63 -10.07
N GLN B 218 7.43 -4.69 -8.77
CA GLN B 218 6.10 -4.89 -8.20
C GLN B 218 5.14 -3.77 -8.60
N ALA B 219 5.61 -2.53 -8.48
CA ALA B 219 4.83 -1.37 -8.85
C ALA B 219 4.45 -1.42 -10.33
N THR B 220 5.43 -1.72 -11.19
CA THR B 220 5.22 -1.75 -12.65
C THR B 220 4.10 -2.71 -13.03
N ALA B 221 4.13 -3.88 -12.40
CA ALA B 221 3.13 -4.91 -12.57
C ALA B 221 1.75 -4.38 -12.22
N VAL B 222 1.64 -3.80 -11.02
CA VAL B 222 0.37 -3.26 -10.58
C VAL B 222 -0.14 -2.23 -11.59
N GLY B 223 0.76 -1.37 -12.06
CA GLY B 223 0.41 -0.34 -13.03
C GLY B 223 -0.08 -0.92 -14.34
N ALA B 224 0.69 -1.86 -14.88
CA ALA B 224 0.39 -2.46 -16.15
C ALA B 224 -1.02 -3.05 -16.18
N ILE B 225 -1.32 -3.84 -15.16
CA ILE B 225 -2.63 -4.48 -15.01
C ILE B 225 -3.72 -3.41 -14.85
N HIS B 226 -3.41 -2.40 -14.05
CA HIS B 226 -4.37 -1.36 -13.73
C HIS B 226 -4.71 -0.50 -14.96
N SER B 227 -3.77 -0.37 -15.89
CA SER B 227 -3.98 0.42 -17.11
C SER B 227 -4.86 -0.26 -18.14
N ALA B 228 -5.09 -1.55 -17.96
CA ALA B 228 -5.99 -2.32 -18.83
C ALA B 228 -7.12 -2.97 -18.04
N ALA B 229 -7.39 -2.44 -16.84
CA ALA B 229 -8.37 -3.00 -15.91
C ALA B 229 -9.82 -2.81 -16.33
N ASP B 230 -10.05 -1.96 -17.34
CA ASP B 230 -11.40 -1.68 -17.82
CA ASP B 230 -11.39 -1.66 -17.85
C ASP B 230 -11.82 -2.60 -18.97
N ARG B 231 -11.04 -3.66 -19.19
CA ARG B 231 -11.33 -4.63 -20.24
C ARG B 231 -10.64 -5.97 -19.94
N PHE B 232 -10.81 -6.95 -20.83
CA PHE B 232 -10.14 -8.24 -20.63
C PHE B 232 -8.65 -8.13 -20.91
N SER B 233 -7.89 -8.85 -20.09
CA SER B 233 -6.45 -8.97 -20.28
C SER B 233 -5.97 -10.09 -19.35
N ALA B 234 -5.32 -11.10 -19.91
CA ALA B 234 -4.83 -12.24 -19.14
C ALA B 234 -3.35 -12.07 -18.87
N TRP B 235 -3.00 -11.84 -17.61
CA TRP B 235 -1.61 -11.65 -17.19
C TRP B 235 -1.05 -12.86 -16.45
N LEU B 236 0.15 -13.30 -16.85
CA LEU B 236 0.90 -14.26 -16.07
C LEU B 236 1.87 -13.53 -15.18
N LEU B 237 1.68 -13.67 -13.88
CA LEU B 237 2.59 -13.07 -12.91
C LEU B 237 3.62 -14.12 -12.56
N ALA B 238 4.80 -14.00 -13.15
CA ALA B 238 5.83 -15.02 -13.04
C ALA B 238 6.97 -14.56 -12.15
N GLY B 239 7.11 -15.18 -10.99
CA GLY B 239 8.18 -14.80 -10.06
C GLY B 239 8.57 -15.91 -9.12
N ILE B 240 9.87 -16.02 -8.83
CA ILE B 240 10.43 -17.06 -7.93
C ILE B 240 9.85 -16.97 -6.53
N THR B 241 9.96 -18.04 -5.74
CA THR B 241 8.98 -18.25 -4.62
C THR B 241 9.08 -17.22 -3.52
N GLY B 242 7.95 -16.54 -3.27
CA GLY B 242 7.85 -15.49 -2.26
C GLY B 242 8.62 -14.22 -2.62
N SER B 243 8.85 -13.96 -3.91
CA SER B 243 9.31 -12.64 -4.38
C SER B 243 8.13 -11.66 -4.27
N GLY B 244 7.00 -12.18 -3.78
CA GLY B 244 5.89 -11.37 -3.32
C GLY B 244 4.94 -11.17 -4.45
N LYS B 245 4.59 -12.26 -5.11
CA LYS B 245 3.54 -12.20 -6.09
C LYS B 245 2.29 -11.79 -5.31
N THR B 246 2.16 -12.34 -4.10
CA THR B 246 1.03 -12.07 -3.20
C THR B 246 0.82 -10.58 -3.01
N GLU B 247 1.93 -9.86 -2.90
CA GLU B 247 1.91 -8.41 -2.70
C GLU B 247 1.26 -7.72 -3.90
N VAL B 248 1.50 -8.23 -5.11
CA VAL B 248 0.87 -7.67 -6.31
C VAL B 248 -0.64 -7.94 -6.31
N TYR B 249 -1.04 -9.17 -6.02
CA TYR B 249 -2.46 -9.50 -5.87
C TYR B 249 -3.14 -8.47 -4.98
N LEU B 250 -2.57 -8.27 -3.79
CA LEU B 250 -3.21 -7.44 -2.78
C LEU B 250 -3.33 -5.99 -3.22
N SER B 251 -2.33 -5.49 -3.94
CA SER B 251 -2.35 -4.10 -4.42
C SER B 251 -3.30 -3.92 -5.60
N VAL B 252 -3.33 -4.88 -6.52
CA VAL B 252 -4.27 -4.83 -7.64
C VAL B 252 -5.71 -4.89 -7.10
N LEU B 253 -5.94 -5.78 -6.15
CA LEU B 253 -7.24 -5.86 -5.48
C LEU B 253 -7.63 -4.53 -4.82
N GLU B 254 -6.67 -3.85 -4.21
CA GLU B 254 -6.99 -2.56 -3.61
C GLU B 254 -7.59 -1.60 -4.64
N ASN B 255 -6.97 -1.52 -5.81
CA ASN B 255 -7.42 -0.61 -6.88
C ASN B 255 -8.79 -0.99 -7.40
N VAL B 256 -9.02 -2.30 -7.56
CA VAL B 256 -10.32 -2.82 -7.98
C VAL B 256 -11.40 -2.59 -6.91
N LEU B 257 -11.07 -2.91 -5.66
CA LEU B 257 -11.98 -2.63 -4.55
C LEU B 257 -12.24 -1.14 -4.32
N ALA B 258 -11.29 -0.28 -4.69
CA ALA B 258 -11.47 1.18 -4.59
C ALA B 258 -12.69 1.63 -5.42
N GLN B 259 -12.70 1.08 -6.64
CA GLN B 259 -13.71 1.40 -7.62
C GLN B 259 -15.04 0.80 -7.26
N GLY B 260 -15.08 0.01 -6.19
CA GLY B 260 -16.31 -0.65 -5.78
C GLY B 260 -16.71 -1.86 -6.62
N ARG B 261 -15.72 -2.59 -7.11
CA ARG B 261 -15.93 -3.82 -7.87
C ARG B 261 -15.39 -4.98 -7.06
N GLN B 262 -15.95 -6.16 -7.29
CA GLN B 262 -15.62 -7.33 -6.48
C GLN B 262 -14.43 -8.11 -7.06
N ALA B 263 -13.96 -9.12 -6.32
CA ALA B 263 -12.87 -9.97 -6.78
C ALA B 263 -12.99 -11.45 -6.36
N LEU B 264 -12.53 -12.31 -7.26
CA LEU B 264 -12.45 -13.74 -7.03
C LEU B 264 -10.98 -14.18 -6.92
N VAL B 265 -10.63 -14.80 -5.79
CA VAL B 265 -9.28 -15.28 -5.54
C VAL B 265 -9.30 -16.77 -5.38
N MET B 266 -8.65 -17.45 -6.31
CA MET B 266 -8.62 -18.88 -6.32
C MET B 266 -7.27 -19.41 -5.88
N VAL B 267 -7.33 -20.37 -4.99
CA VAL B 267 -6.15 -21.03 -4.50
C VAL B 267 -6.34 -22.52 -4.68
N PRO B 268 -5.24 -23.29 -4.66
CA PRO B 268 -5.38 -24.73 -4.63
C PRO B 268 -6.12 -25.17 -3.39
N GLU B 269 -6.70 -26.36 -3.46
CA GLU B 269 -7.47 -26.91 -2.33
C GLU B 269 -6.76 -26.80 -0.96
N ILE B 270 -5.44 -27.04 -0.96
CA ILE B 270 -4.65 -27.04 0.26
C ILE B 270 -4.07 -25.66 0.65
N GLY B 271 -4.40 -24.62 -0.12
CA GLY B 271 -3.77 -23.29 0.02
C GLY B 271 -4.53 -22.30 0.88
N LEU B 272 -5.73 -22.70 1.30
CA LEU B 272 -6.52 -21.92 2.26
C LEU B 272 -6.08 -22.17 3.69
N THR B 273 -4.86 -21.75 4.05
CA THR B 273 -4.40 -21.82 5.45
C THR B 273 -4.95 -20.63 6.22
N PRO B 274 -5.24 -20.83 7.51
CA PRO B 274 -5.74 -19.66 8.25
C PRO B 274 -4.74 -18.49 8.35
N GLN B 275 -3.44 -18.76 8.18
CA GLN B 275 -2.45 -17.69 8.05
C GLN B 275 -2.72 -16.78 6.84
N THR B 276 -2.90 -17.43 5.68
CA THR B 276 -3.19 -16.74 4.41
C THR B 276 -4.49 -15.96 4.53
N ILE B 277 -5.51 -16.60 5.08
CA ILE B 277 -6.81 -15.96 5.23
C ILE B 277 -6.69 -14.71 6.09
N ALA B 278 -6.11 -14.84 7.28
CA ALA B 278 -6.03 -13.69 8.19
C ALA B 278 -5.20 -12.58 7.58
N ARG B 279 -4.19 -12.91 6.78
CA ARG B 279 -3.39 -11.86 6.14
C ARG B 279 -4.23 -11.01 5.18
N PHE B 280 -5.17 -11.64 4.48
CA PHE B 280 -6.16 -10.96 3.64
C PHE B 280 -7.10 -10.10 4.45
N ARG B 281 -7.66 -10.72 5.47
CA ARG B 281 -8.69 -10.06 6.26
C ARG B 281 -8.11 -8.78 6.85
N GLN B 282 -6.83 -8.78 7.23
CA GLN B 282 -6.20 -7.60 7.85
C GLN B 282 -5.87 -6.53 6.86
N ARG B 283 -5.61 -6.93 5.62
CA ARG B 283 -5.25 -5.97 4.58
C ARG B 283 -6.45 -5.11 4.08
N PHE B 284 -7.62 -5.73 4.01
CA PHE B 284 -8.79 -5.09 3.43
C PHE B 284 -9.83 -4.76 4.45
N ASN B 285 -10.12 -3.47 4.59
CA ASN B 285 -11.30 -3.05 5.34
C ASN B 285 -12.53 -3.22 4.46
N ALA B 286 -12.86 -4.47 4.17
CA ALA B 286 -14.08 -4.82 3.49
C ALA B 286 -14.39 -6.26 3.79
N PRO B 287 -15.64 -6.68 3.53
CA PRO B 287 -15.97 -8.09 3.81
C PRO B 287 -15.31 -9.04 2.85
N VAL B 288 -14.71 -10.10 3.41
CA VAL B 288 -14.08 -11.13 2.63
C VAL B 288 -14.81 -12.40 2.94
N GLU B 289 -15.24 -13.11 1.91
CA GLU B 289 -15.98 -14.32 2.07
C GLU B 289 -15.13 -15.52 1.65
N VAL B 290 -14.88 -16.42 2.59
CA VAL B 290 -13.96 -17.52 2.35
C VAL B 290 -14.72 -18.84 2.29
N LEU B 291 -14.59 -19.49 1.14
CA LEU B 291 -15.23 -20.76 0.92
C LEU B 291 -14.22 -21.86 1.18
N HIS B 292 -14.00 -22.20 2.45
CA HIS B 292 -13.16 -23.36 2.78
C HIS B 292 -14.02 -24.61 2.88
N SER B 293 -13.38 -25.77 2.77
CA SER B 293 -14.12 -27.05 2.67
C SER B 293 -14.88 -27.38 3.95
N GLY B 294 -14.59 -26.64 5.02
CA GLY B 294 -15.26 -26.83 6.31
C GLY B 294 -16.58 -26.09 6.52
N LEU B 295 -17.11 -25.46 5.49
CA LEU B 295 -18.43 -24.84 5.59
C LEU B 295 -19.55 -25.86 5.32
N ASN B 296 -20.65 -25.73 6.07
CA ASN B 296 -21.88 -26.51 5.81
C ASN B 296 -22.74 -25.83 4.75
N ASP B 297 -23.88 -26.43 4.43
CA ASP B 297 -24.68 -25.97 3.29
C ASP B 297 -25.38 -24.61 3.54
N SER B 298 -25.90 -24.38 4.76
CA SER B 298 -26.46 -23.07 5.12
C SER B 298 -25.42 -21.97 4.87
N GLU B 299 -24.20 -22.20 5.37
CA GLU B 299 -23.09 -21.26 5.28
C GLU B 299 -22.67 -21.03 3.83
N ARG B 300 -22.53 -22.10 3.06
CA ARG B 300 -22.16 -21.99 1.64
C ARG B 300 -23.15 -21.17 0.87
N LEU B 301 -24.43 -21.43 1.10
CA LEU B 301 -25.48 -20.70 0.40
C LEU B 301 -25.46 -19.23 0.78
N SER B 302 -25.36 -18.96 2.08
CA SER B 302 -25.40 -17.58 2.53
C SER B 302 -24.23 -16.80 1.94
N ALA B 303 -23.07 -17.43 1.82
CA ALA B 303 -21.90 -16.80 1.23
C ALA B 303 -22.10 -16.53 -0.27
N TRP B 304 -22.74 -17.48 -0.93
CA TRP B 304 -23.06 -17.39 -2.36
C TRP B 304 -23.97 -16.17 -2.59
N LEU B 305 -24.91 -15.96 -1.67
CA LEU B 305 -25.83 -14.83 -1.75
C LEU B 305 -25.10 -13.54 -1.52
N LYS B 306 -24.20 -13.53 -0.54
CA LYS B 306 -23.45 -12.32 -0.20
C LYS B 306 -22.61 -11.83 -1.37
N ALA B 307 -22.10 -12.77 -2.15
CA ALA B 307 -21.31 -12.45 -3.35
C ALA B 307 -22.21 -11.90 -4.45
N LYS B 308 -23.34 -12.54 -4.63
CA LYS B 308 -24.33 -12.16 -5.63
C LYS B 308 -24.88 -10.74 -5.38
N ASN B 309 -25.03 -10.38 -4.11
CA ASN B 309 -25.63 -9.10 -3.69
C ASN B 309 -24.66 -7.96 -3.57
N GLY B 310 -23.37 -8.22 -3.77
CA GLY B 310 -22.35 -7.18 -3.64
C GLY B 310 -22.01 -6.80 -2.21
N GLU B 311 -22.35 -7.69 -1.28
CA GLU B 311 -22.01 -7.50 0.12
C GLU B 311 -20.58 -7.97 0.35
N ALA B 312 -20.14 -8.96 -0.42
CA ALA B 312 -18.79 -9.53 -0.27
C ALA B 312 -17.87 -8.89 -1.28
N ALA B 313 -16.89 -8.15 -0.77
CA ALA B 313 -15.93 -7.47 -1.62
C ALA B 313 -14.98 -8.47 -2.29
N ILE B 314 -14.51 -9.46 -1.53
CA ILE B 314 -13.65 -10.50 -2.07
C ILE B 314 -14.18 -11.89 -1.73
N VAL B 315 -14.09 -12.80 -2.70
CA VAL B 315 -14.41 -14.21 -2.47
C VAL B 315 -13.18 -15.04 -2.68
N ILE B 316 -12.78 -15.77 -1.65
CA ILE B 316 -11.65 -16.66 -1.74
C ILE B 316 -12.15 -18.08 -1.65
N GLY B 317 -11.77 -18.91 -2.60
CA GLY B 317 -12.13 -20.31 -2.55
C GLY B 317 -11.21 -21.16 -3.40
N THR B 318 -11.65 -22.37 -3.66
CA THR B 318 -10.88 -23.31 -4.46
C THR B 318 -11.55 -23.48 -5.82
N ARG B 319 -11.14 -24.53 -6.54
CA ARG B 319 -11.75 -24.89 -7.83
C ARG B 319 -13.23 -24.50 -8.07
N SER B 320 -14.14 -24.85 -7.16
CA SER B 320 -15.58 -24.62 -7.39
C SER B 320 -16.03 -23.18 -7.16
N SER B 321 -15.22 -22.40 -6.44
CA SER B 321 -15.45 -20.97 -6.31
C SER B 321 -15.52 -20.24 -7.66
N LEU B 322 -15.10 -20.91 -8.73
CA LEU B 322 -15.15 -20.36 -10.09
C LEU B 322 -16.56 -19.96 -10.52
N PHE B 323 -17.56 -20.71 -10.06
CA PHE B 323 -18.95 -20.50 -10.47
C PHE B 323 -19.73 -19.54 -9.55
N THR B 324 -19.10 -18.95 -8.54
CA THR B 324 -19.85 -18.05 -7.63
C THR B 324 -20.23 -16.76 -8.39
N PRO B 325 -21.47 -16.29 -8.21
CA PRO B 325 -22.01 -15.12 -8.90
C PRO B 325 -21.54 -13.82 -8.29
N PHE B 326 -21.47 -12.76 -9.11
CA PHE B 326 -20.99 -11.46 -8.63
C PHE B 326 -21.83 -10.30 -9.17
N LYS B 327 -22.18 -9.35 -8.30
CA LYS B 327 -22.90 -8.12 -8.70
C LYS B 327 -22.04 -7.30 -9.67
N ASP B 328 -20.75 -7.17 -9.39
CA ASP B 328 -19.82 -6.58 -10.36
C ASP B 328 -18.42 -7.11 -10.13
N LEU B 329 -18.08 -8.20 -10.83
CA LEU B 329 -16.76 -8.80 -10.71
C LEU B 329 -15.78 -7.96 -11.51
N GLY B 330 -14.67 -7.62 -10.87
CA GLY B 330 -13.65 -6.72 -11.45
C GLY B 330 -12.33 -7.38 -11.79
N VAL B 331 -12.00 -8.48 -11.11
CA VAL B 331 -10.73 -9.16 -11.38
C VAL B 331 -10.74 -10.59 -10.82
N ILE B 332 -9.98 -11.46 -11.48
CA ILE B 332 -9.79 -12.83 -11.01
C ILE B 332 -8.29 -13.07 -10.78
N VAL B 333 -7.98 -13.65 -9.61
CA VAL B 333 -6.62 -14.06 -9.27
C VAL B 333 -6.60 -15.57 -9.10
N ILE B 334 -5.66 -16.24 -9.78
CA ILE B 334 -5.44 -17.64 -9.51
C ILE B 334 -4.02 -17.80 -9.06
N ASP B 335 -3.83 -18.17 -7.80
CA ASP B 335 -2.50 -18.47 -7.30
C ASP B 335 -2.13 -19.92 -7.58
N GLU B 336 -0.83 -20.16 -7.79
CA GLU B 336 -0.31 -21.49 -8.09
C GLU B 336 -1.02 -22.08 -9.30
N GLU B 337 -1.17 -21.22 -10.31
CA GLU B 337 -1.84 -21.52 -11.58
C GLU B 337 -1.61 -22.96 -12.11
N HIS B 338 -0.42 -23.49 -11.85
CA HIS B 338 0.00 -24.79 -12.35
C HIS B 338 -0.60 -25.97 -11.60
N ASP B 339 -1.12 -25.73 -10.38
CA ASP B 339 -1.52 -26.82 -9.48
C ASP B 339 -2.61 -27.71 -10.09
N SER B 340 -2.52 -29.00 -9.75
CA SER B 340 -3.41 -30.06 -10.23
C SER B 340 -4.86 -29.96 -9.76
N SER B 341 -5.07 -29.41 -8.58
CA SER B 341 -6.40 -29.35 -7.99
C SER B 341 -7.38 -28.55 -8.83
N TYR B 342 -6.87 -27.75 -9.76
CA TYR B 342 -7.75 -26.96 -10.62
C TYR B 342 -8.46 -27.80 -11.69
N LYS B 343 -7.97 -29.02 -11.89
CA LYS B 343 -8.59 -29.96 -12.81
C LYS B 343 -9.40 -30.95 -11.99
N GLN B 344 -10.69 -31.00 -12.26
CA GLN B 344 -11.58 -31.88 -11.54
C GLN B 344 -11.40 -33.25 -12.15
N GLN B 345 -11.21 -34.23 -11.27
CA GLN B 345 -10.89 -35.60 -11.67
C GLN B 345 -12.10 -36.56 -11.67
N GLU B 346 -13.22 -36.16 -11.04
CA GLU B 346 -14.42 -36.98 -11.08
C GLU B 346 -15.62 -36.27 -11.68
N GLY B 347 -16.43 -37.06 -12.38
CA GLY B 347 -17.66 -36.56 -12.94
C GLY B 347 -17.31 -35.55 -14.01
N TRP B 348 -17.77 -34.32 -13.84
CA TRP B 348 -17.55 -33.29 -14.85
C TRP B 348 -16.12 -32.81 -14.76
N ARG B 349 -15.32 -33.16 -15.77
CA ARG B 349 -13.87 -32.98 -15.73
C ARG B 349 -13.44 -31.65 -16.30
N TYR B 350 -13.87 -30.58 -15.66
CA TYR B 350 -13.54 -29.24 -16.10
C TYR B 350 -12.23 -28.82 -15.49
N HIS B 351 -11.61 -27.82 -16.10
CA HIS B 351 -10.39 -27.21 -15.59
C HIS B 351 -10.70 -25.76 -15.17
N ALA B 352 -10.59 -25.50 -13.87
CA ALA B 352 -10.99 -24.22 -13.30
C ALA B 352 -10.22 -23.01 -13.82
N ARG B 353 -8.92 -23.16 -14.05
CA ARG B 353 -8.13 -22.12 -14.71
C ARG B 353 -8.64 -21.72 -16.11
N ASP B 354 -8.82 -22.69 -17.02
CA ASP B 354 -9.25 -22.32 -18.37
C ASP B 354 -10.57 -21.58 -18.27
N LEU B 355 -11.52 -22.15 -17.53
CA LEU B 355 -12.85 -21.55 -17.42
C LEU B 355 -12.81 -20.16 -16.77
N ALA B 356 -11.89 -19.96 -15.84
CA ALA B 356 -11.73 -18.65 -15.22
C ALA B 356 -11.30 -17.66 -16.28
N VAL B 357 -10.34 -18.06 -17.11
CA VAL B 357 -9.88 -17.17 -18.17
C VAL B 357 -11.01 -16.91 -19.15
N TRP B 358 -11.80 -17.94 -19.45
CA TRP B 358 -13.01 -17.78 -20.27
C TRP B 358 -13.99 -16.79 -19.63
N ARG B 359 -14.22 -16.93 -18.32
CA ARG B 359 -15.16 -16.07 -17.66
C ARG B 359 -14.67 -14.62 -17.69
N ALA B 360 -13.37 -14.44 -17.51
CA ALA B 360 -12.78 -13.12 -17.53
C ALA B 360 -12.96 -12.48 -18.90
N HIS B 361 -12.85 -13.29 -19.95
CA HIS B 361 -13.00 -12.85 -21.33
C HIS B 361 -14.42 -12.33 -21.59
N SER B 362 -15.42 -13.13 -21.25
CA SER B 362 -16.82 -12.73 -21.43
C SER B 362 -17.20 -11.52 -20.57
N GLU B 363 -16.75 -11.45 -19.32
CA GLU B 363 -17.04 -10.32 -18.43
C GLU B 363 -16.18 -9.10 -18.76
N GLN B 364 -15.16 -9.30 -19.60
CA GLN B 364 -14.22 -8.25 -19.99
C GLN B 364 -13.54 -7.62 -18.77
N ILE B 365 -12.86 -8.48 -18.00
CA ILE B 365 -12.07 -8.09 -16.82
C ILE B 365 -10.69 -8.73 -16.86
N PRO B 366 -9.73 -8.19 -16.13
CA PRO B 366 -8.43 -8.84 -16.09
C PRO B 366 -8.41 -10.08 -15.20
N ILE B 367 -7.52 -11.01 -15.54
CA ILE B 367 -7.26 -12.19 -14.71
C ILE B 367 -5.74 -12.30 -14.50
N ILE B 368 -5.34 -12.63 -13.27
CA ILE B 368 -3.93 -12.78 -12.94
C ILE B 368 -3.61 -14.21 -12.56
N LEU B 369 -2.78 -14.85 -13.38
CA LEU B 369 -2.33 -16.21 -13.13
C LEU B 369 -0.95 -16.10 -12.51
N GLY B 370 -0.81 -16.58 -11.27
CA GLY B 370 0.45 -16.50 -10.54
C GLY B 370 1.10 -17.85 -10.34
N SER B 371 2.35 -17.96 -10.76
CA SER B 371 3.11 -19.17 -10.54
C SER B 371 4.59 -18.88 -10.56
N ALA B 372 5.32 -19.59 -9.70
CA ALA B 372 6.78 -19.56 -9.73
C ALA B 372 7.31 -20.50 -10.82
N THR B 373 6.46 -21.46 -11.20
CA THR B 373 6.78 -22.50 -12.18
C THR B 373 5.59 -22.69 -13.09
N PRO B 374 5.35 -21.71 -13.97
CA PRO B 374 4.14 -21.77 -14.78
C PRO B 374 4.03 -23.05 -15.62
N ALA B 375 2.81 -23.54 -15.79
CA ALA B 375 2.59 -24.68 -16.66
C ALA B 375 3.00 -24.30 -18.10
N LEU B 376 3.41 -25.30 -18.88
CA LEU B 376 3.86 -25.05 -20.24
C LEU B 376 2.73 -24.50 -21.09
N GLU B 377 1.49 -24.89 -20.76
CA GLU B 377 0.28 -24.39 -21.44
C GLU B 377 0.24 -22.88 -21.35
N THR B 378 0.57 -22.40 -20.15
CA THR B 378 0.57 -20.98 -19.84
C THR B 378 1.71 -20.27 -20.57
N LEU B 379 2.90 -20.85 -20.55
CA LEU B 379 4.02 -20.23 -21.23
C LEU B 379 3.82 -20.14 -22.73
N HIS B 380 3.17 -21.14 -23.30
CA HIS B 380 2.88 -21.15 -24.73
C HIS B 380 1.93 -20.01 -25.04
N ASN B 381 0.91 -19.88 -24.20
CA ASN B 381 -0.04 -18.81 -24.33
C ASN B 381 0.64 -17.44 -24.23
N VAL B 382 1.72 -17.35 -23.46
CA VAL B 382 2.49 -16.11 -23.39
C VAL B 382 3.36 -15.86 -24.61
N ARG B 383 4.01 -16.90 -25.11
CA ARG B 383 4.82 -16.76 -26.32
C ARG B 383 3.94 -16.32 -27.49
N GLN B 384 2.70 -16.83 -27.54
CA GLN B 384 1.73 -16.34 -28.51
C GLN B 384 1.02 -15.18 -27.86
N GLY B 385 0.13 -14.52 -28.60
CA GLY B 385 -0.50 -13.30 -28.10
C GLY B 385 -1.43 -13.45 -26.90
N LYS B 386 -1.77 -14.69 -26.52
CA LYS B 386 -2.93 -14.97 -25.64
C LYS B 386 -2.82 -14.34 -24.23
N TYR B 387 -1.66 -14.52 -23.59
CA TYR B 387 -1.38 -13.89 -22.31
C TYR B 387 -0.14 -12.98 -22.39
N ARG B 388 0.00 -12.13 -21.39
CA ARG B 388 1.13 -11.21 -21.30
C ARG B 388 1.86 -11.51 -20.00
N GLN B 389 3.19 -11.50 -20.06
CA GLN B 389 3.99 -11.84 -18.88
C GLN B 389 4.46 -10.63 -18.10
N LEU B 390 4.24 -10.66 -16.80
CA LEU B 390 4.84 -9.72 -15.89
C LEU B 390 5.77 -10.52 -15.00
N THR B 391 7.04 -10.13 -14.95
CA THR B 391 8.07 -10.94 -14.27
C THR B 391 8.68 -10.30 -12.99
N LEU B 392 9.06 -11.12 -12.02
CA LEU B 392 9.66 -10.64 -10.75
C LEU B 392 10.94 -11.41 -10.35
N SER B 393 12.01 -10.71 -9.96
CA SER B 393 13.30 -11.36 -9.56
C SER B 393 13.59 -11.41 -8.05
N GLN B 403 23.55 -25.42 -2.75
CA GLN B 403 24.43 -26.34 -3.43
C GLN B 403 23.74 -27.69 -3.74
N GLN B 404 23.94 -28.16 -4.96
CA GLN B 404 23.39 -29.43 -5.43
C GLN B 404 24.45 -30.47 -5.82
N HIS B 405 24.14 -31.74 -5.60
CA HIS B 405 24.97 -32.86 -6.06
C HIS B 405 24.19 -33.71 -7.07
N VAL B 406 24.82 -34.05 -8.20
CA VAL B 406 24.20 -34.94 -9.21
C VAL B 406 24.97 -36.28 -9.20
N LEU B 407 24.33 -37.33 -8.71
CA LEU B 407 24.97 -38.64 -8.54
C LEU B 407 24.62 -39.61 -9.66
N ASP B 408 25.67 -40.18 -10.26
CA ASP B 408 25.53 -41.20 -11.30
C ASP B 408 25.25 -42.57 -10.67
N LEU B 409 24.07 -43.13 -10.93
CA LEU B 409 23.72 -44.44 -10.40
C LEU B 409 24.40 -45.59 -11.18
N LYS B 410 24.91 -45.31 -12.38
CA LYS B 410 25.47 -46.36 -13.23
C LYS B 410 26.53 -47.17 -12.50
N GLY B 411 26.34 -48.50 -12.48
CA GLY B 411 27.32 -49.41 -11.91
C GLY B 411 27.44 -49.38 -10.40
N GLN B 412 26.48 -48.76 -9.73
CA GLN B 412 26.54 -48.72 -8.29
C GLN B 412 25.79 -49.90 -7.62
N PRO B 413 26.27 -50.35 -6.45
CA PRO B 413 25.40 -51.17 -5.62
C PRO B 413 24.37 -50.27 -4.92
N LEU B 414 23.09 -50.50 -5.19
CA LEU B 414 22.02 -49.69 -4.61
C LEU B 414 21.34 -50.42 -3.47
N GLN B 415 20.91 -49.67 -2.47
CA GLN B 415 20.06 -50.21 -1.39
C GLN B 415 18.79 -49.40 -1.36
N ALA B 416 17.66 -50.05 -1.63
CA ALA B 416 16.37 -49.36 -1.76
C ALA B 416 16.47 -48.27 -2.82
N GLY B 417 17.15 -48.59 -3.92
CA GLY B 417 17.46 -47.59 -4.94
C GLY B 417 18.36 -46.44 -4.51
N LEU B 418 18.98 -46.53 -3.34
CA LEU B 418 19.87 -45.47 -2.84
C LEU B 418 21.35 -45.79 -3.01
N SER B 419 22.09 -44.82 -3.55
CA SER B 419 23.56 -44.95 -3.70
C SER B 419 24.30 -44.69 -2.38
N PRO B 420 25.51 -45.29 -2.24
CA PRO B 420 26.37 -45.08 -1.06
C PRO B 420 26.62 -43.61 -0.77
N ALA B 421 26.89 -42.83 -1.82
CA ALA B 421 27.21 -41.39 -1.68
C ALA B 421 26.06 -40.63 -1.04
N LEU B 422 24.83 -41.00 -1.38
CA LEU B 422 23.64 -40.40 -0.78
C LEU B 422 23.50 -40.78 0.67
N ILE B 423 23.68 -42.06 0.96
CA ILE B 423 23.52 -42.58 2.33
C ILE B 423 24.56 -41.99 3.29
N SER B 424 25.80 -41.92 2.82
CA SER B 424 26.91 -41.20 3.47
C SER B 424 26.51 -39.77 3.86
N ARG B 425 25.94 -39.04 2.90
CA ARG B 425 25.44 -37.68 3.13
C ARG B 425 24.20 -37.63 4.03
N MET B 426 23.34 -38.65 3.94
CA MET B 426 22.11 -38.78 4.78
C MET B 426 22.40 -38.90 6.28
N ARG B 427 23.34 -39.77 6.62
CA ARG B 427 23.70 -40.01 8.01
C ARG B 427 24.39 -38.81 8.65
N GLN B 428 25.23 -38.12 7.87
CA GLN B 428 25.92 -36.92 8.32
C GLN B 428 24.94 -35.76 8.57
N HIS B 429 23.73 -35.84 7.99
CA HIS B 429 22.64 -34.92 8.29
C HIS B 429 21.73 -35.42 9.42
N LEU B 430 21.54 -36.73 9.53
CA LEU B 430 20.77 -37.34 10.64
C LEU B 430 21.47 -37.29 12.04
N GLN B 431 22.78 -37.55 12.07
CA GLN B 431 23.57 -37.44 13.33
C GLN B 431 23.69 -35.99 13.82
N ALA B 432 23.59 -35.03 12.89
CA ALA B 432 23.52 -33.60 13.22
C ALA B 432 22.09 -33.20 13.67
N ASP B 433 21.22 -34.21 13.79
CA ASP B 433 19.84 -34.07 14.30
C ASP B 433 18.93 -33.23 13.41
N ASN B 434 19.12 -33.37 12.09
CA ASN B 434 18.29 -32.66 11.11
C ASN B 434 17.33 -33.64 10.41
N GLN B 435 16.34 -33.10 9.72
CA GLN B 435 15.38 -33.90 9.00
C GLN B 435 15.77 -34.00 7.52
N VAL B 436 15.35 -35.12 6.90
CA VAL B 436 15.72 -35.48 5.52
C VAL B 436 14.50 -35.91 4.68
N ILE B 437 14.22 -35.17 3.60
CA ILE B 437 13.08 -35.47 2.70
C ILE B 437 13.51 -36.20 1.42
N LEU B 438 12.83 -37.30 1.12
CA LEU B 438 13.02 -38.07 -0.11
C LEU B 438 11.78 -37.96 -1.00
N PHE B 439 11.98 -37.71 -2.29
CA PHE B 439 10.88 -37.56 -3.24
C PHE B 439 10.82 -38.66 -4.31
N LEU B 440 9.61 -39.14 -4.59
CA LEU B 440 9.37 -40.23 -5.56
C LEU B 440 8.26 -39.83 -6.56
N ASN B 441 7.88 -40.73 -7.48
CA ASN B 441 7.04 -40.36 -8.64
C ASN B 441 5.56 -40.74 -8.57
N ARG B 442 4.90 -40.35 -7.49
CA ARG B 442 3.52 -40.74 -7.25
C ARG B 442 3.45 -42.29 -7.23
N ARG B 443 2.33 -42.88 -7.61
CA ARG B 443 2.17 -44.33 -7.43
C ARG B 443 1.14 -44.89 -8.39
N GLY B 444 1.33 -46.16 -8.75
CA GLY B 444 0.44 -46.83 -9.71
C GLY B 444 0.89 -46.66 -11.16
N PHE B 445 1.76 -45.68 -11.41
CA PHE B 445 2.28 -45.42 -12.74
C PHE B 445 3.19 -46.54 -13.20
N ALA B 446 2.95 -46.99 -14.43
CA ALA B 446 3.68 -48.09 -15.03
C ALA B 446 5.10 -47.68 -15.48
N PRO B 447 6.11 -48.47 -15.07
CA PRO B 447 7.51 -48.09 -15.19
C PRO B 447 8.11 -48.33 -16.56
N ALA B 448 9.34 -47.85 -16.72
CA ALA B 448 10.17 -48.14 -17.89
C ALA B 448 11.27 -49.15 -17.53
N LEU B 449 11.97 -49.66 -18.55
CA LEU B 449 13.03 -50.64 -18.33
C LEU B 449 14.37 -50.08 -18.79
N LEU B 450 15.39 -50.12 -17.92
CA LEU B 450 16.77 -49.70 -18.29
C LEU B 450 17.89 -50.50 -17.64
N CYS B 451 19.05 -50.37 -18.24
CA CYS B 451 20.22 -51.11 -17.82
C CYS B 451 21.00 -50.32 -16.78
N HIS B 452 21.10 -50.91 -15.59
CA HIS B 452 21.77 -50.32 -14.44
C HIS B 452 23.27 -50.08 -14.64
N ASP B 453 23.89 -50.87 -15.50
CA ASP B 453 25.31 -50.72 -15.77
C ASP B 453 25.57 -49.73 -16.90
N CYS B 454 24.92 -49.94 -18.06
CA CYS B 454 25.30 -49.18 -19.28
C CYS B 454 24.35 -48.06 -19.68
N GLY B 455 23.22 -47.97 -18.99
CA GLY B 455 22.29 -46.87 -19.22
C GLY B 455 21.45 -46.97 -20.49
N TRP B 456 21.45 -48.12 -21.15
CA TRP B 456 20.50 -48.36 -22.24
C TRP B 456 19.07 -48.32 -21.67
N ILE B 457 18.12 -47.74 -22.43
CA ILE B 457 16.72 -47.71 -22.03
C ILE B 457 15.90 -48.41 -23.10
N ALA B 458 14.89 -49.15 -22.69
CA ALA B 458 14.02 -49.88 -23.61
C ALA B 458 13.20 -48.92 -24.48
N GLU B 459 13.66 -48.72 -25.72
CA GLU B 459 12.94 -47.87 -26.69
C GLU B 459 12.18 -48.69 -27.70
N CYS B 460 11.00 -48.22 -28.09
CA CYS B 460 10.25 -48.86 -29.16
C CYS B 460 10.97 -48.49 -30.46
N PRO B 461 11.37 -49.50 -31.26
CA PRO B 461 12.11 -49.22 -32.49
C PRO B 461 11.28 -48.51 -33.59
N ARG B 462 9.98 -48.76 -33.66
CA ARG B 462 9.10 -48.11 -34.65
C ARG B 462 8.87 -46.63 -34.37
N CYS B 463 8.15 -46.32 -33.29
CA CYS B 463 8.06 -44.95 -32.78
C CYS B 463 9.13 -44.75 -31.74
N ASP B 464 9.87 -43.68 -31.86
CA ASP B 464 10.90 -43.37 -30.90
C ASP B 464 10.20 -42.89 -29.62
N SER B 465 9.98 -43.86 -28.70
CA SER B 465 9.22 -43.71 -27.44
C SER B 465 9.64 -44.82 -26.52
N TYR B 466 9.53 -44.58 -25.22
CA TYR B 466 10.03 -45.54 -24.24
C TYR B 466 9.02 -46.62 -23.96
N TYR B 467 9.51 -47.87 -23.91
CA TYR B 467 8.65 -49.00 -23.60
C TYR B 467 8.27 -48.96 -22.12
N THR B 468 6.98 -49.24 -21.90
CA THR B 468 6.41 -49.41 -20.58
C THR B 468 6.52 -50.90 -20.20
N LEU B 469 7.08 -51.18 -19.03
CA LEU B 469 7.29 -52.56 -18.60
C LEU B 469 6.03 -53.18 -17.97
N HIS B 470 5.58 -54.32 -18.49
CA HIS B 470 4.48 -55.07 -17.88
C HIS B 470 4.98 -56.45 -17.44
N GLN B 471 5.80 -56.40 -16.39
CA GLN B 471 6.31 -57.57 -15.65
C GLN B 471 5.22 -58.56 -15.18
N ALA B 472 4.05 -58.02 -14.81
CA ALA B 472 2.88 -58.81 -14.40
C ALA B 472 2.27 -59.67 -15.54
N GLN B 473 2.35 -59.18 -16.78
CA GLN B 473 1.94 -59.97 -17.95
C GLN B 473 3.13 -60.53 -18.76
N HIS B 474 4.35 -60.30 -18.26
CA HIS B 474 5.58 -60.85 -18.83
C HIS B 474 5.92 -60.33 -20.25
N HIS B 475 5.67 -59.05 -20.49
CA HIS B 475 6.04 -58.40 -21.77
C HIS B 475 6.32 -56.88 -21.65
N LEU B 476 6.99 -56.32 -22.67
CA LEU B 476 7.21 -54.87 -22.82
C LEU B 476 6.24 -54.28 -23.84
N ARG B 477 5.70 -53.10 -23.56
CA ARG B 477 4.61 -52.54 -24.38
C ARG B 477 4.83 -51.05 -24.67
N CYS B 478 4.63 -50.64 -25.92
CA CYS B 478 4.62 -49.21 -26.27
C CYS B 478 3.24 -48.60 -25.97
N HIS B 479 3.19 -47.31 -25.61
CA HIS B 479 1.90 -46.63 -25.43
C HIS B 479 1.62 -45.55 -26.46
N HIS B 480 2.66 -45.01 -27.10
CA HIS B 480 2.48 -44.09 -28.23
C HIS B 480 2.08 -44.85 -29.49
N CYS B 481 2.64 -46.03 -29.71
CA CYS B 481 2.03 -46.95 -30.65
C CYS B 481 1.64 -48.17 -29.83
N ASP B 482 1.28 -49.26 -30.48
CA ASP B 482 0.91 -50.44 -29.73
C ASP B 482 1.77 -51.58 -30.23
N SER B 483 2.96 -51.73 -29.64
CA SER B 483 3.85 -52.85 -29.99
C SER B 483 4.14 -53.69 -28.77
N GLN B 484 4.19 -55.00 -29.00
CA GLN B 484 4.56 -55.95 -27.97
C GLN B 484 6.04 -56.29 -28.19
N ARG B 485 6.69 -56.72 -27.13
CA ARG B 485 8.03 -57.29 -27.21
C ARG B 485 8.28 -58.04 -25.90
N PRO B 486 9.00 -59.16 -25.96
CA PRO B 486 9.35 -59.87 -24.73
C PRO B 486 10.36 -59.12 -23.86
N ILE B 487 10.26 -59.31 -22.55
CA ILE B 487 11.24 -58.74 -21.62
C ILE B 487 12.55 -59.53 -21.80
N PRO B 488 13.63 -58.89 -22.32
CA PRO B 488 14.91 -59.62 -22.32
C PRO B 488 15.51 -59.71 -20.91
N ARG B 489 16.11 -60.83 -20.56
CA ARG B 489 16.69 -60.98 -19.22
C ARG B 489 18.13 -60.46 -19.23
N GLN B 490 18.66 -60.16 -20.41
CA GLN B 490 19.91 -59.40 -20.52
C GLN B 490 19.87 -58.25 -21.52
N CYS B 491 20.57 -57.19 -21.16
CA CYS B 491 20.69 -55.97 -21.95
C CYS B 491 21.29 -56.31 -23.31
N PRO B 492 20.68 -55.80 -24.38
CA PRO B 492 21.19 -55.98 -25.71
C PRO B 492 22.32 -55.03 -26.06
N SER B 493 22.63 -54.03 -25.23
CA SER B 493 23.74 -53.10 -25.56
C SER B 493 25.06 -53.43 -24.89
N CYS B 494 25.03 -53.93 -23.66
CA CYS B 494 26.28 -54.36 -23.04
C CYS B 494 26.23 -55.78 -22.45
N GLY B 495 25.06 -56.42 -22.43
CA GLY B 495 24.94 -57.80 -21.92
C GLY B 495 24.68 -57.98 -20.43
N SER B 496 24.65 -56.89 -19.66
CA SER B 496 24.44 -57.00 -18.23
C SER B 496 23.10 -57.66 -17.91
N THR B 497 23.11 -58.51 -16.89
CA THR B 497 21.88 -59.11 -16.39
C THR B 497 21.10 -58.11 -15.53
N HIS B 498 21.78 -57.05 -15.09
CA HIS B 498 21.20 -56.05 -14.19
C HIS B 498 20.34 -55.02 -14.99
N LEU B 499 19.19 -55.48 -15.49
CA LEU B 499 18.16 -54.58 -16.02
C LEU B 499 17.14 -54.30 -14.93
N VAL B 500 16.83 -53.02 -14.68
CA VAL B 500 15.91 -52.65 -13.59
C VAL B 500 14.68 -51.86 -14.05
N PRO B 501 13.58 -52.02 -13.33
CA PRO B 501 12.47 -51.10 -13.56
C PRO B 501 12.71 -49.76 -12.88
N VAL B 502 12.32 -48.68 -13.56
CA VAL B 502 12.45 -47.33 -13.00
C VAL B 502 11.12 -46.62 -12.85
N GLY B 503 10.92 -45.99 -11.70
CA GLY B 503 9.72 -45.22 -11.40
C GLY B 503 8.83 -45.88 -10.36
N ILE B 504 9.45 -46.43 -9.31
CA ILE B 504 8.74 -47.11 -8.23
C ILE B 504 9.14 -46.55 -6.85
N GLY B 505 8.14 -46.09 -6.11
CA GLY B 505 8.27 -45.72 -4.69
C GLY B 505 7.05 -46.05 -3.83
N THR B 506 6.07 -46.72 -4.43
CA THR B 506 4.90 -47.26 -3.74
C THR B 506 5.25 -48.57 -3.05
N GLU B 507 6.37 -49.20 -3.46
CA GLU B 507 6.85 -50.41 -2.82
C GLU B 507 7.59 -50.03 -1.57
N GLN B 508 6.82 -49.38 -0.70
CA GLN B 508 7.19 -49.15 0.67
C GLN B 508 8.71 -49.08 0.82
N LEU B 509 9.23 -47.94 0.40
CA LEU B 509 10.62 -47.61 0.59
C LEU B 509 11.03 -47.73 2.07
N GLU B 510 10.09 -47.47 3.00
CA GLU B 510 10.35 -47.63 4.46
C GLU B 510 10.72 -49.06 4.86
N GLN B 511 10.23 -50.06 4.12
CA GLN B 511 10.61 -51.45 4.34
C GLN B 511 12.10 -51.71 4.11
N ALA B 512 12.67 -50.96 3.19
CA ALA B 512 14.09 -50.99 2.96
C ALA B 512 14.85 -49.89 3.76
N LEU B 513 14.17 -48.79 4.09
CA LEU B 513 14.77 -47.70 4.90
C LEU B 513 14.85 -47.90 6.42
N ALA B 514 13.90 -48.62 7.01
CA ALA B 514 13.92 -48.84 8.46
C ALA B 514 15.21 -49.55 8.93
N PRO B 515 15.58 -50.68 8.25
CA PRO B 515 16.87 -51.35 8.56
C PRO B 515 18.11 -50.50 8.24
N LEU B 516 17.97 -49.54 7.33
CA LEU B 516 19.04 -48.64 6.97
C LEU B 516 19.12 -47.43 7.90
N LEU B 572 15.11 -38.64 -5.70
CA LEU B 572 15.36 -39.99 -6.25
C LEU B 572 14.52 -40.17 -7.50
N ASP B 573 14.86 -41.18 -8.32
CA ASP B 573 14.08 -41.50 -9.54
C ASP B 573 13.84 -40.27 -10.42
N VAL B 574 14.92 -39.62 -10.81
CA VAL B 574 14.87 -38.60 -11.87
C VAL B 574 14.57 -39.33 -13.17
N ASP B 575 15.07 -40.55 -13.26
CA ASP B 575 14.82 -41.46 -14.36
C ASP B 575 13.34 -41.66 -14.63
N GLY B 576 12.58 -41.91 -13.56
CA GLY B 576 11.12 -42.07 -13.65
C GLY B 576 10.41 -40.92 -14.35
N ALA B 577 10.92 -39.72 -14.12
CA ALA B 577 10.38 -38.54 -14.75
C ALA B 577 10.89 -38.34 -16.17
N LEU B 578 12.15 -38.69 -16.44
CA LEU B 578 12.73 -38.49 -17.78
C LEU B 578 12.37 -39.58 -18.79
N PHE B 579 12.00 -40.76 -18.32
CA PHE B 579 11.74 -41.88 -19.22
C PHE B 579 10.34 -42.45 -19.06
N SER B 580 9.42 -41.61 -18.59
CA SER B 580 8.05 -42.02 -18.41
C SER B 580 7.32 -42.18 -19.74
N ALA B 581 6.26 -42.98 -19.69
CA ALA B 581 5.32 -43.07 -20.77
C ALA B 581 4.35 -41.88 -20.75
N ASP B 582 4.24 -41.16 -19.63
CA ASP B 582 3.47 -39.91 -19.58
C ASP B 582 4.38 -38.77 -20.03
N PHE B 583 3.97 -38.07 -21.08
CA PHE B 583 4.80 -37.02 -21.72
C PHE B 583 4.92 -35.76 -20.87
N ARG B 584 4.13 -35.71 -19.80
CA ARG B 584 4.15 -34.59 -18.91
C ARG B 584 5.16 -34.74 -17.77
N SER B 585 5.74 -35.93 -17.59
CA SER B 585 6.54 -36.20 -16.37
C SER B 585 7.74 -35.29 -16.15
N ALA B 586 8.40 -34.89 -17.23
CA ALA B 586 9.52 -33.98 -17.14
C ALA B 586 9.08 -32.63 -16.55
N GLU B 587 7.97 -32.09 -17.08
CA GLU B 587 7.41 -30.81 -16.65
C GLU B 587 7.07 -30.85 -15.15
N ARG B 588 6.45 -31.95 -14.69
CA ARG B 588 6.07 -32.09 -13.28
C ARG B 588 7.30 -32.09 -12.40
N PHE B 589 8.32 -32.78 -12.87
CA PHE B 589 9.58 -32.84 -12.15
C PHE B 589 10.27 -31.49 -12.09
N ALA B 590 10.36 -30.82 -13.24
CA ALA B 590 10.96 -29.50 -13.28
C ALA B 590 10.29 -28.58 -12.25
N GLN B 591 8.97 -28.69 -12.14
CA GLN B 591 8.24 -27.87 -11.19
C GLN B 591 8.60 -28.23 -9.76
N LEU B 592 8.59 -29.51 -9.46
CA LEU B 592 8.98 -29.96 -8.13
C LEU B 592 10.39 -29.50 -7.80
N TYR B 593 11.32 -29.73 -8.73
CA TYR B 593 12.72 -29.45 -8.44
C TYR B 593 12.90 -27.96 -8.21
N THR B 594 12.27 -27.13 -9.04
CA THR B 594 12.41 -25.70 -8.88
C THR B 594 11.77 -25.21 -7.59
N GLN B 595 10.62 -25.77 -7.22
CA GLN B 595 10.05 -25.51 -5.90
C GLN B 595 11.03 -25.86 -4.76
N VAL B 596 11.45 -27.13 -4.71
CA VAL B 596 12.27 -27.65 -3.61
C VAL B 596 13.74 -27.19 -3.66
N SER B 597 14.14 -26.50 -4.73
CA SER B 597 15.47 -25.92 -4.81
C SER B 597 15.60 -24.67 -3.90
N GLY B 598 14.48 -24.04 -3.53
CA GLY B 598 14.47 -22.98 -2.54
C GLY B 598 13.55 -23.32 -1.39
N ARG B 599 13.73 -24.52 -0.81
CA ARG B 599 13.01 -24.96 0.41
C ARG B 599 13.74 -26.05 1.21
N LYS B 605 19.93 -21.58 6.84
CA LYS B 605 21.22 -22.24 6.67
C LYS B 605 21.50 -22.45 5.19
N GLN B 606 22.54 -23.21 4.88
CA GLN B 606 22.78 -23.66 3.53
C GLN B 606 22.16 -25.04 3.38
N GLY B 607 21.16 -25.13 2.50
CA GLY B 607 20.49 -26.40 2.21
C GLY B 607 21.20 -27.21 1.13
N GLU B 608 20.96 -28.53 1.15
CA GLU B 608 21.61 -29.46 0.24
C GLU B 608 20.62 -30.30 -0.57
N VAL B 609 20.78 -30.22 -1.90
CA VAL B 609 19.93 -30.94 -2.84
C VAL B 609 20.78 -32.01 -3.50
N ILE B 610 20.28 -33.25 -3.54
CA ILE B 610 20.98 -34.36 -4.17
C ILE B 610 20.08 -35.11 -5.16
N LEU B 611 20.49 -35.17 -6.43
CA LEU B 611 19.75 -35.92 -7.48
C LEU B 611 20.46 -37.22 -7.85
N GLN B 612 19.67 -38.28 -7.97
CA GLN B 612 20.17 -39.57 -8.42
C GLN B 612 19.63 -39.87 -9.81
N THR B 613 20.51 -40.19 -10.73
CA THR B 613 20.06 -40.53 -12.07
C THR B 613 21.06 -41.42 -12.79
N HIS B 614 20.56 -42.26 -13.69
CA HIS B 614 21.42 -43.06 -14.57
C HIS B 614 21.96 -42.24 -15.76
N HIS B 615 21.33 -41.09 -16.04
CA HIS B 615 21.80 -40.20 -17.10
C HIS B 615 21.99 -38.78 -16.60
N PRO B 616 23.08 -38.54 -15.87
CA PRO B 616 23.33 -37.21 -15.37
C PRO B 616 23.48 -36.18 -16.48
N GLU B 617 23.85 -36.59 -17.70
CA GLU B 617 24.13 -35.60 -18.75
C GLU B 617 23.02 -35.40 -19.79
N HIS B 618 21.84 -35.91 -19.49
CA HIS B 618 20.62 -35.61 -20.24
C HIS B 618 20.46 -34.09 -20.55
N PRO B 619 20.26 -33.72 -21.83
CA PRO B 619 20.14 -32.31 -22.24
C PRO B 619 19.11 -31.51 -21.44
N LEU B 620 17.87 -32.00 -21.43
CA LEU B 620 16.78 -31.35 -20.70
C LEU B 620 17.11 -31.18 -19.22
N LEU B 621 17.65 -32.22 -18.60
CA LEU B 621 18.05 -32.12 -17.19
C LEU B 621 19.10 -31.05 -16.99
N GLN B 622 20.04 -30.98 -17.91
CA GLN B 622 21.13 -30.06 -17.78
C GLN B 622 20.62 -28.62 -17.87
N THR B 623 19.68 -28.38 -18.79
CA THR B 623 19.05 -27.08 -18.94
C THR B 623 18.41 -26.66 -17.62
N LEU B 624 17.70 -27.59 -17.00
CA LEU B 624 17.00 -27.28 -15.78
C LEU B 624 17.97 -26.92 -14.67
N LEU B 625 19.01 -27.74 -14.52
CA LEU B 625 19.94 -27.61 -13.39
C LEU B 625 20.85 -26.37 -13.44
N TYR B 626 21.20 -25.96 -14.65
CA TYR B 626 22.17 -24.87 -14.85
C TYR B 626 21.61 -23.56 -15.39
N LYS B 627 20.48 -23.61 -16.09
CA LYS B 627 19.92 -22.40 -16.67
C LYS B 627 18.61 -21.95 -16.00
N GLY B 628 17.88 -22.90 -15.40
CA GLY B 628 16.66 -22.57 -14.63
C GLY B 628 15.37 -23.01 -15.30
N TYR B 629 14.25 -22.84 -14.60
CA TYR B 629 12.96 -23.36 -15.08
C TYR B 629 12.54 -22.80 -16.44
N ASP B 630 12.63 -21.49 -16.63
CA ASP B 630 12.08 -20.91 -17.84
C ASP B 630 12.87 -21.37 -19.06
N ALA B 631 14.17 -21.62 -18.89
CA ALA B 631 15.02 -22.14 -19.99
C ALA B 631 14.65 -23.58 -20.32
N PHE B 632 14.41 -24.38 -19.28
CA PHE B 632 13.89 -25.74 -19.42
C PHE B 632 12.58 -25.74 -20.19
N ALA B 633 11.69 -24.83 -19.80
CA ALA B 633 10.38 -24.74 -20.40
C ALA B 633 10.45 -24.40 -21.87
N GLU B 634 11.30 -23.44 -22.22
CA GLU B 634 11.39 -23.02 -23.60
C GLU B 634 11.89 -24.16 -24.46
N GLN B 635 12.84 -24.94 -23.94
CA GLN B 635 13.36 -26.11 -24.65
C GLN B 635 12.38 -27.30 -24.66
N ALA B 636 11.75 -27.55 -23.52
CA ALA B 636 10.72 -28.59 -23.43
C ALA B 636 9.54 -28.30 -24.38
N LEU B 637 9.17 -27.03 -24.47
CA LEU B 637 8.07 -26.58 -25.31
C LEU B 637 8.34 -26.75 -26.81
N ALA B 638 9.57 -26.48 -27.24
CA ALA B 638 9.93 -26.74 -28.62
C ALA B 638 9.97 -28.23 -28.93
N GLU B 639 10.26 -29.06 -27.93
CA GLU B 639 10.24 -30.50 -28.13
C GLU B 639 8.81 -31.03 -28.21
N ARG B 640 7.88 -30.34 -27.57
CA ARG B 640 6.46 -30.71 -27.65
C ARG B 640 5.91 -30.44 -29.05
N GLN B 641 6.40 -29.37 -29.68
CA GLN B 641 6.05 -29.03 -31.05
C GLN B 641 6.55 -30.08 -32.03
N THR B 642 7.80 -30.50 -31.82
CA THR B 642 8.40 -31.62 -32.56
C THR B 642 7.52 -32.86 -32.49
N MET B 643 7.07 -33.23 -31.30
CA MET B 643 6.25 -34.44 -31.17
C MET B 643 4.76 -34.21 -31.36
N GLN B 644 4.36 -32.99 -31.70
CA GLN B 644 2.95 -32.60 -31.82
C GLN B 644 2.10 -33.00 -30.59
N LEU B 645 2.58 -32.56 -29.44
CA LEU B 645 1.91 -32.78 -28.18
C LEU B 645 1.40 -31.48 -27.63
N PRO B 646 0.45 -31.56 -26.71
CA PRO B 646 -0.01 -30.37 -26.00
C PRO B 646 1.12 -29.58 -25.36
N PRO B 647 0.99 -28.25 -25.33
CA PRO B 647 -0.12 -27.43 -25.83
C PRO B 647 -0.07 -27.08 -27.32
N TRP B 648 0.81 -27.74 -28.10
CA TRP B 648 0.83 -27.53 -29.55
C TRP B 648 -0.34 -28.21 -30.27
N THR B 649 -0.88 -29.26 -29.65
CA THR B 649 -2.11 -29.88 -30.10
C THR B 649 -3.10 -29.93 -28.95
N SER B 650 -4.35 -30.26 -29.27
CA SER B 650 -5.35 -30.55 -28.25
C SER B 650 -5.48 -32.05 -28.13
N HIS B 651 -5.96 -32.48 -26.97
CA HIS B 651 -6.12 -33.89 -26.68
C HIS B 651 -7.48 -34.13 -26.11
N VAL B 652 -7.98 -35.35 -26.29
CA VAL B 652 -9.23 -35.77 -25.66
C VAL B 652 -9.13 -37.25 -25.32
N LEU B 653 -9.31 -37.59 -24.04
CA LEU B 653 -9.37 -39.00 -23.63
C LEU B 653 -10.80 -39.48 -23.45
N ILE B 654 -10.97 -40.78 -23.63
CA ILE B 654 -12.25 -41.43 -23.46
C ILE B 654 -12.00 -42.72 -22.70
N ARG B 655 -12.49 -42.82 -21.46
CA ARG B 655 -12.18 -43.96 -20.58
C ARG B 655 -13.27 -45.03 -20.52
N ALA B 656 -12.86 -46.27 -20.31
CA ALA B 656 -13.77 -47.40 -20.22
C ALA B 656 -13.27 -48.36 -19.16
N GLU B 657 -14.19 -48.76 -18.29
CA GLU B 657 -13.89 -49.74 -17.25
C GLU B 657 -14.95 -50.89 -17.36
N ASP B 658 -14.48 -52.14 -17.47
CA ASP B 658 -15.32 -53.37 -17.66
C ASP B 658 -14.66 -54.57 -16.92
N HIS B 659 -15.38 -55.17 -15.96
CA HIS B 659 -14.92 -56.36 -15.19
C HIS B 659 -14.39 -57.45 -16.09
N ASN B 660 -15.02 -57.53 -17.25
CA ASN B 660 -14.65 -58.44 -18.29
C ASN B 660 -13.18 -58.33 -18.72
N ASN B 661 -12.56 -57.16 -18.51
CA ASN B 661 -11.20 -56.87 -18.96
C ASN B 661 -11.05 -56.77 -20.48
N GLN B 662 -11.69 -57.69 -21.18
CA GLN B 662 -11.76 -57.67 -22.62
C GLN B 662 -13.11 -57.05 -23.07
N GLN B 663 -13.52 -57.23 -24.32
CA GLN B 663 -14.82 -56.71 -24.84
C GLN B 663 -15.06 -55.17 -24.73
N ALA B 664 -14.83 -54.58 -23.55
CA ALA B 664 -14.88 -53.10 -23.38
C ALA B 664 -13.97 -52.35 -24.34
N PRO B 665 -12.75 -52.87 -24.60
CA PRO B 665 -11.95 -52.35 -25.71
C PRO B 665 -12.60 -52.46 -27.11
N LEU B 666 -13.41 -53.49 -27.35
CA LEU B 666 -14.27 -53.55 -28.57
C LEU B 666 -15.23 -52.34 -28.63
N PHE B 667 -15.85 -51.97 -27.50
CA PHE B 667 -16.66 -50.76 -27.42
C PHE B 667 -15.94 -49.53 -27.96
N LEU B 668 -14.71 -49.32 -27.50
CA LEU B 668 -13.87 -48.17 -27.94
C LEU B 668 -13.45 -48.30 -29.40
N GLN B 669 -13.35 -49.55 -29.87
CA GLN B 669 -13.00 -49.85 -31.25
C GLN B 669 -14.16 -49.46 -32.12
N GLN B 670 -15.39 -49.69 -31.64
CA GLN B 670 -16.63 -49.25 -32.31
C GLN B 670 -16.65 -47.73 -32.39
N LEU B 671 -16.37 -47.10 -31.26
CA LEU B 671 -16.33 -45.65 -31.15
C LEU B 671 -15.20 -45.03 -31.96
N ARG B 672 -14.09 -45.76 -32.08
CA ARG B 672 -12.96 -45.36 -32.93
C ARG B 672 -13.38 -45.23 -34.41
N ASN B 673 -14.08 -46.25 -34.93
CA ASN B 673 -14.49 -46.30 -36.34
C ASN B 673 -15.59 -45.32 -36.61
N LEU B 674 -16.41 -45.08 -35.60
CA LEU B 674 -17.46 -44.10 -35.70
C LEU B 674 -16.89 -42.66 -35.75
N LEU B 675 -15.65 -42.51 -35.27
CA LEU B 675 -14.90 -41.25 -35.31
C LEU B 675 -14.13 -41.06 -36.61
N GLN B 676 -13.89 -42.16 -37.32
CA GLN B 676 -13.07 -42.13 -38.51
C GLN B 676 -13.79 -41.36 -39.59
N ALA B 677 -14.98 -41.85 -39.95
CA ALA B 677 -15.69 -41.36 -41.12
C ALA B 677 -16.36 -40.00 -40.89
N SER B 678 -16.67 -39.68 -39.64
CA SER B 678 -17.31 -38.40 -39.30
C SER B 678 -16.66 -37.28 -40.09
N PRO B 679 -17.48 -36.44 -40.76
CA PRO B 679 -16.80 -35.44 -41.58
C PRO B 679 -15.86 -34.64 -40.68
N LEU B 680 -14.68 -34.36 -41.20
CA LEU B 680 -13.51 -33.88 -40.43
C LEU B 680 -12.63 -35.06 -39.99
N ALA B 681 -11.90 -35.63 -40.94
CA ALA B 681 -10.75 -36.47 -40.62
C ALA B 681 -9.51 -35.66 -40.93
N ASP B 682 -9.47 -34.99 -42.09
CA ASP B 682 -8.34 -34.10 -42.52
C ASP B 682 -6.93 -34.71 -42.37
N GLU B 683 -6.89 -36.05 -42.21
CA GLU B 683 -5.67 -36.82 -41.92
C GLU B 683 -4.80 -36.25 -40.79
N LYS B 684 -5.23 -35.13 -40.22
CA LYS B 684 -4.56 -34.51 -39.08
C LYS B 684 -5.07 -35.13 -37.81
N LEU B 685 -6.38 -35.38 -37.73
CA LEU B 685 -6.98 -36.11 -36.59
C LEU B 685 -6.29 -37.44 -36.45
N TRP B 686 -5.72 -37.64 -35.28
CA TRP B 686 -4.86 -38.74 -35.05
C TRP B 686 -5.38 -39.40 -33.80
N VAL B 687 -5.72 -40.67 -33.93
CA VAL B 687 -6.37 -41.40 -32.88
C VAL B 687 -5.50 -42.57 -32.45
N LEU B 688 -5.30 -42.70 -31.14
CA LEU B 688 -4.74 -43.93 -30.56
C LEU B 688 -5.84 -44.92 -30.31
N GLY B 689 -5.82 -46.04 -31.05
CA GLY B 689 -6.77 -47.14 -30.86
C GLY B 689 -6.71 -47.66 -29.44
N PRO B 690 -7.70 -48.49 -29.04
CA PRO B 690 -7.85 -48.84 -27.63
C PRO B 690 -6.55 -49.34 -27.05
N VAL B 691 -6.02 -48.60 -26.08
CA VAL B 691 -4.78 -48.95 -25.40
C VAL B 691 -5.11 -48.98 -23.90
N PRO B 692 -4.57 -49.98 -23.17
CA PRO B 692 -4.82 -50.07 -21.74
C PRO B 692 -4.29 -48.84 -21.03
N ALA B 693 -4.98 -48.41 -19.97
CA ALA B 693 -4.60 -47.20 -19.25
C ALA B 693 -3.22 -47.36 -18.63
N LEU B 694 -2.70 -46.28 -18.05
CA LEU B 694 -1.54 -46.42 -17.22
C LEU B 694 -1.93 -47.05 -15.86
N ALA B 695 -2.93 -47.96 -15.89
CA ALA B 695 -3.34 -48.76 -14.71
C ALA B 695 -3.98 -50.13 -15.06
N ARG B 703 -9.55 -51.04 -16.99
CA ARG B 703 -9.26 -49.69 -17.52
C ARG B 703 -8.70 -49.71 -18.93
N TRP B 704 -9.52 -49.25 -19.86
CA TRP B 704 -9.07 -48.92 -21.21
C TRP B 704 -9.39 -47.47 -21.55
N GLN B 705 -8.81 -46.99 -22.64
CA GLN B 705 -8.96 -45.60 -23.05
C GLN B 705 -8.58 -45.46 -24.51
N ILE B 706 -9.00 -44.36 -25.14
CA ILE B 706 -8.48 -43.96 -26.46
C ILE B 706 -8.17 -42.49 -26.42
N LEU B 707 -7.20 -42.09 -27.24
CA LEU B 707 -6.71 -40.70 -27.23
C LEU B 707 -6.97 -40.07 -28.59
N LEU B 708 -7.43 -38.82 -28.61
CA LEU B 708 -7.70 -38.11 -29.88
C LEU B 708 -6.84 -36.85 -29.94
N GLN B 709 -6.25 -36.56 -31.09
CA GLN B 709 -5.23 -35.51 -31.18
C GLN B 709 -5.42 -34.71 -32.45
N HIS B 710 -5.26 -33.39 -32.38
CA HIS B 710 -5.58 -32.51 -33.50
C HIS B 710 -5.03 -31.12 -33.20
N PRO B 711 -4.40 -30.46 -34.19
CA PRO B 711 -3.87 -29.12 -33.96
C PRO B 711 -4.94 -28.08 -33.59
N SER B 712 -6.10 -28.17 -34.24
CA SER B 712 -7.25 -27.33 -33.92
C SER B 712 -8.14 -27.81 -32.75
N ARG B 713 -8.30 -26.93 -31.77
CA ARG B 713 -9.17 -27.16 -30.61
C ARG B 713 -10.63 -27.19 -31.05
N VAL B 714 -11.02 -26.24 -31.88
CA VAL B 714 -12.41 -26.11 -32.25
C VAL B 714 -12.84 -27.27 -33.14
N ARG B 715 -11.98 -27.69 -34.07
CA ARG B 715 -12.31 -28.82 -34.97
C ARG B 715 -12.46 -30.12 -34.19
N LEU B 716 -11.55 -30.39 -33.27
CA LEU B 716 -11.69 -31.55 -32.40
C LEU B 716 -12.94 -31.53 -31.48
N GLN B 717 -13.42 -30.35 -31.05
CA GLN B 717 -14.69 -30.26 -30.28
C GLN B 717 -15.90 -30.65 -31.14
N HIS B 718 -15.96 -30.16 -32.38
CA HIS B 718 -17.02 -30.55 -33.32
C HIS B 718 -17.01 -32.04 -33.65
N ILE B 719 -15.80 -32.61 -33.82
CA ILE B 719 -15.68 -34.00 -34.23
C ILE B 719 -16.25 -34.86 -33.12
N VAL B 720 -15.99 -34.47 -31.87
CA VAL B 720 -16.49 -35.22 -30.73
C VAL B 720 -18.01 -34.97 -30.59
N SER B 721 -18.44 -33.74 -30.85
CA SER B 721 -19.85 -33.38 -30.76
C SER B 721 -20.73 -34.22 -31.70
N GLY B 722 -20.28 -34.38 -32.95
CA GLY B 722 -21.01 -35.17 -33.96
C GLY B 722 -21.04 -36.68 -33.74
N THR B 723 -19.87 -37.24 -33.46
CA THR B 723 -19.74 -38.68 -33.21
C THR B 723 -20.40 -39.16 -31.86
N LEU B 724 -20.54 -38.24 -30.92
CA LEU B 724 -21.18 -38.51 -29.65
C LEU B 724 -22.69 -38.42 -29.79
N ALA B 725 -23.14 -37.56 -30.70
CA ALA B 725 -24.55 -37.37 -30.94
C ALA B 725 -25.23 -38.71 -31.17
N LEU B 726 -24.54 -39.63 -31.85
CA LEU B 726 -25.11 -40.94 -32.19
C LEU B 726 -24.26 -42.06 -31.56
N ILE B 727 -24.88 -42.82 -30.66
CA ILE B 727 -24.18 -43.93 -29.95
C ILE B 727 -25.17 -44.98 -29.43
N ASN B 728 -24.74 -46.24 -29.34
CA ASN B 728 -25.70 -47.33 -29.08
C ASN B 728 -25.15 -48.63 -28.48
N THR B 729 -25.58 -48.96 -27.26
CA THR B 729 -25.20 -50.20 -26.56
C THR B 729 -25.46 -50.10 -25.04
N LEU B 730 -24.63 -49.41 -24.26
CA LEU B 730 -23.63 -48.46 -24.73
C LEU B 730 -22.24 -49.04 -24.63
N VAL B 736 -21.51 -49.84 -19.97
CA VAL B 736 -20.07 -49.98 -19.79
C VAL B 736 -19.38 -48.65 -19.42
N LYS B 737 -19.56 -48.20 -18.17
CA LYS B 737 -18.79 -47.09 -17.61
C LYS B 737 -18.62 -45.85 -18.50
N TRP B 738 -17.39 -45.61 -18.94
CA TRP B 738 -17.11 -44.72 -20.05
C TRP B 738 -17.42 -43.25 -19.70
N VAL B 739 -16.34 -42.47 -19.75
CA VAL B 739 -16.34 -41.02 -19.46
C VAL B 739 -15.42 -40.25 -20.42
N LEU B 740 -15.63 -38.94 -20.51
CA LEU B 740 -15.07 -38.10 -21.57
C LEU B 740 -14.27 -36.96 -20.95
N ASP B 741 -12.98 -36.90 -21.27
CA ASP B 741 -12.06 -35.98 -20.64
C ASP B 741 -11.35 -35.09 -21.66
N VAL B 742 -11.79 -33.84 -21.76
CA VAL B 742 -11.19 -32.91 -22.71
C VAL B 742 -9.99 -32.22 -22.06
N ASP B 743 -8.90 -32.07 -22.80
CA ASP B 743 -7.66 -31.46 -22.30
C ASP B 743 -7.26 -32.10 -20.98
N PRO B 744 -6.94 -33.38 -21.01
CA PRO B 744 -6.66 -34.13 -19.79
C PRO B 744 -5.29 -33.82 -19.25
N ILE B 745 -5.11 -33.90 -17.94
CA ILE B 745 -3.75 -33.82 -17.35
C ILE B 745 -3.11 -35.20 -17.21
N GLU B 746 -3.85 -36.24 -17.63
CA GLU B 746 -3.40 -37.65 -17.64
C GLU B 746 -3.35 -38.26 -16.25
N GLY B 747 -2.49 -37.69 -15.40
CA GLY B 747 -2.27 -38.20 -14.06
C GLY B 747 -3.32 -37.76 -13.05
N ASP C 6 32.10 3.65 12.27
CA ASP C 6 31.33 4.93 12.07
C ASP C 6 30.58 5.42 13.33
N ASP C 7 30.21 6.70 13.30
CA ASP C 7 29.63 7.45 14.44
C ASP C 7 28.79 6.64 15.47
N ILE C 8 28.79 7.11 16.72
CA ILE C 8 28.27 6.41 17.94
C ILE C 8 29.37 5.52 18.58
N PRO C 9 30.15 6.07 19.56
CA PRO C 9 31.14 5.21 20.19
C PRO C 9 30.52 4.35 21.28
N PHE C 10 29.48 4.86 21.95
CA PHE C 10 28.65 4.07 22.89
C PHE C 10 27.56 4.93 23.50
N VAL D 19 35.85 31.35 42.35
CA VAL D 19 34.36 31.15 42.26
C VAL D 19 33.96 29.73 41.86
N ALA D 20 33.06 29.15 42.66
CA ALA D 20 32.66 27.76 42.55
C ALA D 20 31.25 27.61 41.97
N HIS D 21 31.15 26.80 40.91
CA HIS D 21 29.88 26.41 40.30
C HIS D 21 29.31 25.21 41.08
N VAL D 22 28.29 25.48 41.90
CA VAL D 22 27.76 24.48 42.82
C VAL D 22 26.44 23.94 42.28
N ALA D 23 26.27 22.62 42.37
CA ALA D 23 25.01 21.97 41.99
C ALA D 23 24.11 21.71 43.20
N LEU D 24 22.85 22.08 43.06
CA LEU D 24 21.89 21.96 44.15
C LEU D 24 20.80 20.99 43.75
N PRO D 25 20.23 20.24 44.72
CA PRO D 25 19.20 19.23 44.52
C PRO D 25 17.84 19.81 44.07
N VAL D 26 17.84 20.42 42.89
CA VAL D 26 16.65 21.13 42.37
C VAL D 26 16.33 20.71 40.94
N PRO D 27 15.05 20.74 40.57
CA PRO D 27 14.63 20.33 39.23
C PRO D 27 15.00 21.30 38.08
N LEU D 28 16.06 22.08 38.25
CA LEU D 28 16.47 23.04 37.25
C LEU D 28 17.86 22.65 36.74
N PRO D 29 18.03 22.62 35.40
CA PRO D 29 19.21 22.01 34.78
C PRO D 29 20.48 22.86 34.80
N ARG D 30 20.81 23.42 35.96
CA ARG D 30 21.85 24.44 36.04
C ARG D 30 22.58 24.48 37.38
N THR D 31 23.70 25.17 37.36
CA THR D 31 24.60 25.25 38.48
C THR D 31 24.50 26.64 39.02
N PHE D 32 24.61 26.79 40.34
CA PHE D 32 24.52 28.09 40.99
C PHE D 32 25.91 28.49 41.45
N ASP D 33 26.26 29.76 41.27
CA ASP D 33 27.62 30.20 41.61
C ASP D 33 27.76 30.76 43.05
N TYR D 34 28.96 30.58 43.63
CA TYR D 34 29.26 31.07 44.96
C TYR D 34 30.76 31.41 45.11
N LEU D 35 31.10 32.21 46.13
CA LEU D 35 32.47 32.69 46.33
C LEU D 35 33.28 31.81 47.28
N LEU D 36 34.58 31.70 47.00
CA LEU D 36 35.52 30.94 47.85
C LEU D 36 36.54 31.80 48.60
N PRO D 37 36.30 32.09 49.90
CA PRO D 37 37.35 32.76 50.67
C PRO D 37 38.54 31.84 50.91
N GLU D 38 39.75 32.33 50.61
CA GLU D 38 41.03 31.75 51.10
C GLU D 38 40.80 30.67 52.15
N LYS D 43 37.69 21.67 46.30
CA LYS D 43 37.73 21.09 44.95
C LYS D 43 36.37 20.58 44.49
N ALA D 44 36.25 20.21 43.21
CA ALA D 44 35.00 19.73 42.63
C ALA D 44 34.66 18.31 43.06
N GLY D 45 33.38 18.07 43.34
CA GLY D 45 32.95 16.76 43.83
C GLY D 45 32.87 16.72 45.33
N CYS D 46 33.20 17.84 45.99
CA CYS D 46 33.07 17.94 47.43
C CYS D 46 31.74 18.56 47.77
N ARG D 47 31.23 18.21 48.95
CA ARG D 47 29.99 18.78 49.43
C ARG D 47 30.27 20.10 50.12
N VAL D 48 29.33 21.03 49.98
CA VAL D 48 29.42 22.35 50.61
C VAL D 48 28.06 22.77 51.17
N ARG D 49 28.12 23.68 52.14
CA ARG D 49 26.94 24.25 52.78
C ARG D 49 26.90 25.67 52.27
N VAL D 50 25.84 26.00 51.54
CA VAL D 50 25.71 27.34 50.93
C VAL D 50 24.37 27.99 51.27
N PRO D 51 24.32 29.32 51.24
CA PRO D 51 23.03 29.98 51.37
C PRO D 51 22.23 29.85 50.07
N PHE D 52 20.93 29.70 50.18
CA PHE D 52 20.06 29.64 49.02
C PHE D 52 18.78 30.41 49.31
N GLY D 53 18.75 31.66 48.89
CA GLY D 53 17.70 32.57 49.31
C GLY D 53 17.98 32.98 50.75
N LYS D 54 16.97 32.86 51.61
CA LYS D 54 17.14 33.21 53.01
C LYS D 54 17.55 32.01 53.85
N GLN D 55 17.08 30.84 53.43
CA GLN D 55 17.42 29.55 54.05
C GLN D 55 18.86 29.10 53.77
N GLU D 56 19.23 27.92 54.28
CA GLU D 56 20.51 27.30 53.96
C GLU D 56 20.30 25.93 53.29
N ARG D 57 21.26 25.50 52.47
CA ARG D 57 21.17 24.24 51.69
C ARG D 57 22.51 23.51 51.60
N ILE D 58 22.45 22.21 51.33
CA ILE D 58 23.67 21.45 51.01
C ILE D 58 23.79 21.42 49.51
N GLY D 59 25.02 21.50 49.02
CA GLY D 59 25.27 21.42 47.57
C GLY D 59 26.54 20.64 47.25
N ILE D 60 26.76 20.37 45.95
CA ILE D 60 28.00 19.73 45.48
C ILE D 60 28.68 20.57 44.42
N VAL D 61 29.99 20.75 44.59
CA VAL D 61 30.76 21.60 43.71
C VAL D 61 31.02 20.88 42.41
N ALA D 62 30.40 21.36 41.34
CA ALA D 62 30.54 20.79 40.00
C ALA D 62 31.82 21.26 39.31
N ALA D 63 32.21 22.50 39.58
CA ALA D 63 33.42 23.07 38.98
C ALA D 63 33.92 24.27 39.80
N VAL D 64 35.20 24.59 39.67
CA VAL D 64 35.74 25.79 40.30
C VAL D 64 36.32 26.78 39.27
N LEU D 75 27.08 37.23 44.24
CA LEU D 75 27.91 36.11 44.70
C LEU D 75 28.13 36.03 46.21
N LYS D 76 27.28 35.29 46.88
CA LYS D 76 27.49 35.03 48.29
C LYS D 76 28.54 33.94 48.47
N PRO D 77 29.27 34.00 49.58
CA PRO D 77 30.23 32.93 49.83
C PRO D 77 29.61 31.65 50.35
N VAL D 78 30.44 30.63 50.41
CA VAL D 78 30.05 29.30 50.86
C VAL D 78 29.72 29.41 52.39
N ALA D 79 29.95 28.34 53.13
CA ALA D 79 29.79 28.30 54.57
C ALA D 79 30.60 27.12 55.15
N GLU D 80 31.37 26.42 54.32
CA GLU D 80 31.79 25.01 54.58
C GLU D 80 32.29 24.36 53.28
N LEU D 82 32.18 20.99 53.66
CA LEU D 82 31.85 19.74 54.35
C LEU D 82 32.75 18.56 54.08
N ASP D 83 33.49 18.59 52.97
CA ASP D 83 34.35 17.47 52.66
C ASP D 83 35.78 17.92 52.49
N ASP D 84 36.69 17.08 52.97
CA ASP D 84 38.12 17.17 52.70
C ASP D 84 38.41 16.72 51.24
N GLU D 85 37.93 15.52 50.90
CA GLU D 85 38.15 14.89 49.59
C GLU D 85 36.84 14.73 48.80
N PRO D 86 36.92 14.66 47.45
CA PRO D 86 35.68 14.50 46.67
C PRO D 86 34.88 13.29 47.15
N VAL D 87 33.57 13.45 47.24
CA VAL D 87 32.72 12.38 47.73
C VAL D 87 32.36 11.34 46.64
N PHE D 88 32.68 11.62 45.38
CA PHE D 88 32.52 10.64 44.29
C PHE D 88 33.90 10.31 43.77
N SER D 89 34.09 9.06 43.37
CA SER D 89 35.36 8.67 42.74
C SER D 89 35.50 9.36 41.36
N THR D 90 36.70 9.28 40.79
CA THR D 90 36.95 9.81 39.45
C THR D 90 35.96 9.28 38.38
N THR D 91 35.84 7.95 38.29
CA THR D 91 35.02 7.31 37.24
C THR D 91 33.53 7.38 37.50
N VAL D 92 33.14 7.29 38.77
CA VAL D 92 31.77 7.54 39.15
C VAL D 92 31.37 8.99 38.85
N TRP D 93 32.25 9.94 39.13
CA TRP D 93 31.98 11.34 38.78
C TRP D 93 31.75 11.49 37.27
N ARG D 94 32.67 10.95 36.47
CA ARG D 94 32.55 10.97 35.00
C ARG D 94 31.25 10.36 34.51
N LEU D 95 30.91 9.21 35.08
CA LEU D 95 29.68 8.49 34.76
C LEU D 95 28.45 9.38 35.00
N LEU D 96 28.37 10.01 36.16
CA LEU D 96 27.20 10.79 36.50
C LEU D 96 27.06 12.00 35.59
N MET D 97 28.19 12.57 35.20
CA MET D 97 28.19 13.76 34.35
C MET D 97 27.65 13.41 32.98
N TRP D 98 28.10 12.29 32.44
CA TRP D 98 27.58 11.80 31.17
C TRP D 98 26.08 11.43 31.25
N ALA D 99 25.71 10.70 32.30
CA ALA D 99 24.34 10.25 32.47
C ALA D 99 23.34 11.40 32.60
N ALA D 100 23.70 12.44 33.33
CA ALA D 100 22.83 13.59 33.48
C ALA D 100 22.54 14.16 32.11
N GLU D 101 23.57 14.26 31.27
CA GLU D 101 23.42 14.86 29.93
C GLU D 101 22.73 13.94 28.94
N TYR D 102 22.91 12.63 29.10
CA TYR D 102 22.26 11.65 28.23
C TYR D 102 20.76 11.50 28.51
N TYR D 103 20.38 11.53 29.80
CA TYR D 103 18.98 11.48 30.23
C TYR D 103 18.35 12.87 30.39
N HIS D 104 19.13 13.92 30.14
CA HIS D 104 18.67 15.29 30.21
C HIS D 104 17.94 15.57 31.52
N HIS D 105 18.60 15.22 32.62
CA HIS D 105 18.06 15.39 33.94
C HIS D 105 18.97 16.32 34.71
N PRO D 106 18.39 17.20 35.54
CA PRO D 106 19.14 18.23 36.27
C PRO D 106 20.39 17.69 36.95
N ILE D 107 21.55 18.33 36.74
CA ILE D 107 22.84 17.86 37.28
C ILE D 107 22.76 17.82 38.79
N GLY D 108 22.00 18.75 39.36
CA GLY D 108 21.69 18.74 40.79
C GLY D 108 21.01 17.48 41.35
N ASP D 109 19.83 17.16 40.82
CA ASP D 109 19.14 15.94 41.21
C ASP D 109 20.17 14.84 41.02
N VAL D 110 20.48 14.51 39.77
CA VAL D 110 21.33 13.37 39.43
C VAL D 110 22.39 13.11 40.50
N LEU D 111 23.16 14.13 40.85
CA LEU D 111 24.24 13.96 41.81
C LEU D 111 23.77 13.61 43.22
N PHE D 112 22.68 14.24 43.65
CA PHE D 112 22.15 13.99 44.98
C PHE D 112 21.39 12.67 45.07
N HIS D 113 20.76 12.27 43.97
CA HIS D 113 20.18 10.95 43.87
C HIS D 113 21.22 9.83 44.03
N ALA D 114 22.46 10.09 43.61
CA ALA D 114 23.53 9.10 43.69
C ALA D 114 24.13 8.92 45.09
N LEU D 115 23.82 9.83 46.01
CA LEU D 115 24.38 9.78 47.35
C LEU D 115 23.46 9.06 48.35
N PRO D 116 24.07 8.37 49.35
CA PRO D 116 23.36 7.94 50.57
C PRO D 116 22.57 9.06 51.22
N VAL D 117 21.44 8.73 51.81
CA VAL D 117 20.58 9.77 52.35
C VAL D 117 21.37 10.68 53.32
N MET D 118 22.20 10.07 54.14
CA MET D 118 22.96 10.81 55.14
C MET D 118 23.93 11.80 54.54
N LEU D 119 24.50 11.50 53.37
CA LEU D 119 25.40 12.46 52.70
C LEU D 119 24.66 13.60 52.00
N ARG D 120 23.40 13.36 51.60
CA ARG D 120 22.52 14.43 51.06
C ARG D 120 22.25 15.52 52.10
N GLN D 121 22.12 15.11 53.36
CA GLN D 121 21.74 16.02 54.42
C GLN D 121 22.94 16.74 55.05
N GLY D 122 24.15 16.50 54.53
CA GLY D 122 25.34 17.24 54.94
C GLY D 122 26.08 16.68 56.14
N LYS D 123 25.92 15.38 56.42
CA LYS D 123 26.58 14.77 57.56
C LYS D 123 27.97 14.31 57.16
N PRO D 124 28.83 14.04 58.14
CA PRO D 124 30.20 13.68 57.79
C PRO D 124 30.32 12.34 57.08
N ALA D 125 31.38 12.21 56.28
CA ALA D 125 31.70 10.98 55.56
C ALA D 125 32.57 10.04 56.44
N SER D 126 31.98 9.53 57.52
CA SER D 126 32.58 8.52 58.42
C SER D 126 31.47 7.86 59.25
N ALA D 127 31.69 6.65 59.79
CA ALA D 127 30.54 5.88 60.34
C ALA D 127 29.88 6.52 61.55
N LEU D 212 36.11 -29.29 42.37
CA LEU D 212 35.91 -28.91 40.97
C LEU D 212 34.46 -29.18 40.52
N ARG D 213 33.67 -28.12 40.64
CA ARG D 213 32.23 -28.09 40.38
C ARG D 213 31.94 -27.86 38.89
N LEU D 214 32.66 -26.93 38.27
CA LEU D 214 32.41 -26.55 36.85
C LEU D 214 32.51 -27.68 35.81
N ASN D 215 31.59 -27.70 34.85
CA ASN D 215 31.65 -28.64 33.70
C ASN D 215 32.40 -28.01 32.53
N THR D 216 32.28 -28.59 31.33
CA THR D 216 32.95 -28.09 30.12
C THR D 216 32.59 -26.65 29.74
N GLU D 217 31.31 -26.42 29.42
CA GLU D 217 30.81 -25.08 29.01
C GLU D 217 31.06 -24.00 30.07
N GLN D 218 30.80 -24.35 31.32
CA GLN D 218 31.01 -23.45 32.45
C GLN D 218 32.47 -23.01 32.57
N ALA D 219 33.38 -23.97 32.49
CA ALA D 219 34.80 -23.70 32.56
C ALA D 219 35.24 -22.74 31.45
N THR D 220 34.79 -23.02 30.23
CA THR D 220 35.16 -22.22 29.05
C THR D 220 34.80 -20.75 29.25
N ALA D 221 33.59 -20.54 29.76
CA ALA D 221 33.06 -19.21 30.07
C ALA D 221 33.94 -18.49 31.05
N VAL D 222 34.27 -19.17 32.14
CA VAL D 222 35.13 -18.58 33.17
C VAL D 222 36.49 -18.20 32.58
N GLY D 223 37.05 -19.09 31.76
CA GLY D 223 38.30 -18.83 31.09
C GLY D 223 38.25 -17.65 30.14
N ALA D 224 37.23 -17.62 29.29
CA ALA D 224 37.06 -16.56 28.29
C ALA D 224 37.03 -15.17 28.93
N ILE D 225 36.20 -15.02 29.96
CA ILE D 225 36.08 -13.78 30.72
C ILE D 225 37.40 -13.42 31.41
N HIS D 226 38.02 -14.43 32.02
CA HIS D 226 39.26 -14.27 32.78
C HIS D 226 40.44 -13.84 31.88
N SER D 227 40.43 -14.27 30.61
CA SER D 227 41.51 -13.93 29.66
C SER D 227 41.42 -12.50 29.13
N ALA D 228 40.27 -11.83 29.36
CA ALA D 228 40.10 -10.42 29.01
C ALA D 228 39.76 -9.57 30.22
N ALA D 229 40.07 -10.08 31.41
CA ALA D 229 39.72 -9.44 32.68
C ALA D 229 40.53 -8.18 33.01
N ASP D 230 41.60 -7.93 32.26
CA ASP D 230 42.43 -6.75 32.50
CA ASP D 230 42.46 -6.76 32.46
C ASP D 230 42.00 -5.54 31.66
N ARG D 231 40.81 -5.62 31.07
CA ARG D 231 40.27 -4.54 30.25
C ARG D 231 38.75 -4.65 30.17
N PHE D 232 38.11 -3.73 29.44
CA PHE D 232 36.66 -3.80 29.26
C PHE D 232 36.27 -4.92 28.29
N SER D 233 35.15 -5.56 28.61
CA SER D 233 34.56 -6.58 27.78
C SER D 233 33.17 -6.87 28.34
N ALA D 234 32.14 -6.70 27.51
CA ALA D 234 30.78 -6.95 27.93
C ALA D 234 30.31 -8.33 27.46
N TRP D 235 30.11 -9.23 28.40
CA TRP D 235 29.68 -10.59 28.10
C TRP D 235 28.22 -10.84 28.46
N LEU D 236 27.48 -11.43 27.53
CA LEU D 236 26.15 -11.97 27.82
C LEU D 236 26.28 -13.45 28.16
N LEU D 237 25.95 -13.80 29.40
CA LEU D 237 25.94 -15.19 29.83
C LEU D 237 24.54 -15.74 29.63
N ALA D 238 24.36 -16.47 28.55
CA ALA D 238 23.03 -16.91 28.14
C ALA D 238 22.84 -18.40 28.38
N GLY D 239 21.97 -18.75 29.33
CA GLY D 239 21.72 -20.16 29.66
C GLY D 239 20.35 -20.39 30.28
N ILE D 240 19.71 -21.51 29.92
CA ILE D 240 18.37 -21.90 30.41
C ILE D 240 18.33 -22.05 31.91
N THR D 241 17.15 -22.01 32.53
CA THR D 241 17.05 -21.61 33.95
C THR D 241 17.72 -22.59 34.93
N GLY D 242 18.68 -22.05 35.71
CA GLY D 242 19.45 -22.83 36.66
C GLY D 242 20.41 -23.83 36.04
N SER D 243 20.84 -23.59 34.79
CA SER D 243 21.98 -24.33 34.21
C SER D 243 23.27 -23.85 34.87
N GLY D 244 23.10 -22.93 35.83
CA GLY D 244 24.15 -22.60 36.77
C GLY D 244 24.93 -21.45 36.22
N LYS D 245 24.21 -20.43 35.78
CA LYS D 245 24.88 -19.19 35.42
C LYS D 245 25.54 -18.71 36.70
N THR D 246 24.83 -18.88 37.81
CA THR D 246 25.29 -18.48 39.15
C THR D 246 26.67 -19.04 39.45
N GLU D 247 26.89 -20.27 39.02
CA GLU D 247 28.16 -20.95 39.21
C GLU D 247 29.30 -20.21 38.49
N VAL D 248 29.03 -19.68 37.30
CA VAL D 248 30.02 -18.90 36.56
C VAL D 248 30.34 -17.59 37.29
N TYR D 249 29.29 -16.87 37.71
CA TYR D 249 29.49 -15.64 38.52
C TYR D 249 30.46 -15.91 39.67
N LEU D 250 30.20 -16.96 40.42
CA LEU D 250 30.94 -17.25 41.64
C LEU D 250 32.39 -17.59 41.35
N SER D 251 32.63 -18.31 40.25
CA SER D 251 34.00 -18.67 39.86
C SER D 251 34.77 -17.49 39.29
N VAL D 252 34.11 -16.66 38.48
CA VAL D 252 34.74 -15.43 37.94
C VAL D 252 35.10 -14.48 39.08
N LEU D 253 34.16 -14.30 40.01
CA LEU D 253 34.43 -13.53 41.23
C LEU D 253 35.61 -14.07 42.02
N GLU D 254 35.76 -15.38 42.12
CA GLU D 254 36.91 -15.96 42.82
C GLU D 254 38.22 -15.45 42.22
N ASN D 255 38.33 -15.49 40.89
CA ASN D 255 39.53 -15.05 40.20
C ASN D 255 39.81 -13.55 40.38
N VAL D 256 38.75 -12.75 40.32
CA VAL D 256 38.84 -11.30 40.58
C VAL D 256 39.22 -11.00 42.04
N LEU D 257 38.55 -11.66 42.98
CA LEU D 257 38.87 -11.49 44.39
C LEU D 257 40.25 -12.00 44.72
N ALA D 258 40.76 -12.97 43.94
CA ALA D 258 42.13 -13.50 44.14
C ALA D 258 43.17 -12.41 43.95
N GLN D 259 42.96 -11.65 42.89
CA GLN D 259 43.82 -10.55 42.54
C GLN D 259 43.65 -9.34 43.48
N GLY D 260 42.72 -9.42 44.42
CA GLY D 260 42.53 -8.33 45.37
C GLY D 260 41.79 -7.12 44.78
N ARG D 261 40.84 -7.42 43.89
CA ARG D 261 39.95 -6.41 43.33
C ARG D 261 38.52 -6.68 43.78
N GLN D 262 37.70 -5.64 43.82
CA GLN D 262 36.34 -5.76 44.34
C GLN D 262 35.34 -6.17 43.25
N ALA D 263 34.09 -6.44 43.65
CA ALA D 263 33.01 -6.75 42.69
C ALA D 263 31.61 -6.23 43.09
N LEU D 264 30.86 -5.85 42.05
CA LEU D 264 29.49 -5.39 42.20
C LEU D 264 28.55 -6.44 41.57
N VAL D 265 27.62 -6.93 42.38
CA VAL D 265 26.66 -7.91 41.93
C VAL D 265 25.28 -7.30 42.05
N MET D 266 24.64 -7.13 40.90
CA MET D 266 23.32 -6.55 40.84
C MET D 266 22.26 -7.60 40.55
N VAL D 267 21.20 -7.53 41.35
CA VAL D 267 20.08 -8.41 41.19
C VAL D 267 18.84 -7.55 41.10
N PRO D 268 17.76 -8.12 40.58
CA PRO D 268 16.52 -7.39 40.64
C PRO D 268 16.10 -7.14 42.07
N GLU D 269 15.24 -6.14 42.25
CA GLU D 269 14.74 -5.80 43.57
C GLU D 269 14.27 -7.01 44.40
N ILE D 270 13.58 -7.95 43.75
CA ILE D 270 13.03 -9.15 44.41
C ILE D 270 13.97 -10.37 44.46
N GLY D 271 15.23 -10.19 44.03
CA GLY D 271 16.18 -11.32 43.87
C GLY D 271 17.14 -11.52 45.03
N LEU D 272 17.12 -10.58 45.96
CA LEU D 272 17.91 -10.68 47.18
C LEU D 272 17.21 -11.58 48.18
N THR D 273 17.10 -12.88 47.89
CA THR D 273 16.58 -13.86 48.87
C THR D 273 17.67 -14.27 49.84
N PRO D 274 17.30 -14.50 51.12
CA PRO D 274 18.36 -14.91 52.01
C PRO D 274 19.03 -16.23 51.60
N GLN D 275 18.37 -17.08 50.81
CA GLN D 275 19.03 -18.27 50.22
C GLN D 275 20.23 -17.90 49.36
N THR D 276 19.97 -17.00 48.42
CA THR D 276 20.98 -16.49 47.51
C THR D 276 22.11 -15.82 48.29
N ILE D 277 21.77 -14.97 49.26
CA ILE D 277 22.77 -14.26 50.04
C ILE D 277 23.67 -15.23 50.79
N ALA D 278 23.08 -16.17 51.53
CA ALA D 278 23.88 -17.09 52.33
C ALA D 278 24.74 -17.96 51.45
N ARG D 279 24.28 -18.27 50.24
CA ARG D 279 25.08 -19.11 49.34
C ARG D 279 26.39 -18.39 48.90
N PHE D 280 26.28 -17.07 48.73
CA PHE D 280 27.44 -16.19 48.53
C PHE D 280 28.36 -16.13 49.73
N ARG D 281 27.77 -15.86 50.88
CA ARG D 281 28.55 -15.64 52.08
C ARG D 281 29.39 -16.87 52.39
N GLN D 282 28.86 -18.05 52.12
CA GLN D 282 29.57 -19.32 52.41
C GLN D 282 30.68 -19.59 51.40
N ARG D 283 30.49 -19.13 50.16
CA ARG D 283 31.43 -19.38 49.07
C ARG D 283 32.73 -18.57 49.21
N PHE D 284 32.61 -17.34 49.71
CA PHE D 284 33.73 -16.42 49.81
C PHE D 284 34.17 -16.17 51.21
N ASN D 285 35.41 -16.51 51.51
CA ASN D 285 36.04 -16.08 52.74
C ASN D 285 36.52 -14.62 52.64
N ALA D 286 35.55 -13.73 52.49
CA ALA D 286 35.82 -12.31 52.46
C ALA D 286 34.54 -11.60 52.83
N PRO D 287 34.64 -10.32 53.22
CA PRO D 287 33.43 -9.56 53.54
C PRO D 287 32.56 -9.29 52.34
N VAL D 288 31.27 -9.57 52.50
CA VAL D 288 30.27 -9.31 51.47
C VAL D 288 29.30 -8.33 52.09
N GLU D 289 29.06 -7.23 51.37
CA GLU D 289 28.18 -6.18 51.86
C GLU D 289 26.89 -6.20 51.05
N VAL D 290 25.77 -6.43 51.73
CA VAL D 290 24.50 -6.61 51.04
C VAL D 290 23.57 -5.44 51.31
N LEU D 291 23.19 -4.78 50.23
CA LEU D 291 22.35 -3.63 50.29
C LEU D 291 20.94 -4.10 50.01
N HIS D 292 20.26 -4.66 51.02
CA HIS D 292 18.84 -5.00 50.84
C HIS D 292 17.99 -3.83 51.28
N SER D 293 16.73 -3.81 50.83
CA SER D 293 15.86 -2.65 51.03
C SER D 293 15.50 -2.43 52.50
N GLY D 294 15.82 -3.40 53.34
CA GLY D 294 15.58 -3.32 54.79
C GLY D 294 16.65 -2.62 55.64
N LEU D 295 17.65 -2.04 55.00
CA LEU D 295 18.66 -1.27 55.75
C LEU D 295 18.17 0.15 56.01
N ASN D 296 18.50 0.68 57.19
CA ASN D 296 18.30 2.11 57.51
C ASN D 296 19.46 2.96 57.01
N ASP D 297 19.38 4.26 57.23
CA ASP D 297 20.35 5.18 56.63
C ASP D 297 21.76 5.07 57.23
N SER D 298 21.86 4.87 58.54
CA SER D 298 23.16 4.62 59.19
C SER D 298 23.88 3.46 58.51
N GLU D 299 23.14 2.36 58.37
CA GLU D 299 23.63 1.12 57.80
C GLU D 299 24.04 1.28 56.35
N ARG D 300 23.19 1.95 55.57
CA ARG D 300 23.48 2.18 54.14
C ARG D 300 24.76 2.98 53.97
N LEU D 301 24.91 4.04 54.76
CA LEU D 301 26.10 4.88 54.67
C LEU D 301 27.33 4.07 55.03
N SER D 302 27.25 3.31 56.12
CA SER D 302 28.42 2.56 56.61
C SER D 302 28.87 1.54 55.59
N ALA D 303 27.91 0.92 54.91
CA ALA D 303 28.21 -0.02 53.84
C ALA D 303 28.85 0.67 52.61
N TRP D 304 28.36 1.86 52.30
CA TRP D 304 28.90 2.68 51.23
C TRP D 304 30.38 3.03 51.50
N LEU D 305 30.69 3.33 52.76
CA LEU D 305 32.06 3.62 53.19
C LEU D 305 32.94 2.38 53.09
N LYS D 306 32.42 1.24 53.51
CA LYS D 306 33.17 -0.03 53.48
C LYS D 306 33.58 -0.40 52.06
N ALA D 307 32.73 -0.07 51.09
CA ALA D 307 33.00 -0.34 49.69
C ALA D 307 34.06 0.61 49.16
N LYS D 308 33.92 1.87 49.54
CA LYS D 308 34.84 2.94 49.14
C LYS D 308 36.28 2.69 49.65
N ASN D 309 36.37 2.11 50.85
CA ASN D 309 37.65 1.85 51.52
C ASN D 309 38.31 0.53 51.17
N GLY D 310 37.66 -0.30 50.37
CA GLY D 310 38.21 -1.61 50.03
C GLY D 310 38.10 -2.65 51.14
N GLU D 311 37.21 -2.40 52.10
CA GLU D 311 36.94 -3.34 53.17
C GLU D 311 35.95 -4.39 52.69
N ALA D 312 35.07 -4.01 51.77
CA ALA D 312 34.05 -4.92 51.24
C ALA D 312 34.52 -5.51 49.93
N ALA D 313 34.76 -6.82 49.93
CA ALA D 313 35.22 -7.53 48.72
C ALA D 313 34.13 -7.61 47.65
N ILE D 314 32.90 -7.90 48.08
CA ILE D 314 31.76 -7.92 47.18
C ILE D 314 30.62 -7.05 47.70
N VAL D 315 29.97 -6.32 46.78
CA VAL D 315 28.76 -5.56 47.12
C VAL D 315 27.63 -6.14 46.31
N ILE D 316 26.59 -6.59 47.01
CA ILE D 316 25.40 -7.08 46.35
C ILE D 316 24.27 -6.12 46.63
N GLY D 317 23.60 -5.66 45.58
CA GLY D 317 22.45 -4.80 45.76
C GLY D 317 21.55 -4.80 44.55
N THR D 318 20.66 -3.82 44.51
CA THR D 318 19.71 -3.69 43.44
C THR D 318 20.09 -2.48 42.57
N ARG D 319 19.18 -2.04 41.72
CA ARG D 319 19.38 -0.86 40.86
C ARG D 319 20.30 0.26 41.37
N SER D 320 20.14 0.74 42.60
CA SER D 320 20.91 1.90 43.11
C SER D 320 22.31 1.55 43.56
N SER D 321 22.55 0.26 43.82
CA SER D 321 23.90 -0.25 44.06
C SER D 321 24.89 0.07 42.91
N LEU D 322 24.37 0.49 41.75
CA LEU D 322 25.18 0.90 40.60
C LEU D 322 26.15 2.06 40.89
N PHE D 323 25.73 3.00 41.74
CA PHE D 323 26.53 4.18 42.06
C PHE D 323 27.46 4.00 43.28
N THR D 324 27.53 2.81 43.87
CA THR D 324 28.40 2.64 45.06
C THR D 324 29.85 2.71 44.62
N PRO D 325 30.68 3.43 45.37
CA PRO D 325 32.08 3.69 45.06
C PRO D 325 32.96 2.50 45.38
N PHE D 326 34.08 2.37 44.68
CA PHE D 326 34.99 1.24 44.91
C PHE D 326 36.46 1.68 44.87
N LYS D 327 37.24 1.18 45.83
CA LYS D 327 38.68 1.39 45.84
C LYS D 327 39.34 0.77 44.59
N ASP D 328 38.93 -0.44 44.21
CA ASP D 328 39.35 -1.03 42.95
C ASP D 328 38.32 -2.05 42.46
N LEU D 329 37.38 -1.59 41.66
CA LEU D 329 36.34 -2.45 41.12
C LEU D 329 36.94 -3.25 39.96
N GLY D 330 36.70 -4.55 40.00
CA GLY D 330 37.26 -5.49 39.03
C GLY D 330 36.25 -6.11 38.08
N VAL D 331 34.99 -6.20 38.49
CA VAL D 331 33.98 -6.83 37.64
C VAL D 331 32.58 -6.45 38.09
N ILE D 332 31.66 -6.41 37.13
CA ILE D 332 30.25 -6.21 37.43
C ILE D 332 29.43 -7.38 36.91
N VAL D 333 28.54 -7.88 37.76
CA VAL D 333 27.59 -8.95 37.40
C VAL D 333 26.19 -8.40 37.49
N ILE D 334 25.41 -8.57 36.44
CA ILE D 334 24.00 -8.26 36.54
C ILE D 334 23.25 -9.53 36.26
N ASP D 335 22.57 -10.06 37.26
CA ASP D 335 21.70 -11.21 37.05
C ASP D 335 20.31 -10.76 36.59
N GLU D 336 19.65 -11.62 35.79
CA GLU D 336 18.31 -11.35 35.25
C GLU D 336 18.31 -10.03 34.51
N GLU D 337 19.37 -9.85 33.72
CA GLU D 337 19.61 -8.65 32.93
C GLU D 337 18.34 -8.00 32.34
N HIS D 338 17.37 -8.83 32.00
CA HIS D 338 16.14 -8.40 31.35
C HIS D 338 15.13 -7.72 32.25
N ASP D 339 15.26 -7.91 33.55
CA ASP D 339 14.22 -7.49 34.50
C ASP D 339 13.94 -5.97 34.48
N SER D 340 12.66 -5.63 34.71
CA SER D 340 12.15 -4.24 34.71
C SER D 340 12.70 -3.34 35.80
N SER D 341 13.03 -3.92 36.95
CA SER D 341 13.44 -3.15 38.11
C SER D 341 14.70 -2.34 37.86
N TYR D 342 15.45 -2.69 36.81
CA TYR D 342 16.67 -1.96 36.49
C TYR D 342 16.40 -0.58 35.90
N LYS D 343 15.16 -0.34 35.49
CA LYS D 343 14.76 0.96 34.99
C LYS D 343 14.00 1.67 36.07
N GLN D 344 14.50 2.85 36.44
CA GLN D 344 13.86 3.64 37.44
C GLN D 344 12.69 4.40 36.81
N GLN D 345 11.54 4.33 37.48
CA GLN D 345 10.28 4.87 36.95
C GLN D 345 9.89 6.24 37.55
N GLU D 346 10.51 6.66 38.65
CA GLU D 346 10.22 7.97 39.24
C GLU D 346 11.47 8.87 39.24
N GLY D 347 11.24 10.16 38.97
CA GLY D 347 12.29 11.16 39.03
C GLY D 347 13.29 10.92 37.92
N TRP D 348 14.53 10.65 38.29
CA TRP D 348 15.56 10.42 37.29
C TRP D 348 15.43 9.02 36.72
N ARG D 349 15.06 8.98 35.44
CA ARG D 349 14.67 7.73 34.81
C ARG D 349 15.83 7.05 34.11
N TYR D 350 16.80 6.63 34.90
CA TYR D 350 17.97 5.98 34.36
C TYR D 350 17.73 4.49 34.30
N HIS D 351 18.53 3.82 33.47
CA HIS D 351 18.51 2.38 33.37
C HIS D 351 19.83 1.82 33.90
N ALA D 352 19.73 1.07 35.00
CA ALA D 352 20.90 0.59 35.72
C ALA D 352 21.82 -0.31 34.90
N ARG D 353 21.25 -1.18 34.08
CA ARG D 353 22.05 -2.01 33.18
C ARG D 353 22.91 -1.19 32.23
N ASP D 354 22.30 -0.24 31.54
CA ASP D 354 23.03 0.54 30.54
C ASP D 354 24.21 1.28 31.20
N LEU D 355 23.91 1.95 32.32
CA LEU D 355 24.93 2.69 33.04
C LEU D 355 26.01 1.79 33.64
N ALA D 356 25.64 0.57 34.02
CA ALA D 356 26.63 -0.38 34.49
C ALA D 356 27.60 -0.73 33.39
N VAL D 357 27.07 -0.99 32.21
CA VAL D 357 27.94 -1.27 31.09
C VAL D 357 28.82 -0.05 30.79
N TRP D 358 28.25 1.17 30.85
CA TRP D 358 29.03 2.40 30.69
C TRP D 358 30.14 2.48 31.75
N ARG D 359 29.80 2.16 32.99
CA ARG D 359 30.77 2.28 34.07
C ARG D 359 31.90 1.29 33.85
N ALA D 360 31.54 0.10 33.38
CA ALA D 360 32.52 -0.94 33.11
C ALA D 360 33.49 -0.48 32.00
N HIS D 361 32.95 0.23 31.01
CA HIS D 361 33.73 0.75 29.89
C HIS D 361 34.76 1.78 30.33
N SER D 362 34.34 2.79 31.07
CA SER D 362 35.27 3.81 31.61
C SER D 362 36.31 3.24 32.60
N GLU D 363 35.88 2.33 33.48
CA GLU D 363 36.82 1.70 34.41
C GLU D 363 37.69 0.63 33.74
N GLN D 364 37.32 0.25 32.51
CA GLN D 364 38.00 -0.80 31.77
C GLN D 364 38.04 -2.13 32.55
N ILE D 365 36.85 -2.64 32.87
CA ILE D 365 36.66 -3.93 33.53
C ILE D 365 35.58 -4.74 32.82
N PRO D 366 35.57 -6.08 33.00
CA PRO D 366 34.49 -6.87 32.41
C PRO D 366 33.14 -6.73 33.15
N ILE D 367 32.06 -6.88 32.40
CA ILE D 367 30.72 -6.92 32.95
C ILE D 367 30.00 -8.17 32.40
N ILE D 368 29.30 -8.87 33.27
CA ILE D 368 28.58 -10.09 32.91
C ILE D 368 27.08 -9.89 33.05
N LEU D 369 26.39 -9.94 31.93
CA LEU D 369 24.93 -9.83 31.90
C LEU D 369 24.37 -11.23 31.79
N GLY D 370 23.63 -11.66 32.80
CA GLY D 370 23.08 -13.02 32.85
C GLY D 370 21.58 -13.03 32.68
N SER D 371 21.13 -13.82 31.71
CA SER D 371 19.70 -14.03 31.52
C SER D 371 19.42 -15.34 30.82
N ALA D 372 18.32 -15.99 31.21
CA ALA D 372 17.82 -17.16 30.49
C ALA D 372 16.99 -16.72 29.27
N THR D 373 16.50 -15.48 29.32
CA THR D 373 15.63 -14.89 28.28
C THR D 373 16.10 -13.47 28.03
N PRO D 374 17.27 -13.29 27.39
CA PRO D 374 17.86 -11.95 27.28
C PRO D 374 16.94 -10.96 26.60
N ALA D 375 16.96 -9.70 27.03
CA ALA D 375 16.21 -8.66 26.36
C ALA D 375 16.69 -8.55 24.91
N LEU D 376 15.80 -8.11 24.02
CA LEU D 376 16.18 -7.97 22.63
C LEU D 376 17.29 -6.95 22.44
N GLU D 377 17.31 -5.94 23.31
CA GLU D 377 18.35 -4.89 23.29
C GLU D 377 19.71 -5.54 23.40
N THR D 378 19.76 -6.53 24.28
CA THR D 378 20.97 -7.27 24.57
C THR D 378 21.35 -8.16 23.39
N LEU D 379 20.38 -8.86 22.82
CA LEU D 379 20.68 -9.74 21.70
C LEU D 379 21.15 -8.97 20.49
N HIS D 380 20.61 -7.78 20.29
CA HIS D 380 21.02 -6.89 19.19
C HIS D 380 22.47 -6.50 19.38
N ASN D 381 22.79 -6.12 20.62
CA ASN D 381 24.15 -5.77 20.98
C ASN D 381 25.11 -6.94 20.78
N VAL D 382 24.62 -8.17 20.94
CA VAL D 382 25.45 -9.35 20.63
C VAL D 382 25.60 -9.64 19.13
N ARG D 383 24.53 -9.48 18.35
CA ARG D 383 24.60 -9.63 16.90
C ARG D 383 25.56 -8.60 16.28
N GLN D 384 25.58 -7.38 16.81
CA GLN D 384 26.61 -6.39 16.46
C GLN D 384 27.82 -6.63 17.37
N GLY D 385 28.88 -5.86 17.17
CA GLY D 385 30.10 -6.09 17.93
C GLY D 385 30.04 -5.82 19.43
N LYS D 386 28.96 -5.19 19.93
CA LYS D 386 28.95 -4.53 21.26
C LYS D 386 29.18 -5.48 22.45
N TYR D 387 28.46 -6.61 22.45
CA TYR D 387 28.67 -7.66 23.45
C TYR D 387 29.07 -8.98 22.80
N ARG D 388 29.57 -9.88 23.63
CA ARG D 388 29.98 -11.20 23.20
C ARG D 388 29.16 -12.22 23.97
N GLN D 389 28.69 -13.26 23.29
CA GLN D 389 27.83 -14.25 23.94
C GLN D 389 28.60 -15.46 24.44
N LEU D 390 28.40 -15.82 25.70
CA LEU D 390 28.83 -17.12 26.22
C LEU D 390 27.56 -17.91 26.55
N THR D 391 27.45 -19.11 25.99
CA THR D 391 26.19 -19.87 26.07
C THR D 391 26.28 -21.17 26.92
N LEU D 392 25.18 -21.55 27.60
CA LEU D 392 25.11 -22.78 28.43
C LEU D 392 23.88 -23.65 28.12
N GLN D 403 4.40 -30.96 28.21
CA GLN D 403 3.41 -30.91 27.12
C GLN D 403 2.54 -29.65 27.20
N GLN D 404 2.33 -29.06 26.03
CA GLN D 404 1.50 -27.85 25.86
C GLN D 404 0.28 -28.06 24.96
N HIS D 405 -0.80 -27.33 25.27
CA HIS D 405 -1.99 -27.28 24.43
C HIS D 405 -2.24 -25.86 23.93
N VAL D 406 -2.51 -25.71 22.64
CA VAL D 406 -2.83 -24.41 22.05
C VAL D 406 -4.31 -24.42 21.63
N LEU D 407 -5.13 -23.66 22.35
CA LEU D 407 -6.58 -23.65 22.12
C LEU D 407 -7.05 -22.47 21.28
N ASP D 408 -7.81 -22.75 20.22
CA ASP D 408 -8.43 -21.74 19.35
C ASP D 408 -9.72 -21.18 19.98
N LEU D 409 -9.72 -19.90 20.31
CA LEU D 409 -10.90 -19.26 20.90
C LEU D 409 -11.97 -18.95 19.86
N LYS D 410 -11.62 -18.96 18.58
CA LYS D 410 -12.56 -18.56 17.52
C LYS D 410 -13.88 -19.33 17.57
N GLY D 411 -14.99 -18.58 17.63
CA GLY D 411 -16.33 -19.15 17.62
C GLY D 411 -16.74 -19.89 18.86
N GLN D 412 -15.98 -19.76 19.95
CA GLN D 412 -16.28 -20.49 21.17
C GLN D 412 -17.22 -19.71 22.08
N PRO D 413 -18.07 -20.42 22.82
CA PRO D 413 -18.68 -19.75 23.97
C PRO D 413 -17.67 -19.64 25.14
N LEU D 414 -17.34 -18.42 25.54
CA LEU D 414 -16.37 -18.20 26.62
C LEU D 414 -17.05 -17.85 27.91
N GLN D 415 -16.46 -18.28 29.02
CA GLN D 415 -16.87 -17.82 30.34
C GLN D 415 -15.67 -17.18 31.00
N ALA D 416 -15.76 -15.88 31.30
CA ALA D 416 -14.63 -15.11 31.88
C ALA D 416 -13.45 -15.20 30.96
N GLY D 417 -13.73 -15.12 29.67
CA GLY D 417 -12.71 -15.37 28.67
C GLY D 417 -12.12 -16.78 28.62
N LEU D 418 -12.72 -17.74 29.33
CA LEU D 418 -12.20 -19.12 29.34
C LEU D 418 -13.00 -20.06 28.45
N SER D 419 -12.28 -20.83 27.62
CA SER D 419 -12.90 -21.85 26.78
C SER D 419 -13.28 -23.11 27.56
N PRO D 420 -14.29 -23.86 27.08
CA PRO D 420 -14.68 -25.14 27.67
C PRO D 420 -13.53 -26.14 27.83
N ALA D 421 -12.68 -26.25 26.81
CA ALA D 421 -11.55 -27.20 26.80
C ALA D 421 -10.58 -26.91 27.95
N LEU D 422 -10.37 -25.62 28.26
CA LEU D 422 -9.55 -25.22 29.39
C LEU D 422 -10.20 -25.60 30.73
N ILE D 423 -11.48 -25.29 30.86
CA ILE D 423 -12.20 -25.53 32.12
C ILE D 423 -12.28 -27.03 32.44
N SER D 424 -12.57 -27.82 31.41
CA SER D 424 -12.50 -29.29 31.44
C SER D 424 -11.16 -29.78 32.02
N ARG D 425 -10.07 -29.24 31.49
CA ARG D 425 -8.72 -29.57 31.94
C ARG D 425 -8.43 -29.02 33.34
N MET D 426 -9.01 -27.86 33.67
CA MET D 426 -8.86 -27.22 35.01
C MET D 426 -9.41 -28.06 36.16
N ARG D 427 -10.63 -28.56 35.99
CA ARG D 427 -11.29 -29.36 37.00
C ARG D 427 -10.63 -30.72 37.21
N GLN D 428 -10.17 -31.31 36.13
CA GLN D 428 -9.45 -32.57 36.19
C GLN D 428 -8.09 -32.44 36.92
N HIS D 429 -7.57 -31.21 37.01
CA HIS D 429 -6.39 -30.90 37.83
C HIS D 429 -6.74 -30.49 39.26
N LEU D 430 -7.87 -29.79 39.44
CA LEU D 430 -8.35 -29.41 40.79
C LEU D 430 -8.89 -30.60 41.63
N GLN D 431 -9.61 -31.54 41.00
CA GLN D 431 -10.10 -32.77 41.69
C GLN D 431 -8.97 -33.71 42.06
N ALA D 432 -7.85 -33.63 41.32
CA ALA D 432 -6.63 -34.35 41.65
C ALA D 432 -5.82 -33.62 42.75
N ASP D 433 -6.41 -32.55 43.29
CA ASP D 433 -5.86 -31.79 44.43
C ASP D 433 -4.55 -31.05 44.10
N ASN D 434 -4.47 -30.53 42.89
CA ASN D 434 -3.31 -29.75 42.45
C ASN D 434 -3.65 -28.27 42.30
N GLN D 435 -2.63 -27.43 42.18
CA GLN D 435 -2.82 -26.00 41.99
C GLN D 435 -2.77 -25.62 40.51
N VAL D 436 -3.47 -24.53 40.20
CA VAL D 436 -3.64 -24.03 38.83
C VAL D 436 -3.38 -22.53 38.73
N ILE D 437 -2.36 -22.15 37.94
CA ILE D 437 -1.99 -20.75 37.73
C ILE D 437 -2.52 -20.17 36.41
N LEU D 438 -3.18 -19.01 36.50
CA LEU D 438 -3.66 -18.26 35.34
C LEU D 438 -2.87 -16.95 35.19
N PHE D 439 -2.40 -16.66 33.97
CA PHE D 439 -1.61 -15.44 33.71
C PHE D 439 -2.32 -14.44 32.80
N LEU D 440 -2.23 -13.16 33.17
CA LEU D 440 -2.88 -12.05 32.44
C LEU D 440 -1.86 -10.92 32.16
N ASN D 441 -2.29 -9.82 31.52
CA ASN D 441 -1.35 -8.83 30.94
C ASN D 441 -1.11 -7.54 31.74
N ARG D 442 -0.78 -7.68 33.01
CA ARG D 442 -0.70 -6.53 33.91
C ARG D 442 -2.07 -5.80 33.92
N ARG D 443 -2.09 -4.49 34.14
CA ARG D 443 -3.37 -3.81 34.35
C ARG D 443 -3.27 -2.33 34.03
N GLY D 444 -4.39 -1.75 33.62
CA GLY D 444 -4.45 -0.34 33.21
C GLY D 444 -4.13 -0.13 31.75
N PHE D 445 -3.53 -1.14 31.10
CA PHE D 445 -3.21 -1.07 29.68
C PHE D 445 -4.47 -1.06 28.84
N ALA D 446 -4.51 -0.12 27.90
CA ALA D 446 -5.65 0.06 26.99
C ALA D 446 -5.72 -1.02 25.87
N PRO D 447 -6.91 -1.62 25.66
CA PRO D 447 -7.04 -2.84 24.86
C PRO D 447 -7.12 -2.63 23.36
N ALA D 448 -7.08 -3.74 22.62
CA ALA D 448 -7.32 -3.77 21.17
C ALA D 448 -8.70 -4.32 20.90
N LEU D 449 -9.14 -4.20 19.64
CA LEU D 449 -10.47 -4.70 19.25
C LEU D 449 -10.34 -5.80 18.21
N LEU D 450 -10.99 -6.95 18.43
CA LEU D 450 -11.03 -8.03 17.44
C LEU D 450 -12.33 -8.80 17.36
N CYS D 451 -12.49 -9.51 16.25
CA CYS D 451 -13.67 -10.31 15.98
C CYS D 451 -13.53 -11.73 16.52
N HIS D 452 -14.40 -12.06 17.46
CA HIS D 452 -14.41 -13.34 18.16
C HIS D 452 -14.67 -14.53 17.23
N ASP D 453 -15.38 -14.28 16.12
CA ASP D 453 -15.71 -15.34 15.16
C ASP D 453 -14.62 -15.50 14.11
N CYS D 454 -14.26 -14.41 13.43
CA CYS D 454 -13.40 -14.51 12.23
C CYS D 454 -11.95 -14.09 12.43
N GLY D 455 -11.64 -13.54 13.60
CA GLY D 455 -10.27 -13.21 13.95
C GLY D 455 -9.70 -11.96 13.30
N TRP D 456 -10.54 -11.15 12.68
CA TRP D 456 -10.12 -9.85 12.20
C TRP D 456 -9.72 -9.00 13.42
N ILE D 457 -8.67 -8.19 13.28
CA ILE D 457 -8.22 -7.28 14.34
C ILE D 457 -8.26 -5.86 13.80
N ALA D 458 -8.64 -4.90 14.64
CA ALA D 458 -8.72 -3.50 14.23
C ALA D 458 -7.33 -2.91 13.95
N GLU D 459 -6.97 -2.83 12.68
CA GLU D 459 -5.67 -2.29 12.29
C GLU D 459 -5.84 -0.89 11.77
N CYS D 460 -4.86 -0.04 12.08
CA CYS D 460 -4.84 1.31 11.49
C CYS D 460 -4.39 1.14 10.04
N PRO D 461 -5.20 1.66 9.08
CA PRO D 461 -4.88 1.45 7.65
C PRO D 461 -3.61 2.18 7.18
N ARG D 462 -3.27 3.32 7.79
CA ARG D 462 -2.05 4.06 7.43
C ARG D 462 -0.75 3.39 7.90
N CYS D 463 -0.50 3.34 9.20
CA CYS D 463 0.61 2.48 9.70
C CYS D 463 0.05 1.14 10.02
N ASP D 464 0.77 0.10 9.65
CA ASP D 464 0.38 -1.24 10.03
C ASP D 464 0.63 -1.36 11.52
N SER D 465 -0.43 -1.08 12.29
CA SER D 465 -0.39 -1.02 13.77
C SER D 465 -1.81 -1.22 14.27
N TYR D 466 -1.92 -1.76 15.47
CA TYR D 466 -3.22 -2.10 15.98
C TYR D 466 -3.90 -0.92 16.67
N TYR D 467 -5.19 -0.73 16.38
CA TYR D 467 -5.98 0.30 17.04
C TYR D 467 -6.20 -0.07 18.51
N THR D 468 -6.07 0.96 19.33
CA THR D 468 -6.37 0.91 20.75
C THR D 468 -7.84 1.33 20.94
N LEU D 469 -8.60 0.52 21.66
CA LEU D 469 -10.03 0.78 21.86
C LEU D 469 -10.29 1.76 22.99
N HIS D 470 -11.00 2.84 22.70
CA HIS D 470 -11.44 3.80 23.73
C HIS D 470 -12.97 3.83 23.77
N GLN D 471 -13.50 2.71 24.26
CA GLN D 471 -14.94 2.51 24.56
C GLN D 471 -15.53 3.62 25.45
N ALA D 472 -14.72 4.13 26.37
CA ALA D 472 -15.10 5.23 27.28
C ALA D 472 -15.35 6.56 26.56
N GLN D 473 -14.63 6.83 25.47
CA GLN D 473 -14.88 8.02 24.63
C GLN D 473 -15.60 7.67 23.32
N HIS D 474 -15.96 6.41 23.15
CA HIS D 474 -16.74 5.93 21.99
C HIS D 474 -16.01 6.06 20.63
N HIS D 475 -14.70 5.79 20.63
CA HIS D 475 -13.90 5.76 19.37
C HIS D 475 -12.69 4.80 19.43
N LEU D 476 -12.16 4.46 18.26
CA LEU D 476 -10.90 3.70 18.10
C LEU D 476 -9.74 4.64 17.78
N ARG D 477 -8.57 4.40 18.36
CA ARG D 477 -7.45 5.36 18.25
C ARG D 477 -6.10 4.66 18.00
N CYS D 478 -5.31 5.15 17.06
CA CYS D 478 -3.95 4.62 16.85
C CYS D 478 -3.01 5.29 17.85
N HIS D 479 -1.95 4.62 18.27
CA HIS D 479 -0.92 5.30 19.08
C HIS D 479 0.46 5.43 18.42
N HIS D 480 0.75 4.58 17.42
CA HIS D 480 1.95 4.76 16.58
C HIS D 480 1.78 5.94 15.63
N CYS D 481 0.60 6.15 15.06
CA CYS D 481 0.26 7.45 14.48
C CYS D 481 -0.91 7.98 15.27
N ASP D 482 -1.56 9.02 14.80
CA ASP D 482 -2.72 9.54 15.52
C ASP D 482 -3.89 9.56 14.58
N SER D 483 -4.62 8.46 14.53
CA SER D 483 -5.83 8.41 13.72
C SER D 483 -7.04 8.05 14.59
N GLN D 484 -8.15 8.71 14.29
CA GLN D 484 -9.43 8.45 14.94
C GLN D 484 -10.23 7.55 13.98
N ARG D 485 -11.15 6.79 14.54
CA ARG D 485 -12.11 6.03 13.76
C ARG D 485 -13.24 5.60 14.71
N PRO D 486 -14.48 5.59 14.22
CA PRO D 486 -15.59 5.09 15.05
C PRO D 486 -15.53 3.59 15.36
N ILE D 487 -16.02 3.20 16.52
CA ILE D 487 -16.14 1.78 16.86
C ILE D 487 -17.26 1.20 16.00
N PRO D 488 -16.96 0.28 15.06
CA PRO D 488 -18.08 -0.38 14.36
C PRO D 488 -18.77 -1.42 15.26
N ARG D 489 -20.09 -1.52 15.18
CA ARG D 489 -20.82 -2.49 16.03
C ARG D 489 -20.85 -3.86 15.35
N GLN D 490 -20.45 -3.89 14.07
CA GLN D 490 -20.20 -5.16 13.39
C GLN D 490 -18.87 -5.20 12.62
N CYS D 491 -18.27 -6.39 12.63
CA CYS D 491 -17.01 -6.68 11.96
C CYS D 491 -17.17 -6.40 10.47
N PRO D 492 -16.18 -5.70 9.90
CA PRO D 492 -16.16 -5.41 8.48
C PRO D 492 -15.62 -6.54 7.63
N SER D 493 -15.08 -7.59 8.24
CA SER D 493 -14.58 -8.71 7.44
C SER D 493 -15.56 -9.87 7.30
N CYS D 494 -16.33 -10.16 8.34
CA CYS D 494 -17.33 -11.23 8.21
C CYS D 494 -18.73 -10.80 8.63
N GLY D 495 -18.89 -9.62 9.23
CA GLY D 495 -20.21 -9.14 9.68
C GLY D 495 -20.68 -9.51 11.10
N SER D 496 -19.91 -10.31 11.84
CA SER D 496 -20.34 -10.75 13.17
C SER D 496 -20.53 -9.56 14.08
N THR D 497 -21.55 -9.63 14.91
CA THR D 497 -21.78 -8.64 15.95
C THR D 497 -20.86 -8.90 17.16
N HIS D 498 -20.29 -10.11 17.24
CA HIS D 498 -19.41 -10.48 18.35
C HIS D 498 -17.95 -9.92 18.18
N LEU D 499 -17.78 -8.60 18.33
CA LEU D 499 -16.46 -7.95 18.44
C LEU D 499 -16.12 -7.74 19.91
N VAL D 500 -14.94 -8.17 20.33
CA VAL D 500 -14.57 -8.11 21.76
C VAL D 500 -13.30 -7.31 22.03
N PRO D 501 -13.22 -6.70 23.21
CA PRO D 501 -11.94 -6.14 23.61
C PRO D 501 -10.99 -7.22 24.13
N VAL D 502 -9.70 -7.10 23.82
CA VAL D 502 -8.70 -8.07 24.28
C VAL D 502 -7.60 -7.40 25.10
N GLY D 503 -7.23 -8.03 26.21
CA GLY D 503 -6.17 -7.55 27.09
C GLY D 503 -6.67 -7.00 28.41
N ILE D 504 -7.64 -7.71 29.01
CA ILE D 504 -8.23 -7.32 30.29
C ILE D 504 -8.18 -8.50 31.28
N GLY D 505 -7.55 -8.25 32.42
CA GLY D 505 -7.60 -9.15 33.59
C GLY D 505 -7.63 -8.44 34.95
N THR D 506 -7.71 -7.11 34.91
CA THR D 506 -7.89 -6.28 36.10
C THR D 506 -9.36 -6.27 36.50
N GLU D 507 -10.24 -6.65 35.57
CA GLU D 507 -11.67 -6.79 35.85
C GLU D 507 -11.87 -8.11 36.54
N GLN D 508 -11.22 -8.21 37.69
CA GLN D 508 -11.50 -9.21 38.67
C GLN D 508 -12.05 -10.47 38.03
N LEU D 509 -11.14 -11.21 37.43
CA LEU D 509 -11.44 -12.51 36.89
C LEU D 509 -12.05 -13.45 37.95
N GLU D 510 -11.67 -13.27 39.22
CA GLU D 510 -12.26 -14.05 40.35
C GLU D 510 -13.79 -13.89 40.47
N GLN D 511 -14.32 -12.74 40.06
CA GLN D 511 -15.77 -12.49 40.04
C GLN D 511 -16.51 -13.43 39.10
N ALA D 512 -15.84 -13.81 38.01
CA ALA D 512 -16.40 -14.77 37.06
C ALA D 512 -15.90 -16.21 37.33
N LEU D 513 -14.77 -16.33 38.03
CA LEU D 513 -14.23 -17.64 38.45
C LEU D 513 -14.91 -18.27 39.69
N ALA D 514 -15.36 -17.45 40.65
CA ALA D 514 -16.00 -17.95 41.88
C ALA D 514 -17.32 -18.72 41.62
N PRO D 515 -18.19 -18.20 40.72
CA PRO D 515 -19.36 -18.96 40.29
C PRO D 515 -19.03 -20.15 39.38
N LEU D 516 -17.87 -20.14 38.77
CA LEU D 516 -17.42 -21.26 37.96
C LEU D 516 -16.73 -22.35 38.80
N PHE D 517 -16.08 -21.95 39.90
CA PHE D 517 -15.39 -22.88 40.81
C PHE D 517 -15.72 -22.56 42.31
N PRO D 518 -16.75 -23.22 42.91
CA PRO D 518 -17.34 -22.92 44.24
C PRO D 518 -16.36 -22.55 45.37
N GLY D 546 -0.41 -26.54 49.81
CA GLY D 546 -0.73 -27.41 48.68
C GLY D 546 -2.21 -27.63 48.52
N GLY D 547 -2.57 -28.62 47.70
CA GLY D 547 -3.98 -28.92 47.42
C GLY D 547 -4.60 -27.96 46.42
N ALA D 548 -5.88 -28.16 46.14
CA ALA D 548 -6.59 -27.37 45.13
C ALA D 548 -6.63 -25.87 45.46
N ARG D 549 -6.10 -25.06 44.55
CA ARG D 549 -6.28 -23.62 44.65
C ARG D 549 -6.00 -22.98 43.29
N ILE D 550 -6.58 -21.80 43.07
CA ILE D 550 -6.39 -21.03 41.83
C ILE D 550 -5.61 -19.73 42.08
N LEU D 551 -4.47 -19.62 41.39
CA LEU D 551 -3.55 -18.50 41.51
C LEU D 551 -3.61 -17.68 40.22
N ILE D 552 -3.76 -16.37 40.37
CA ILE D 552 -3.66 -15.43 39.25
C ILE D 552 -2.41 -14.55 39.37
N GLY D 553 -1.72 -14.34 38.24
CA GLY D 553 -0.48 -13.54 38.22
C GLY D 553 -0.38 -12.71 36.96
N THR D 554 0.40 -11.64 37.01
CA THR D 554 0.52 -10.73 35.87
C THR D 554 1.92 -10.70 35.27
N GLN D 555 2.91 -10.99 36.10
CA GLN D 555 4.29 -10.92 35.64
C GLN D 555 5.03 -12.20 35.99
N MET D 556 6.28 -12.27 35.54
CA MET D 556 7.13 -13.42 35.76
C MET D 556 7.34 -13.71 37.25
N LEU D 557 7.64 -14.96 37.58
CA LEU D 557 7.94 -15.36 38.95
C LEU D 557 9.40 -14.99 39.30
N ALA D 558 9.73 -14.78 40.58
CA ALA D 558 11.12 -14.44 40.95
C ALA D 558 12.09 -15.59 40.63
N LYS D 559 13.36 -15.26 40.36
CA LYS D 559 14.43 -16.25 40.16
C LYS D 559 14.42 -17.24 41.32
N GLY D 560 14.47 -18.53 41.03
CA GLY D 560 14.46 -19.57 42.07
C GLY D 560 13.13 -19.81 42.79
N HIS D 561 12.28 -18.79 42.90
CA HIS D 561 10.95 -18.92 43.56
C HIS D 561 9.98 -19.82 42.79
N HIS D 562 9.62 -20.95 43.40
CA HIS D 562 8.93 -22.02 42.71
C HIS D 562 7.60 -22.38 43.38
N PHE D 563 6.69 -22.97 42.60
CA PHE D 563 5.42 -23.54 43.11
C PHE D 563 5.35 -25.05 42.86
N PRO D 564 5.67 -25.86 43.88
CA PRO D 564 5.74 -27.33 43.73
C PRO D 564 4.38 -28.01 43.53
N ASP D 565 3.31 -27.37 43.99
CA ASP D 565 1.97 -27.95 43.91
C ASP D 565 1.20 -27.62 42.63
N VAL D 566 1.78 -26.80 41.75
CA VAL D 566 1.10 -26.42 40.51
C VAL D 566 1.40 -27.40 39.37
N THR D 567 0.37 -28.02 38.79
CA THR D 567 0.54 -28.90 37.59
C THR D 567 -0.11 -28.37 36.31
N LEU D 568 -0.98 -27.37 36.45
CA LEU D 568 -1.60 -26.71 35.29
C LEU D 568 -1.36 -25.18 35.25
N VAL D 569 -0.59 -24.73 34.26
CA VAL D 569 -0.31 -23.31 34.04
C VAL D 569 -0.94 -22.87 32.74
N SER D 570 -1.83 -21.89 32.82
CA SER D 570 -2.53 -21.41 31.63
C SER D 570 -2.24 -19.92 31.36
N LEU D 571 -1.82 -19.64 30.12
CA LEU D 571 -1.58 -18.29 29.67
C LEU D 571 -2.81 -17.89 28.88
N LEU D 572 -3.67 -17.11 29.52
CA LEU D 572 -4.82 -16.51 28.86
C LEU D 572 -4.36 -15.22 28.20
N ASP D 573 -5.18 -14.68 27.29
CA ASP D 573 -4.87 -13.41 26.63
C ASP D 573 -3.46 -13.40 26.04
N VAL D 574 -3.17 -14.38 25.19
CA VAL D 574 -1.99 -14.34 24.32
C VAL D 574 -2.21 -13.22 23.31
N ASP D 575 -3.48 -13.03 22.95
CA ASP D 575 -3.94 -11.94 22.11
C ASP D 575 -3.51 -10.58 22.62
N GLY D 576 -3.72 -10.34 23.92
CA GLY D 576 -3.30 -9.09 24.57
C GLY D 576 -1.82 -8.77 24.40
N ALA D 577 -0.99 -9.80 24.37
CA ALA D 577 0.44 -9.63 24.12
C ALA D 577 0.78 -9.49 22.62
N LEU D 578 0.09 -10.21 21.75
CA LEU D 578 0.38 -10.15 20.31
C LEU D 578 -0.19 -8.91 19.60
N PHE D 579 -1.24 -8.32 20.17
CA PHE D 579 -1.95 -7.23 19.51
C PHE D 579 -2.02 -5.97 20.37
N SER D 580 -1.06 -5.83 21.26
CA SER D 580 -0.99 -4.65 22.09
C SER D 580 -0.54 -3.42 21.30
N ALA D 581 -0.90 -2.25 21.84
CA ALA D 581 -0.37 -0.97 21.38
C ALA D 581 1.06 -0.73 21.87
N ASP D 582 1.48 -1.49 22.89
CA ASP D 582 2.87 -1.47 23.33
C ASP D 582 3.63 -2.51 22.53
N PHE D 583 4.61 -2.05 21.76
CA PHE D 583 5.33 -2.89 20.80
C PHE D 583 6.24 -3.92 21.49
N ARG D 584 6.35 -3.77 22.80
CA ARG D 584 7.19 -4.66 23.57
C ARG D 584 6.45 -5.88 24.09
N SER D 585 5.13 -5.91 23.97
CA SER D 585 4.33 -6.92 24.66
C SER D 585 4.67 -8.36 24.29
N ALA D 586 5.03 -8.58 23.03
CA ALA D 586 5.41 -9.90 22.54
C ALA D 586 6.65 -10.41 23.27
N GLU D 587 7.64 -9.54 23.37
CA GLU D 587 8.90 -9.84 24.03
C GLU D 587 8.66 -10.22 25.50
N ARG D 588 7.83 -9.44 26.19
CA ARG D 588 7.51 -9.69 27.61
C ARG D 588 6.84 -11.05 27.78
N PHE D 589 5.93 -11.35 26.87
CA PHE D 589 5.25 -12.63 26.87
C PHE D 589 6.21 -13.78 26.60
N ALA D 590 7.04 -13.63 25.57
CA ALA D 590 8.00 -14.68 25.25
C ALA D 590 8.83 -15.01 26.46
N GLN D 591 9.22 -13.99 27.20
CA GLN D 591 10.03 -14.19 28.40
C GLN D 591 9.23 -14.97 29.45
N LEU D 592 8.00 -14.54 29.69
CA LEU D 592 7.13 -15.22 30.64
C LEU D 592 6.93 -16.65 30.25
N TYR D 593 6.59 -16.86 28.99
CA TYR D 593 6.27 -18.19 28.54
C TYR D 593 7.47 -19.10 28.68
N THR D 594 8.64 -18.60 28.29
CA THR D 594 9.83 -19.43 28.38
C THR D 594 10.17 -19.73 29.83
N GLN D 595 10.01 -18.76 30.73
CA GLN D 595 10.20 -19.03 32.17
C GLN D 595 9.23 -20.12 32.66
N VAL D 596 7.94 -19.89 32.46
CA VAL D 596 6.89 -20.78 32.98
C VAL D 596 6.78 -22.13 32.22
N SER D 597 7.49 -22.27 31.11
CA SER D 597 7.49 -23.53 30.34
C SER D 597 8.32 -24.62 30.97
N GLY D 598 9.64 -24.55 30.77
CA GLY D 598 10.55 -25.62 31.25
C GLY D 598 10.24 -26.09 32.66
N ARG D 599 9.54 -25.25 33.44
CA ARG D 599 8.90 -25.65 34.71
C ARG D 599 8.19 -27.00 34.49
N ALA D 600 8.97 -28.09 34.55
CA ALA D 600 8.50 -29.45 34.21
C ALA D 600 9.69 -30.43 34.15
N GLY D 601 10.17 -30.70 32.93
CA GLY D 601 11.21 -31.69 32.66
C GLY D 601 12.24 -31.21 31.63
N GLU D 608 1.55 -29.18 32.85
CA GLU D 608 0.76 -28.94 31.64
C GLU D 608 0.60 -27.45 31.40
N VAL D 609 0.93 -27.02 30.19
CA VAL D 609 0.84 -25.63 29.77
C VAL D 609 -0.29 -25.51 28.75
N ILE D 610 -1.19 -24.56 28.97
CA ILE D 610 -2.30 -24.34 28.02
C ILE D 610 -2.37 -22.87 27.59
N LEU D 611 -2.27 -22.60 26.29
CA LEU D 611 -2.46 -21.25 25.73
C LEU D 611 -3.80 -21.06 25.02
N GLN D 612 -4.45 -19.92 25.30
CA GLN D 612 -5.68 -19.52 24.60
C GLN D 612 -5.43 -18.35 23.68
N THR D 613 -5.82 -18.49 22.42
CA THR D 613 -5.62 -17.41 21.46
C THR D 613 -6.61 -17.51 20.30
N HIS D 614 -6.96 -16.34 19.74
CA HIS D 614 -7.77 -16.26 18.53
C HIS D 614 -6.94 -16.55 17.26
N HIS D 615 -5.62 -16.47 17.37
CA HIS D 615 -4.74 -16.77 16.25
C HIS D 615 -3.66 -17.76 16.65
N PRO D 616 -4.03 -19.03 16.78
CA PRO D 616 -3.04 -20.06 17.08
C PRO D 616 -1.91 -20.16 16.07
N GLU D 617 -2.13 -19.74 14.82
CA GLU D 617 -1.11 -19.94 13.77
C GLU D 617 -0.23 -18.71 13.45
N HIS D 618 -0.33 -17.69 14.28
CA HIS D 618 0.54 -16.51 14.24
C HIS D 618 2.02 -16.95 14.07
N PRO D 619 2.73 -16.40 13.05
CA PRO D 619 4.15 -16.74 12.78
C PRO D 619 5.07 -16.61 13.98
N LEU D 620 5.08 -15.44 14.61
CA LEU D 620 5.85 -15.21 15.82
C LEU D 620 5.55 -16.20 16.95
N LEU D 621 4.27 -16.43 17.21
CA LEU D 621 3.88 -17.39 18.26
C LEU D 621 4.41 -18.77 17.93
N GLN D 622 4.31 -19.12 16.65
CA GLN D 622 4.71 -20.46 16.22
C GLN D 622 6.22 -20.66 16.39
N THR D 623 6.99 -19.63 16.07
CA THR D 623 8.43 -19.64 16.29
C THR D 623 8.73 -19.89 17.78
N LEU D 624 8.03 -19.18 18.66
CA LEU D 624 8.29 -19.31 20.11
C LEU D 624 8.00 -20.71 20.61
N LEU D 625 6.83 -21.24 20.23
CA LEU D 625 6.34 -22.50 20.75
C LEU D 625 7.14 -23.71 20.27
N TYR D 626 7.66 -23.64 19.04
CA TYR D 626 8.30 -24.80 18.40
C TYR D 626 9.81 -24.69 18.26
N LYS D 627 10.35 -23.48 18.19
CA LYS D 627 11.79 -23.32 18.00
C LYS D 627 12.50 -22.76 19.21
N GLY D 628 11.79 -22.04 20.07
CA GLY D 628 12.36 -21.58 21.35
C GLY D 628 12.61 -20.09 21.39
N TYR D 629 13.02 -19.59 22.56
CA TYR D 629 13.15 -18.13 22.77
C TYR D 629 14.12 -17.47 21.80
N ASP D 630 15.31 -18.02 21.62
CA ASP D 630 16.32 -17.32 20.83
C ASP D 630 15.90 -17.21 19.36
N ALA D 631 15.14 -18.19 18.87
CA ALA D 631 14.61 -18.14 17.50
C ALA D 631 13.52 -17.08 17.36
N PHE D 632 12.67 -17.00 18.39
CA PHE D 632 11.65 -15.95 18.49
C PHE D 632 12.31 -14.57 18.47
N ALA D 633 13.38 -14.45 19.23
CA ALA D 633 14.09 -13.19 19.36
C ALA D 633 14.70 -12.76 18.04
N GLU D 634 15.33 -13.69 17.33
CA GLU D 634 15.96 -13.36 16.07
C GLU D 634 14.92 -12.86 15.06
N GLN D 635 13.76 -13.51 15.05
CA GLN D 635 12.67 -13.11 14.16
C GLN D 635 11.96 -11.83 14.63
N ALA D 636 11.71 -11.71 15.93
CA ALA D 636 11.15 -10.49 16.51
C ALA D 636 12.03 -9.26 16.24
N LEU D 637 13.33 -9.47 16.34
CA LEU D 637 14.32 -8.43 16.15
C LEU D 637 14.37 -7.93 14.69
N ALA D 638 14.26 -8.83 13.74
CA ALA D 638 14.15 -8.41 12.33
C ALA D 638 12.83 -7.69 12.02
N GLU D 639 11.76 -8.00 12.77
CA GLU D 639 10.48 -7.29 12.62
C GLU D 639 10.52 -5.91 13.25
N ARG D 640 11.37 -5.74 14.25
CA ARG D 640 11.61 -4.41 14.83
C ARG D 640 12.33 -3.49 13.84
N GLN D 641 13.25 -4.05 13.07
CA GLN D 641 13.96 -3.33 12.02
C GLN D 641 13.00 -2.88 10.94
N THR D 642 12.11 -3.79 10.54
CA THR D 642 11.02 -3.50 9.60
C THR D 642 10.21 -2.30 10.06
N MET D 643 9.82 -2.29 11.31
CA MET D 643 9.00 -1.19 11.78
C MET D 643 9.79 0.01 12.33
N GLN D 644 11.12 -0.06 12.21
CA GLN D 644 12.04 0.96 12.76
C GLN D 644 11.72 1.29 14.24
N LEU D 645 11.71 0.24 15.04
CA LEU D 645 11.52 0.31 16.49
C LEU D 645 12.79 -0.08 17.23
N PRO D 646 12.86 0.30 18.50
CA PRO D 646 13.97 -0.10 19.33
C PRO D 646 14.13 -1.60 19.38
N PRO D 647 15.39 -2.09 19.46
CA PRO D 647 16.63 -1.34 19.57
C PRO D 647 17.24 -0.90 18.23
N TRP D 648 16.48 -0.98 17.14
CA TRP D 648 16.97 -0.49 15.85
C TRP D 648 16.93 1.02 15.76
N THR D 649 16.04 1.63 16.52
CA THR D 649 16.02 3.06 16.68
C THR D 649 16.10 3.39 18.16
N SER D 650 16.35 4.64 18.45
CA SER D 650 16.28 5.14 19.82
C SER D 650 14.96 5.86 19.98
N HIS D 651 14.51 5.97 21.22
CA HIS D 651 13.25 6.59 21.52
C HIS D 651 13.44 7.52 22.65
N VAL D 652 12.59 8.54 22.72
CA VAL D 652 12.56 9.46 23.86
C VAL D 652 11.13 9.93 24.11
N LEU D 653 10.64 9.71 25.32
CA LEU D 653 9.33 10.24 25.71
C LEU D 653 9.44 11.53 26.53
N ILE D 654 8.39 12.35 26.46
CA ILE D 654 8.32 13.63 27.19
C ILE D 654 6.89 13.76 27.76
N ARG D 655 6.74 13.68 29.08
CA ARG D 655 5.41 13.59 29.73
C ARG D 655 4.93 14.92 30.30
N ALA D 656 3.60 15.09 30.32
CA ALA D 656 2.99 16.32 30.82
C ALA D 656 1.69 16.00 31.54
N ASN D 660 -6.00 20.73 34.27
CA ASN D 660 -6.68 21.22 33.08
C ASN D 660 -7.13 20.17 32.01
N ASN D 661 -6.42 19.04 31.88
CA ASN D 661 -6.68 18.03 30.84
C ASN D 661 -6.35 18.49 29.41
N GLN D 662 -6.75 19.72 29.10
CA GLN D 662 -6.41 20.38 27.85
C GLN D 662 -5.19 21.35 28.04
N GLN D 663 -4.94 22.27 27.10
CA GLN D 663 -3.83 23.25 27.20
C GLN D 663 -2.39 22.69 27.37
N ALA D 664 -2.19 21.78 28.32
CA ALA D 664 -0.90 21.07 28.46
C ALA D 664 -0.43 20.40 27.18
N PRO D 665 -1.36 19.78 26.41
CA PRO D 665 -0.99 19.32 25.07
C PRO D 665 -0.54 20.44 24.10
N LEU D 666 -1.07 21.65 24.25
CA LEU D 666 -0.53 22.83 23.52
C LEU D 666 0.94 23.06 23.87
N PHE D 667 1.28 22.96 25.15
CA PHE D 667 2.68 23.03 25.55
C PHE D 667 3.59 22.10 24.76
N LEU D 668 3.19 20.84 24.66
CA LEU D 668 3.96 19.84 23.92
C LEU D 668 3.97 20.15 22.42
N GLN D 669 2.92 20.82 21.94
CA GLN D 669 2.78 21.21 20.55
C GLN D 669 3.81 22.30 20.26
N GLN D 670 4.02 23.20 21.23
CA GLN D 670 5.06 24.26 21.16
C GLN D 670 6.44 23.61 21.10
N LEU D 671 6.64 22.66 21.99
CA LEU D 671 7.89 21.92 22.07
C LEU D 671 8.13 21.06 20.84
N ARG D 672 7.06 20.55 20.24
CA ARG D 672 7.12 19.78 18.99
C ARG D 672 7.71 20.62 17.86
N ASN D 673 7.19 21.84 17.70
CA ASN D 673 7.60 22.72 16.62
C ASN D 673 8.99 23.24 16.84
N LEU D 674 9.34 23.39 18.11
CA LEU D 674 10.68 23.83 18.47
C LEU D 674 11.71 22.75 18.18
N LEU D 675 11.22 21.51 18.08
CA LEU D 675 12.04 20.36 17.73
C LEU D 675 12.18 20.19 16.22
N GLN D 676 11.25 20.77 15.47
CA GLN D 676 11.18 20.57 14.03
C GLN D 676 12.39 21.22 13.38
N ALA D 677 12.50 22.54 13.57
CA ALA D 677 13.47 23.35 12.87
C ALA D 677 14.91 23.19 13.37
N SER D 678 15.06 22.80 14.63
CA SER D 678 16.38 22.61 15.22
C SER D 678 17.27 21.92 14.22
N PRO D 679 18.48 22.46 13.98
CA PRO D 679 19.30 21.76 13.00
C PRO D 679 19.45 20.29 13.40
N LEU D 680 19.35 19.41 12.40
CA LEU D 680 19.17 17.95 12.59
C LEU D 680 17.68 17.61 12.57
N ALA D 681 17.08 17.68 11.40
CA ALA D 681 15.81 17.02 11.16
C ALA D 681 16.11 15.78 10.34
N ASP D 682 16.93 15.92 9.29
CA ASP D 682 17.36 14.80 8.41
C ASP D 682 16.23 13.90 7.89
N GLU D 683 14.99 14.39 7.99
CA GLU D 683 13.76 13.65 7.69
C GLU D 683 13.67 12.26 8.33
N LYS D 684 14.71 11.87 9.07
CA LYS D 684 14.75 10.60 9.78
C LYS D 684 14.11 10.78 11.16
N LEU D 685 14.41 11.90 11.83
CA LEU D 685 13.75 12.25 13.10
C LEU D 685 12.26 12.26 12.93
N TRP D 686 11.61 11.43 13.72
CA TRP D 686 10.21 11.19 13.54
C TRP D 686 9.57 11.39 14.88
N VAL D 687 8.59 12.28 14.90
CA VAL D 687 7.97 12.70 16.14
C VAL D 687 6.49 12.39 16.13
N LEU D 688 6.02 11.78 17.21
CA LEU D 688 4.59 11.65 17.46
C LEU D 688 4.11 12.88 18.18
N GLY D 689 3.27 13.67 17.51
CA GLY D 689 2.62 14.83 18.13
C GLY D 689 1.87 14.45 19.39
N PRO D 690 1.45 15.44 20.20
CA PRO D 690 0.85 15.18 21.51
C PRO D 690 -0.26 14.13 21.45
N VAL D 691 -0.01 12.98 22.07
CA VAL D 691 -0.94 11.87 22.13
C VAL D 691 -1.18 11.56 23.60
N PRO D 692 -2.43 11.32 23.99
CA PRO D 692 -2.72 10.95 25.38
C PRO D 692 -1.97 9.67 25.77
N ALA D 693 -1.55 9.59 27.02
CA ALA D 693 -0.78 8.43 27.49
C ALA D 693 -1.61 7.13 27.42
N LEU D 694 -1.00 5.99 27.70
CA LEU D 694 -1.79 4.78 27.94
C LEU D 694 -2.37 4.89 29.37
N ALA D 695 -2.64 6.13 29.80
CA ALA D 695 -2.99 6.43 31.19
C ALA D 695 -3.82 7.74 31.31
N TRP D 704 -0.55 13.66 29.23
CA TRP D 704 -0.12 13.61 27.83
C TRP D 704 1.39 13.35 27.64
N GLN D 705 1.82 13.11 26.40
CA GLN D 705 3.21 12.76 26.08
C GLN D 705 3.49 12.99 24.61
N ILE D 706 4.76 13.07 24.23
CA ILE D 706 5.17 12.97 22.83
C ILE D 706 6.32 12.00 22.71
N LEU D 707 6.49 11.38 21.55
CA LEU D 707 7.52 10.39 21.33
C LEU D 707 8.49 10.89 20.24
N LEU D 708 9.79 10.68 20.42
CA LEU D 708 10.79 11.06 19.42
C LEU D 708 11.57 9.81 18.96
N GLN D 709 11.88 9.69 17.68
CA GLN D 709 12.44 8.45 17.13
C GLN D 709 13.51 8.76 16.10
N HIS D 710 14.60 8.00 16.09
CA HIS D 710 15.76 8.31 15.25
C HIS D 710 16.74 7.14 15.27
N PRO D 711 17.30 6.76 14.12
CA PRO D 711 18.24 5.64 14.10
C PRO D 711 19.49 5.86 14.94
N SER D 712 20.02 7.08 14.89
CA SER D 712 21.17 7.47 15.71
C SER D 712 20.83 7.93 17.14
N ARG D 713 21.46 7.25 18.09
CA ARG D 713 21.35 7.58 19.50
C ARG D 713 21.99 8.92 19.80
N VAL D 714 23.17 9.12 19.25
CA VAL D 714 23.93 10.33 19.54
C VAL D 714 23.24 11.57 18.93
N ARG D 715 22.74 11.44 17.70
CA ARG D 715 22.05 12.57 17.06
C ARG D 715 20.79 12.98 17.81
N LEU D 716 19.99 12.01 18.20
CA LEU D 716 18.80 12.31 19.00
C LEU D 716 19.11 12.94 20.37
N GLN D 717 20.26 12.59 20.97
CA GLN D 717 20.68 13.23 22.24
C GLN D 717 20.97 14.73 22.03
N HIS D 718 21.70 15.05 20.96
CA HIS D 718 22.02 16.43 20.61
C HIS D 718 20.74 17.20 20.32
N ILE D 719 19.82 16.59 19.59
CA ILE D 719 18.62 17.29 19.16
C ILE D 719 17.84 17.70 20.40
N VAL D 720 17.79 16.81 21.40
CA VAL D 720 17.06 17.10 22.62
C VAL D 720 17.84 18.14 23.38
N SER D 721 19.17 18.01 23.36
CA SER D 721 20.02 18.91 24.14
C SER D 721 19.82 20.35 23.68
N GLY D 722 19.78 20.53 22.37
CA GLY D 722 19.67 21.86 21.78
C GLY D 722 18.29 22.45 21.98
N THR D 723 17.25 21.67 21.70
CA THR D 723 15.89 22.18 21.77
C THR D 723 15.43 22.43 23.23
N LEU D 724 16.08 21.75 24.15
CA LEU D 724 15.80 21.91 25.57
C LEU D 724 16.49 23.17 26.08
N ALA D 725 17.63 23.50 25.47
CA ALA D 725 18.43 24.65 25.87
C ALA D 725 17.62 25.93 25.85
N LEU D 726 16.75 26.09 24.86
CA LEU D 726 16.05 27.37 24.67
C LEU D 726 14.55 27.25 24.88
N ILE D 727 14.02 28.07 25.80
CA ILE D 727 12.60 28.04 26.14
C ILE D 727 12.19 29.47 26.38
N TRP D 738 6.20 18.14 33.89
CA TRP D 738 7.08 17.99 32.72
C TRP D 738 8.33 17.13 33.04
N VAL D 739 8.40 15.92 32.48
CA VAL D 739 9.55 15.00 32.67
C VAL D 739 10.00 14.35 31.36
N LEU D 740 11.25 13.91 31.36
CA LEU D 740 11.96 13.51 30.16
C LEU D 740 12.49 12.08 30.37
N ASP D 741 12.11 11.17 29.48
CA ASP D 741 12.43 9.75 29.64
C ASP D 741 13.17 9.23 28.38
N VAL D 742 14.47 9.05 28.48
CA VAL D 742 15.27 8.54 27.39
C VAL D 742 15.28 7.01 27.43
N ASP D 743 15.15 6.38 26.26
CA ASP D 743 15.09 4.92 26.15
C ASP D 743 14.07 4.34 27.13
N PRO D 744 12.79 4.69 26.95
CA PRO D 744 11.76 4.29 27.88
C PRO D 744 11.41 2.82 27.70
N ILE D 745 11.00 2.14 28.77
CA ILE D 745 10.43 0.79 28.66
C ILE D 745 8.90 0.82 28.49
N GLU D 746 8.34 2.04 28.49
CA GLU D 746 6.91 2.29 28.26
C GLU D 746 6.08 1.87 29.47
N GLY D 747 6.11 0.57 29.78
CA GLY D 747 5.27 -0.01 30.85
C GLY D 747 5.83 0.17 32.24
N ILE E 8 0.69 32.02 4.49
CA ILE E 8 1.03 32.21 3.05
C ILE E 8 1.10 33.73 2.71
N PRO E 9 2.09 34.15 1.88
CA PRO E 9 2.19 35.56 1.55
C PRO E 9 1.48 35.92 0.24
N PHE E 10 1.22 34.92 -0.59
CA PHE E 10 0.28 35.05 -1.72
C PHE E 10 0.37 33.79 -2.56
N VAL F 19 33.49 31.27 -10.65
CA VAL F 19 32.65 30.26 -11.36
C VAL F 19 31.16 30.64 -11.44
N ALA F 20 30.63 30.58 -12.65
CA ALA F 20 29.28 31.03 -12.96
C ALA F 20 28.31 29.87 -13.19
N HIS F 21 27.18 29.91 -12.46
CA HIS F 21 26.07 28.98 -12.65
C HIS F 21 25.16 29.50 -13.79
N VAL F 22 25.26 28.86 -14.94
CA VAL F 22 24.58 29.35 -16.14
C VAL F 22 23.35 28.49 -16.44
N ALA F 23 22.25 29.13 -16.81
CA ALA F 23 21.03 28.43 -17.20
C ALA F 23 20.93 28.34 -18.73
N LEU F 24 20.61 27.14 -19.21
CA LEU F 24 20.51 26.86 -20.64
C LEU F 24 19.08 26.46 -21.00
N PRO F 25 18.64 26.78 -22.23
CA PRO F 25 17.26 26.55 -22.71
C PRO F 25 16.94 25.06 -22.92
N VAL F 26 16.95 24.30 -21.83
CA VAL F 26 16.81 22.86 -21.89
C VAL F 26 15.76 22.37 -20.90
N PRO F 27 15.09 21.24 -21.21
CA PRO F 27 14.04 20.70 -20.33
C PRO F 27 14.53 20.02 -19.03
N LEU F 28 15.69 20.44 -18.52
CA LEU F 28 16.26 19.86 -17.31
C LEU F 28 16.36 20.95 -16.24
N PRO F 29 15.88 20.65 -15.00
CA PRO F 29 15.64 21.66 -13.97
C PRO F 29 16.89 22.12 -13.22
N ARG F 30 17.94 22.44 -13.96
CA ARG F 30 19.26 22.65 -13.36
C ARG F 30 20.12 23.65 -14.11
N THR F 31 21.17 24.09 -13.43
CA THR F 31 22.09 25.09 -13.92
C THR F 31 23.41 24.40 -14.23
N PHE F 32 24.10 24.86 -15.29
CA PHE F 32 25.36 24.26 -15.70
C PHE F 32 26.48 25.23 -15.35
N ASP F 33 27.59 24.71 -14.83
CA ASP F 33 28.66 25.59 -14.36
C ASP F 33 29.76 25.85 -15.40
N TYR F 34 30.35 27.03 -15.32
CA TYR F 34 31.42 27.45 -16.24
C TYR F 34 32.41 28.41 -15.57
N LEU F 35 33.60 28.57 -16.16
CA LEU F 35 34.67 29.37 -15.57
C LEU F 35 34.71 30.81 -16.11
N LEU F 36 35.08 31.74 -15.22
CA LEU F 36 35.20 33.16 -15.56
C LEU F 36 36.66 33.65 -15.54
N PRO F 37 37.31 33.75 -16.73
CA PRO F 37 38.63 34.41 -16.76
C PRO F 37 38.51 35.90 -16.46
N GLU F 38 39.40 36.43 -15.62
CA GLU F 38 39.18 37.69 -14.89
C GLU F 38 37.82 38.33 -15.16
N ALA F 44 24.70 38.51 -12.59
CA ALA F 44 23.68 37.50 -12.87
C ALA F 44 22.52 38.13 -13.62
N GLY F 45 22.01 37.40 -14.60
CA GLY F 45 21.01 37.96 -15.50
C GLY F 45 21.56 38.48 -16.82
N CYS F 46 22.87 38.31 -17.04
CA CYS F 46 23.47 38.64 -18.33
C CYS F 46 23.51 37.42 -19.21
N ARG F 47 23.46 37.65 -20.51
CA ARG F 47 23.57 36.56 -21.47
C ARG F 47 25.04 36.26 -21.74
N VAL F 48 25.31 34.97 -21.95
CA VAL F 48 26.66 34.50 -22.25
C VAL F 48 26.62 33.46 -23.37
N ARG F 49 27.77 33.33 -24.04
CA ARG F 49 27.98 32.33 -25.08
C ARG F 49 28.90 31.32 -24.45
N VAL F 50 28.42 30.08 -24.31
CA VAL F 50 29.21 29.01 -23.68
C VAL F 50 29.28 27.76 -24.56
N PRO F 51 30.33 26.96 -24.38
CA PRO F 51 30.35 25.65 -25.04
C PRO F 51 29.39 24.67 -24.36
N PHE F 52 28.73 23.83 -25.16
CA PHE F 52 27.84 22.82 -24.61
C PHE F 52 28.01 21.54 -25.41
N GLY F 53 28.85 20.64 -24.90
CA GLY F 53 29.31 19.50 -25.68
C GLY F 53 30.33 19.99 -26.70
N LYS F 54 30.14 19.61 -27.96
CA LYS F 54 31.04 20.05 -29.02
C LYS F 54 30.55 21.31 -29.72
N GLN F 55 29.23 21.48 -29.76
CA GLN F 55 28.57 22.69 -30.27
C GLN F 55 28.72 23.91 -29.35
N GLU F 56 28.15 25.04 -29.76
CA GLU F 56 28.08 26.23 -28.92
C GLU F 56 26.63 26.63 -28.66
N ARG F 57 26.38 27.29 -27.53
CA ARG F 57 25.03 27.66 -27.07
C ARG F 57 24.99 29.05 -26.43
N ILE F 58 23.81 29.66 -26.42
CA ILE F 58 23.59 30.87 -25.66
C ILE F 58 23.01 30.45 -24.31
N GLY F 59 23.42 31.16 -23.25
CA GLY F 59 22.91 30.89 -21.90
C GLY F 59 22.71 32.17 -21.09
N ILE F 60 22.08 32.04 -19.92
CA ILE F 60 21.90 33.16 -18.99
C ILE F 60 22.43 32.83 -17.58
N VAL F 61 23.12 33.79 -16.98
CA VAL F 61 23.82 33.53 -15.73
C VAL F 61 22.84 33.56 -14.57
N LYS F 76 34.75 24.15 -18.25
CA LYS F 76 35.13 24.99 -19.38
C LYS F 76 34.77 26.47 -19.18
N PRO F 77 35.57 27.38 -19.77
CA PRO F 77 35.26 28.80 -19.65
C PRO F 77 34.15 29.27 -20.61
N VAL F 78 33.73 30.52 -20.40
CA VAL F 78 32.61 31.11 -21.13
C VAL F 78 32.92 31.37 -22.61
N LEU F 82 27.97 38.37 -23.56
CA LEU F 82 27.15 39.08 -24.55
C LEU F 82 26.49 40.36 -24.04
N ASP F 83 26.38 40.50 -22.73
CA ASP F 83 25.71 41.67 -22.17
C ASP F 83 26.63 42.42 -21.23
N ASP F 84 26.54 43.74 -21.30
CA ASP F 84 27.15 44.64 -20.31
C ASP F 84 26.35 44.59 -18.99
N GLU F 85 25.03 44.82 -19.10
CA GLU F 85 24.11 44.87 -17.97
C GLU F 85 23.11 43.72 -18.01
N PRO F 86 22.52 43.36 -16.85
CA PRO F 86 21.53 42.27 -16.85
C PRO F 86 20.38 42.53 -17.82
N VAL F 87 19.98 41.50 -18.54
CA VAL F 87 18.96 41.65 -19.57
C VAL F 87 17.54 41.61 -18.98
N PHE F 88 17.40 41.26 -17.71
CA PHE F 88 16.12 41.35 -17.02
C PHE F 88 16.26 42.39 -15.94
N SER F 89 15.20 43.11 -15.66
CA SER F 89 15.23 44.06 -14.56
C SER F 89 15.31 43.30 -13.22
N THR F 90 15.56 44.03 -12.14
CA THR F 90 15.57 43.44 -10.79
C THR F 90 14.29 42.64 -10.45
N THR F 91 13.13 43.28 -10.60
CA THR F 91 11.84 42.70 -10.18
C THR F 91 11.35 41.63 -11.15
N VAL F 92 11.60 41.82 -12.45
CA VAL F 92 11.30 40.79 -13.45
C VAL F 92 12.17 39.56 -13.19
N TRP F 93 13.45 39.75 -12.86
CA TRP F 93 14.31 38.63 -12.51
C TRP F 93 13.74 37.86 -11.32
N ARG F 94 13.39 38.58 -10.24
CA ARG F 94 12.77 37.98 -9.04
C ARG F 94 11.50 37.19 -9.37
N LEU F 95 10.65 37.80 -10.19
CA LEU F 95 9.40 37.19 -10.63
C LEU F 95 9.64 35.85 -11.32
N LEU F 96 10.58 35.81 -12.27
CA LEU F 96 10.82 34.60 -13.04
C LEU F 96 11.38 33.49 -12.18
N MET F 97 12.18 33.86 -11.18
CA MET F 97 12.79 32.89 -10.28
C MET F 97 11.73 32.20 -9.43
N TRP F 98 10.81 32.99 -8.90
CA TRP F 98 9.70 32.46 -8.14
C TRP F 98 8.78 31.59 -9.02
N ALA F 99 8.44 32.10 -10.20
CA ALA F 99 7.52 31.41 -11.09
C ALA F 99 8.04 30.05 -11.56
N ALA F 100 9.32 29.96 -11.88
CA ALA F 100 9.92 28.70 -12.28
C ALA F 100 9.73 27.67 -11.18
N GLU F 101 9.94 28.07 -9.93
CA GLU F 101 9.84 27.13 -8.80
C GLU F 101 8.39 26.81 -8.44
N TYR F 102 7.49 27.76 -8.66
CA TYR F 102 6.07 27.56 -8.34
C TYR F 102 5.38 26.65 -9.35
N TYR F 103 5.72 26.80 -10.63
CA TYR F 103 5.18 25.95 -11.70
C TYR F 103 6.05 24.72 -11.98
N HIS F 104 7.16 24.60 -11.26
CA HIS F 104 8.07 23.46 -11.39
C HIS F 104 8.49 23.22 -12.83
N HIS F 105 8.97 24.29 -13.45
CA HIS F 105 9.42 24.27 -14.82
C HIS F 105 10.88 24.67 -14.88
N PRO F 106 11.67 24.03 -15.77
CA PRO F 106 13.12 24.25 -15.87
C PRO F 106 13.51 25.71 -15.90
N ILE F 107 14.45 26.12 -15.03
CA ILE F 107 14.85 27.54 -14.92
C ILE F 107 15.37 28.04 -16.27
N GLY F 108 16.01 27.13 -17.02
CA GLY F 108 16.45 27.41 -18.38
C GLY F 108 15.36 27.80 -19.37
N ASP F 109 14.38 26.91 -19.56
CA ASP F 109 13.24 27.25 -20.40
C ASP F 109 12.73 28.59 -19.88
N VAL F 110 12.10 28.58 -18.70
CA VAL F 110 11.43 29.76 -18.14
C VAL F 110 12.11 31.06 -18.56
N LEU F 111 13.42 31.18 -18.32
CA LEU F 111 14.15 32.41 -18.61
C LEU F 111 14.23 32.74 -20.10
N PHE F 112 14.41 31.72 -20.93
CA PHE F 112 14.50 31.91 -22.38
C PHE F 112 13.13 32.14 -23.03
N HIS F 113 12.10 31.53 -22.47
CA HIS F 113 10.72 31.84 -22.85
C HIS F 113 10.35 33.32 -22.62
N ALA F 114 10.94 33.93 -21.60
CA ALA F 114 10.63 35.32 -21.26
C ALA F 114 11.32 36.35 -22.17
N LEU F 115 12.29 35.91 -22.98
CA LEU F 115 13.04 36.82 -23.85
C LEU F 115 12.48 36.90 -25.27
N PRO F 116 12.61 38.07 -25.92
CA PRO F 116 12.41 38.24 -27.36
C PRO F 116 13.23 37.23 -28.15
N VAL F 117 12.70 36.78 -29.28
CA VAL F 117 13.35 35.72 -30.03
C VAL F 117 14.81 36.12 -30.33
N MET F 118 15.00 37.37 -30.72
CA MET F 118 16.33 37.85 -31.06
C MET F 118 17.33 37.80 -29.91
N LEU F 119 16.87 37.99 -28.67
CA LEU F 119 17.77 37.90 -27.51
C LEU F 119 18.08 36.44 -27.13
N ARG F 120 17.19 35.51 -27.46
CA ARG F 120 17.45 34.07 -27.30
C ARG F 120 18.62 33.58 -28.16
N GLN F 121 18.74 34.15 -29.35
CA GLN F 121 19.74 33.72 -30.32
C GLN F 121 21.09 34.42 -30.14
N GLY F 122 21.21 35.27 -29.12
CA GLY F 122 22.50 35.86 -28.76
C GLY F 122 22.84 37.14 -29.52
N LYS F 123 21.83 37.86 -30.01
CA LYS F 123 22.07 39.11 -30.72
C LYS F 123 22.13 40.28 -29.73
N PRO F 124 22.70 41.42 -30.16
CA PRO F 124 22.89 42.50 -29.21
C PRO F 124 21.59 43.12 -28.73
N ALA F 125 21.64 43.70 -27.54
CA ALA F 125 20.50 44.40 -26.95
C ALA F 125 20.47 45.89 -27.38
N SER F 126 20.23 46.12 -28.67
CA SER F 126 20.04 47.45 -29.28
C SER F 126 19.33 47.29 -30.65
N ALA F 127 18.69 48.33 -31.17
CA ALA F 127 17.78 48.12 -32.34
C ALA F 127 18.50 47.67 -33.62
N LEU F 212 -15.19 66.29 -19.56
CA LEU F 212 -15.77 65.57 -18.45
C LEU F 212 -16.65 64.41 -18.91
N ARG F 213 -16.00 63.26 -18.93
CA ARG F 213 -16.65 62.03 -19.31
C ARG F 213 -17.16 61.23 -18.10
N LEU F 214 -16.33 61.06 -17.07
CA LEU F 214 -16.68 60.21 -15.90
C LEU F 214 -17.95 60.61 -15.12
N ASN F 215 -18.76 59.63 -14.74
CA ASN F 215 -19.92 59.85 -13.83
C ASN F 215 -19.52 59.66 -12.36
N THR F 216 -20.49 59.53 -11.46
CA THR F 216 -20.24 59.34 -10.03
C THR F 216 -19.40 58.10 -9.67
N GLU F 217 -19.92 56.91 -9.98
CA GLU F 217 -19.25 55.64 -9.70
C GLU F 217 -17.85 55.56 -10.34
N GLN F 218 -17.77 55.96 -11.60
CA GLN F 218 -16.52 55.95 -12.34
C GLN F 218 -15.45 56.82 -11.68
N ALA F 219 -15.84 58.02 -11.29
CA ALA F 219 -14.95 58.95 -10.62
C ALA F 219 -14.41 58.35 -9.32
N THR F 220 -15.30 57.78 -8.52
CA THR F 220 -14.95 57.21 -7.20
C THR F 220 -13.86 56.16 -7.34
N ALA F 221 -14.05 55.30 -8.34
CA ALA F 221 -13.12 54.23 -8.68
C ALA F 221 -11.75 54.80 -8.99
N VAL F 222 -11.72 55.80 -9.86
CA VAL F 222 -10.47 56.44 -10.25
C VAL F 222 -9.78 57.04 -9.02
N GLY F 223 -10.55 57.70 -8.16
CA GLY F 223 -10.03 58.27 -6.93
C GLY F 223 -9.46 57.24 -5.96
N ALA F 224 -10.24 56.18 -5.74
CA ALA F 224 -9.85 55.09 -4.82
C ALA F 224 -8.50 54.49 -5.18
N ILE F 225 -8.36 54.12 -6.45
CA ILE F 225 -7.12 53.57 -6.99
C ILE F 225 -5.98 54.57 -6.88
N HIS F 226 -6.27 55.82 -7.22
CA HIS F 226 -5.27 56.88 -7.26
C HIS F 226 -4.75 57.21 -5.85
N SER F 227 -5.59 57.04 -4.83
CA SER F 227 -5.21 57.33 -3.45
C SER F 227 -4.32 56.24 -2.82
N ALA F 228 -4.20 55.10 -3.49
CA ALA F 228 -3.29 54.04 -3.06
C ALA F 228 -2.27 53.70 -4.15
N ALA F 229 -2.08 54.63 -5.09
CA ALA F 229 -1.24 54.41 -6.29
C ALA F 229 0.26 54.38 -5.99
N ASP F 230 0.65 54.79 -4.77
CA ASP F 230 2.06 54.81 -4.39
CA ASP F 230 2.04 54.83 -4.34
C ASP F 230 2.51 53.50 -3.73
N ARG F 231 1.67 52.46 -3.82
CA ARG F 231 1.99 51.15 -3.24
C ARG F 231 1.19 50.05 -3.94
N PHE F 232 1.36 48.80 -3.50
CA PHE F 232 0.58 47.70 -4.08
C PHE F 232 -0.88 47.74 -3.59
N SER F 233 -1.77 47.39 -4.50
CA SER F 233 -3.18 47.27 -4.22
C SER F 233 -3.81 46.59 -5.43
N ALA F 234 -4.46 45.45 -5.20
CA ALA F 234 -5.12 44.71 -6.25
C ALA F 234 -6.61 45.01 -6.26
N TRP F 235 -7.07 45.71 -7.31
CA TRP F 235 -8.47 46.07 -7.44
C TRP F 235 -9.19 45.25 -8.51
N LEU F 236 -10.36 44.72 -8.15
CA LEU F 236 -11.27 44.15 -9.13
C LEU F 236 -12.27 45.21 -9.57
N LEU F 237 -12.22 45.57 -10.84
CA LEU F 237 -13.17 46.51 -11.40
C LEU F 237 -14.30 45.71 -12.00
N ALA F 238 -15.40 45.63 -11.25
CA ALA F 238 -16.50 44.76 -11.61
C ALA F 238 -17.70 45.56 -12.11
N GLY F 239 -17.99 45.44 -13.41
CA GLY F 239 -19.11 46.17 -14.03
C GLY F 239 -19.67 45.51 -15.25
N ILE F 240 -21.01 45.56 -15.40
CA ILE F 240 -21.75 44.94 -16.54
C ILE F 240 -21.29 45.51 -17.88
N THR F 241 -21.56 44.82 -18.98
CA THR F 241 -20.74 44.99 -20.20
C THR F 241 -20.86 46.39 -20.81
N GLY F 242 -19.70 47.06 -20.95
CA GLY F 242 -19.61 48.39 -21.50
C GLY F 242 -20.22 49.48 -20.63
N SER F 243 -20.32 49.24 -19.32
CA SER F 243 -20.64 50.31 -18.36
C SER F 243 -19.41 51.20 -18.23
N GLY F 244 -18.38 50.87 -19.02
CA GLY F 244 -17.27 51.76 -19.27
C GLY F 244 -16.20 51.48 -18.25
N LYS F 245 -15.87 50.21 -18.09
CA LYS F 245 -14.71 49.88 -17.29
C LYS F 245 -13.51 50.51 -18.00
N THR F 246 -13.52 50.42 -19.33
CA THR F 246 -12.47 50.98 -20.18
C THR F 246 -12.19 52.43 -19.84
N GLU F 247 -13.25 53.17 -19.55
CA GLU F 247 -13.16 54.59 -19.20
C GLU F 247 -12.35 54.79 -17.92
N VAL F 248 -12.50 53.88 -16.96
CA VAL F 248 -11.72 53.93 -15.72
C VAL F 248 -10.25 53.63 -16.01
N TYR F 249 -9.97 52.57 -16.78
CA TYR F 249 -8.59 52.29 -17.21
C TYR F 249 -7.94 53.54 -17.76
N LEU F 250 -8.61 54.20 -18.70
CA LEU F 250 -8.03 55.33 -19.41
C LEU F 250 -7.74 56.53 -18.49
N SER F 251 -8.63 56.76 -17.54
CA SER F 251 -8.46 57.86 -16.59
C SER F 251 -7.38 57.56 -15.57
N VAL F 252 -7.33 56.34 -15.06
CA VAL F 252 -6.27 55.93 -14.12
C VAL F 252 -4.91 56.02 -14.80
N LEU F 253 -4.84 55.54 -16.04
CA LEU F 253 -3.64 55.69 -16.84
C LEU F 253 -3.22 57.15 -17.02
N GLU F 254 -4.18 58.05 -17.21
CA GLU F 254 -3.84 59.47 -17.33
C GLU F 254 -3.09 59.96 -16.10
N ASN F 255 -3.59 59.62 -14.92
CA ASN F 255 -2.94 60.01 -13.66
C ASN F 255 -1.54 59.42 -13.46
N VAL F 256 -1.39 58.15 -13.82
CA VAL F 256 -0.08 57.46 -13.79
C VAL F 256 0.88 58.05 -14.82
N LEU F 257 0.41 58.23 -16.04
CA LEU F 257 1.22 58.87 -17.08
C LEU F 257 1.57 60.33 -16.75
N ALA F 258 0.72 61.02 -15.98
CA ALA F 258 0.99 62.40 -15.54
C ALA F 258 2.26 62.48 -14.72
N GLN F 259 2.36 61.53 -13.80
CA GLN F 259 3.50 61.40 -12.92
C GLN F 259 4.76 60.89 -13.62
N GLY F 260 4.65 60.56 -14.91
CA GLY F 260 5.81 60.10 -15.68
C GLY F 260 6.22 58.67 -15.37
N ARG F 261 5.21 57.84 -15.09
CA ARG F 261 5.40 56.40 -14.90
C ARG F 261 4.69 55.64 -16.03
N GLN F 262 5.18 54.43 -16.32
CA GLN F 262 4.69 53.66 -17.45
C GLN F 262 3.50 52.78 -17.06
N ALA F 263 2.90 52.13 -18.07
CA ALA F 263 1.78 51.19 -17.82
C ALA F 263 1.75 49.98 -18.77
N LEU F 264 1.31 48.86 -18.21
CA LEU F 264 1.10 47.61 -18.95
C LEU F 264 -0.40 47.32 -19.02
N VAL F 265 -0.89 47.19 -20.25
CA VAL F 265 -2.29 46.87 -20.48
C VAL F 265 -2.40 45.52 -21.18
N MET F 266 -3.00 44.57 -20.48
CA MET F 266 -3.16 43.24 -21.00
C MET F 266 -4.58 42.98 -21.42
N VAL F 267 -4.70 42.43 -22.60
CA VAL F 267 -5.97 42.02 -23.15
C VAL F 267 -5.88 40.55 -23.53
N PRO F 268 -7.04 39.90 -23.69
CA PRO F 268 -7.00 38.56 -24.26
C PRO F 268 -6.45 38.57 -25.69
N GLU F 269 -5.97 37.42 -26.13
CA GLU F 269 -5.35 37.30 -27.44
C GLU F 269 -6.21 37.92 -28.54
N ILE F 270 -7.52 37.73 -28.45
CA ILE F 270 -8.46 38.20 -29.46
C ILE F 270 -8.98 39.61 -29.22
N GLY F 271 -8.44 40.30 -28.20
CA GLY F 271 -8.95 41.63 -27.79
C GLY F 271 -8.20 42.83 -28.34
N LEU F 272 -7.08 42.57 -29.02
CA LEU F 272 -6.33 43.60 -29.73
C LEU F 272 -6.93 43.89 -31.10
N THR F 273 -8.15 44.45 -31.13
CA THR F 273 -8.75 44.92 -32.37
C THR F 273 -8.17 46.30 -32.71
N PRO F 274 -7.98 46.56 -34.00
CA PRO F 274 -7.54 47.91 -34.31
C PRO F 274 -8.50 49.05 -33.84
N GLN F 275 -9.78 48.78 -33.64
CA GLN F 275 -10.70 49.75 -32.99
C GLN F 275 -10.23 50.16 -31.58
N THR F 276 -9.96 49.14 -30.77
CA THR F 276 -9.50 49.31 -29.39
C THR F 276 -8.16 50.04 -29.40
N ILE F 277 -7.26 49.62 -30.29
CA ILE F 277 -5.93 50.23 -30.36
C ILE F 277 -6.01 51.73 -30.69
N ALA F 278 -6.72 52.05 -31.77
CA ALA F 278 -6.81 53.45 -32.18
C ALA F 278 -7.49 54.30 -31.09
N ARG F 279 -8.42 53.72 -30.34
CA ARG F 279 -9.10 54.48 -29.27
C ARG F 279 -8.10 54.91 -28.17
N PHE F 280 -7.15 54.03 -27.88
CA PHE F 280 -6.02 54.34 -26.98
C PHE F 280 -5.11 55.40 -27.56
N ARG F 281 -4.69 55.19 -28.81
CA ARG F 281 -3.71 56.05 -29.42
C ARG F 281 -4.23 57.47 -29.46
N GLN F 282 -5.54 57.63 -29.66
CA GLN F 282 -6.16 58.98 -29.73
C GLN F 282 -6.30 59.65 -28.36
N ARG F 283 -6.47 58.85 -27.31
CA ARG F 283 -6.65 59.36 -25.95
C ARG F 283 -5.36 59.92 -25.34
N PHE F 284 -4.25 59.27 -25.63
CA PHE F 284 -2.97 59.63 -25.02
C PHE F 284 -2.05 60.26 -26.02
N ASN F 285 -1.69 61.52 -25.77
CA ASN F 285 -0.64 62.14 -26.55
C ASN F 285 0.74 61.71 -25.97
N ALA F 286 1.02 60.40 -25.99
CA ALA F 286 2.30 59.78 -25.56
C ALA F 286 2.48 58.53 -26.38
N PRO F 287 3.73 58.01 -26.47
CA PRO F 287 3.92 56.80 -27.27
C PRO F 287 3.28 55.58 -26.66
N VAL F 288 2.55 54.82 -27.47
CA VAL F 288 1.92 53.58 -27.05
C VAL F 288 2.53 52.50 -27.91
N GLU F 289 3.03 51.46 -27.25
CA GLU F 289 3.67 50.36 -27.96
C GLU F 289 2.77 49.13 -27.92
N VAL F 290 2.37 48.66 -29.09
CA VAL F 290 1.41 47.58 -29.14
C VAL F 290 2.08 46.31 -29.64
N LEU F 291 2.01 45.27 -28.81
CA LEU F 291 2.56 43.98 -29.15
C LEU F 291 1.45 43.08 -29.67
N HIS F 292 1.08 43.25 -30.93
CA HIS F 292 0.11 42.32 -31.55
C HIS F 292 0.85 41.17 -32.19
N SER F 293 0.13 40.07 -32.44
CA SER F 293 0.75 38.84 -32.90
C SER F 293 1.34 38.98 -34.31
N GLY F 294 1.02 40.07 -35.00
CA GLY F 294 1.53 40.36 -36.33
C GLY F 294 2.88 41.06 -36.43
N LEU F 295 3.57 41.24 -35.30
CA LEU F 295 4.92 41.79 -35.33
C LEU F 295 5.97 40.71 -35.61
N ASN F 296 7.00 41.07 -36.38
CA ASN F 296 8.19 40.22 -36.59
C ASN F 296 9.20 40.41 -35.47
N ASP F 297 10.31 39.68 -35.52
CA ASP F 297 11.25 39.65 -34.40
C ASP F 297 12.03 40.98 -34.20
N SER F 298 12.42 41.64 -35.30
CA SER F 298 13.03 42.98 -35.24
C SER F 298 12.14 43.95 -34.46
N GLU F 299 10.88 43.96 -34.88
CA GLU F 299 9.85 44.84 -34.31
C GLU F 299 9.58 44.53 -32.84
N ARG F 300 9.44 43.24 -32.51
CA ARG F 300 9.23 42.81 -31.11
C ARG F 300 10.38 43.24 -30.21
N LEU F 301 11.61 43.04 -30.67
CA LEU F 301 12.78 43.43 -29.90
C LEU F 301 12.84 44.95 -29.70
N SER F 302 12.62 45.70 -30.78
CA SER F 302 12.70 47.14 -30.71
C SER F 302 11.67 47.70 -29.73
N ALA F 303 10.48 47.12 -29.71
CA ALA F 303 9.42 47.51 -28.77
C ALA F 303 9.78 47.18 -27.32
N TRP F 304 10.42 46.03 -27.13
CA TRP F 304 10.89 45.58 -25.83
C TRP F 304 11.92 46.58 -25.28
N LEU F 305 12.78 47.07 -26.16
CA LEU F 305 13.79 48.06 -25.80
C LEU F 305 13.13 49.38 -25.43
N LYS F 306 12.14 49.80 -26.22
CA LYS F 306 11.44 51.07 -25.99
C LYS F 306 10.77 51.12 -24.64
N ALA F 307 10.27 49.97 -24.18
CA ALA F 307 9.64 49.84 -22.88
C ALA F 307 10.65 49.88 -21.75
N LYS F 308 11.76 49.17 -21.97
CA LYS F 308 12.87 49.13 -21.03
C LYS F 308 13.51 50.52 -20.79
N ASN F 309 13.57 51.34 -21.85
CA ASN F 309 14.21 52.66 -21.85
C ASN F 309 13.32 53.82 -21.44
N GLY F 310 12.04 53.54 -21.19
CA GLY F 310 11.10 54.59 -20.79
C GLY F 310 10.66 55.48 -21.93
N GLU F 311 10.83 55.00 -23.15
CA GLU F 311 10.37 55.71 -24.33
C GLU F 311 8.90 55.41 -24.56
N ALA F 312 8.45 54.22 -24.16
CA ALA F 312 7.07 53.81 -24.34
C ALA F 312 6.30 54.07 -23.07
N ALA F 313 5.34 54.99 -23.15
CA ALA F 313 4.49 55.34 -22.00
C ALA F 313 3.53 54.20 -21.64
N ILE F 314 2.91 53.59 -22.66
CA ILE F 314 2.04 52.44 -22.44
C ILE F 314 2.46 51.26 -23.33
N VAL F 315 2.40 50.05 -22.76
CA VAL F 315 2.58 48.83 -23.53
C VAL F 315 1.27 48.04 -23.49
N ILE F 316 0.74 47.75 -24.67
CA ILE F 316 -0.46 46.92 -24.77
C ILE F 316 -0.07 45.61 -25.43
N GLY F 317 -0.43 44.50 -24.80
CA GLY F 317 -0.18 43.21 -25.42
C GLY F 317 -1.07 42.14 -24.85
N THR F 318 -0.70 40.90 -25.10
CA THR F 318 -1.44 39.76 -24.62
C THR F 318 -0.65 39.06 -23.52
N ARG F 319 -1.06 37.84 -23.18
CA ARG F 319 -0.38 37.02 -22.20
C ARG F 319 1.14 37.26 -22.01
N SER F 320 1.94 37.25 -23.08
CA SER F 320 3.41 37.31 -22.96
C SER F 320 3.95 38.71 -22.69
N SER F 321 3.12 39.72 -22.95
CA SER F 321 3.43 41.10 -22.57
C SER F 321 3.68 41.27 -21.06
N LEU F 322 3.34 40.26 -20.28
CA LEU F 322 3.58 40.25 -18.83
C LEU F 322 5.06 40.41 -18.46
N PHE F 323 5.96 39.84 -19.27
CA PHE F 323 7.40 39.83 -18.98
C PHE F 323 8.15 41.03 -19.58
N THR F 324 7.47 41.97 -20.23
CA THR F 324 8.18 43.12 -20.85
C THR F 324 8.73 44.01 -19.72
N PRO F 325 9.98 44.46 -19.86
CA PRO F 325 10.68 45.27 -18.86
C PRO F 325 10.23 46.74 -18.87
N PHE F 326 10.33 47.41 -17.73
CA PHE F 326 9.92 48.82 -17.61
C PHE F 326 10.93 49.65 -16.80
N LYS F 327 11.26 50.84 -17.29
CA LYS F 327 12.09 51.79 -16.55
C LYS F 327 11.39 52.22 -15.25
N ASP F 328 10.09 52.50 -15.31
CA ASP F 328 9.30 52.73 -14.11
C ASP F 328 7.83 52.39 -14.33
N LEU F 329 7.48 51.13 -14.04
CA LEU F 329 6.12 50.66 -14.20
C LEU F 329 5.28 51.16 -13.06
N GLY F 330 4.14 51.77 -13.38
CA GLY F 330 3.27 52.42 -12.41
C GLY F 330 1.95 51.72 -12.18
N VAL F 331 1.47 50.97 -13.16
CA VAL F 331 0.19 50.29 -13.02
C VAL F 331 0.04 49.17 -14.04
N ILE F 332 -0.71 48.14 -13.67
CA ILE F 332 -1.06 47.05 -14.57
C ILE F 332 -2.59 46.93 -14.70
N VAL F 333 -3.06 46.85 -15.95
CA VAL F 333 -4.48 46.65 -16.26
C VAL F 333 -4.60 45.31 -16.94
N ILE F 334 -5.51 44.49 -16.44
CA ILE F 334 -5.87 43.29 -17.18
C ILE F 334 -7.36 43.36 -17.48
N ASP F 335 -7.69 43.49 -18.76
CA ASP F 335 -9.08 43.45 -19.18
C ASP F 335 -9.54 42.00 -19.40
N GLU F 336 -10.83 41.75 -19.17
CA GLU F 336 -11.42 40.43 -19.30
C GLU F 336 -10.66 39.40 -18.47
N GLU F 337 -10.34 39.81 -17.26
CA GLU F 337 -9.57 39.04 -16.29
C GLU F 337 -9.85 37.53 -16.30
N HIS F 338 -11.10 37.17 -16.58
CA HIS F 338 -11.57 35.79 -16.56
C HIS F 338 -11.15 34.94 -17.77
N ASP F 339 -10.74 35.59 -18.86
CA ASP F 339 -10.51 34.88 -20.14
C ASP F 339 -9.43 33.79 -20.05
N SER F 340 -9.65 32.73 -20.83
CA SER F 340 -8.78 31.53 -20.92
C SER F 340 -7.38 31.78 -21.45
N SER F 341 -7.24 32.74 -22.36
CA SER F 341 -5.99 32.96 -23.04
C SER F 341 -4.87 33.34 -22.08
N TYR F 342 -5.23 33.76 -20.87
CA TYR F 342 -4.21 34.16 -19.90
C TYR F 342 -3.47 32.97 -19.33
N LYS F 343 -4.01 31.78 -19.55
CA LYS F 343 -3.35 30.56 -19.14
C LYS F 343 -2.69 29.93 -20.35
N GLN F 344 -1.39 29.75 -20.26
CA GLN F 344 -0.65 29.16 -21.36
C GLN F 344 -0.86 27.67 -21.32
N GLN F 345 -1.19 27.10 -22.47
CA GLN F 345 -1.57 25.69 -22.58
C GLN F 345 -0.43 24.80 -23.10
N GLU F 346 0.63 25.38 -23.65
CA GLU F 346 1.78 24.59 -24.07
C GLU F 346 3.07 24.97 -23.38
N GLY F 347 3.89 23.95 -23.12
CA GLY F 347 5.21 24.15 -22.53
C GLY F 347 5.06 24.66 -21.12
N TRP F 348 5.59 25.84 -20.86
CA TRP F 348 5.52 26.42 -19.52
C TRP F 348 4.11 26.95 -19.27
N ARG F 349 3.40 26.28 -18.36
CA ARG F 349 1.97 26.52 -18.18
C ARG F 349 1.70 27.51 -17.08
N TYR F 350 2.13 28.74 -17.34
CA TYR F 350 1.93 29.81 -16.39
C TYR F 350 0.60 30.46 -16.65
N HIS F 351 0.10 31.17 -15.64
CA HIS F 351 -1.10 31.99 -15.74
C HIS F 351 -0.75 33.47 -15.63
N ALA F 352 -0.96 34.20 -16.71
CA ALA F 352 -0.52 35.58 -16.81
C ALA F 352 -1.13 36.51 -15.78
N ARG F 353 -2.41 36.32 -15.47
CA ARG F 353 -3.07 37.09 -14.40
C ARG F 353 -2.39 36.95 -13.03
N ASP F 354 -2.19 35.72 -12.61
CA ASP F 354 -1.61 35.49 -11.30
C ASP F 354 -0.23 36.13 -11.23
N LEU F 355 0.60 35.88 -12.23
CA LEU F 355 1.94 36.45 -12.25
C LEU F 355 1.94 37.98 -12.34
N ALA F 356 0.95 38.56 -13.01
CA ALA F 356 0.83 40.00 -13.07
C ALA F 356 0.56 40.55 -11.69
N VAL F 357 -0.34 39.92 -10.95
CA VAL F 357 -0.62 40.34 -9.60
C VAL F 357 0.65 40.17 -8.74
N TRP F 358 1.39 39.08 -8.93
CA TRP F 358 2.68 38.87 -8.25
C TRP F 358 3.65 40.00 -8.60
N ARG F 359 3.73 40.35 -9.87
CA ARG F 359 4.66 41.39 -10.30
C ARG F 359 4.29 42.75 -9.71
N ALA F 360 2.99 43.03 -9.65
CA ALA F 360 2.50 44.25 -9.04
C ALA F 360 2.88 44.33 -7.55
N HIS F 361 2.82 43.17 -6.87
CA HIS F 361 3.14 43.06 -5.44
C HIS F 361 4.61 43.37 -5.16
N SER F 362 5.52 42.70 -5.88
CA SER F 362 6.95 42.99 -5.75
C SER F 362 7.35 44.43 -6.15
N GLU F 363 6.77 44.97 -7.23
CA GLU F 363 7.06 46.35 -7.66
C GLU F 363 6.32 47.39 -6.81
N GLN F 364 5.36 46.92 -5.99
CA GLN F 364 4.54 47.79 -5.15
C GLN F 364 3.80 48.85 -5.97
N ILE F 365 2.99 48.37 -6.91
CA ILE F 365 2.13 49.21 -7.75
C ILE F 365 0.71 48.64 -7.81
N PRO F 366 -0.27 49.45 -8.19
CA PRO F 366 -1.63 48.91 -8.28
C PRO F 366 -1.83 48.08 -9.53
N ILE F 367 -2.74 47.11 -9.45
CA ILE F 367 -3.18 46.31 -10.61
C ILE F 367 -4.70 46.32 -10.66
N ILE F 368 -5.24 46.50 -11.87
CA ILE F 368 -6.69 46.56 -12.07
C ILE F 368 -7.13 45.37 -12.92
N LEU F 369 -7.92 44.50 -12.30
CA LEU F 369 -8.50 43.36 -12.96
C LEU F 369 -9.92 43.73 -13.34
N GLY F 370 -10.20 43.77 -14.63
CA GLY F 370 -11.53 44.16 -15.12
C GLY F 370 -12.31 43.00 -15.72
N SER F 371 -13.51 42.79 -15.21
CA SER F 371 -14.38 41.78 -15.78
C SER F 371 -15.82 42.10 -15.49
N ALA F 372 -16.69 41.79 -16.45
CA ALA F 372 -18.12 41.85 -16.23
C ALA F 372 -18.62 40.60 -15.51
N THR F 373 -17.82 39.53 -15.63
CA THR F 373 -18.13 38.21 -15.07
C THR F 373 -16.87 37.64 -14.44
N PRO F 374 -16.47 38.18 -13.28
CA PRO F 374 -15.18 37.80 -12.70
C PRO F 374 -15.08 36.32 -12.40
N ALA F 375 -13.89 35.75 -12.59
CA ALA F 375 -13.67 34.35 -12.25
C ALA F 375 -13.91 34.17 -10.76
N LEU F 376 -14.32 32.97 -10.37
CA LEU F 376 -14.61 32.70 -8.97
C LEU F 376 -13.34 32.88 -8.13
N GLU F 377 -12.19 32.59 -8.73
CA GLU F 377 -10.87 32.74 -8.06
C GLU F 377 -10.74 34.16 -7.58
N THR F 378 -11.16 35.07 -8.44
CA THR F 378 -11.06 36.49 -8.21
C THR F 378 -12.08 36.90 -7.14
N LEU F 379 -13.30 36.40 -7.23
CA LEU F 379 -14.31 36.75 -6.23
C LEU F 379 -13.96 36.25 -4.83
N HIS F 380 -13.31 35.08 -4.77
CA HIS F 380 -12.83 34.51 -3.50
C HIS F 380 -11.77 35.42 -2.89
N ASN F 381 -10.83 35.84 -3.75
CA ASN F 381 -9.81 36.78 -3.35
C ASN F 381 -10.40 38.11 -2.85
N VAL F 382 -11.55 38.51 -3.39
CA VAL F 382 -12.23 39.72 -2.90
C VAL F 382 -12.94 39.49 -1.58
N ARG F 383 -13.59 38.34 -1.41
CA ARG F 383 -14.25 38.02 -0.14
C ARG F 383 -13.22 37.93 1.01
N GLN F 384 -12.03 37.42 0.71
CA GLN F 384 -10.92 37.50 1.65
C GLN F 384 -10.21 38.82 1.42
N GLY F 385 -9.19 39.11 2.22
CA GLY F 385 -8.51 40.41 2.13
C GLY F 385 -7.74 40.72 0.85
N LYS F 386 -7.54 39.71 -0.01
CA LYS F 386 -6.50 39.76 -1.07
C LYS F 386 -6.73 40.86 -2.12
N TYR F 387 -7.96 40.98 -2.62
CA TYR F 387 -8.35 42.06 -3.54
C TYR F 387 -9.50 42.90 -2.97
N ARG F 388 -9.69 44.07 -3.58
CA ARG F 388 -10.72 44.99 -3.17
C ARG F 388 -11.62 45.21 -4.38
N GLN F 389 -12.92 45.25 -4.16
CA GLN F 389 -13.85 45.41 -5.28
C GLN F 389 -14.29 46.85 -5.50
N LEU F 390 -14.19 47.30 -6.74
CA LEU F 390 -14.82 48.54 -7.16
C LEU F 390 -15.90 48.17 -8.18
N THR F 391 -17.15 48.59 -7.94
CA THR F 391 -18.31 48.13 -8.72
C THR F 391 -18.99 49.23 -9.57
N LEU F 392 -19.55 48.85 -10.72
CA LEU F 392 -20.22 49.80 -11.64
C LEU F 392 -21.59 49.27 -12.14
N SER F 393 -22.64 50.11 -12.15
CA SER F 393 -23.98 49.70 -12.63
C SER F 393 -24.35 50.14 -14.05
N PRO F 401 -35.68 44.86 -22.19
CA PRO F 401 -35.20 44.09 -21.07
C PRO F 401 -35.70 42.63 -21.10
N ALA F 402 -34.88 41.69 -20.60
CA ALA F 402 -35.23 40.26 -20.58
C ALA F 402 -35.76 39.76 -21.95
N GLN F 403 -36.66 38.76 -21.94
CA GLN F 403 -37.17 38.03 -23.13
C GLN F 403 -37.04 36.49 -22.97
N GLN F 404 -36.55 36.02 -21.82
CA GLN F 404 -35.90 34.70 -21.83
C GLN F 404 -36.96 33.63 -21.68
N HIS F 405 -36.78 32.51 -22.38
CA HIS F 405 -37.65 31.34 -22.23
C HIS F 405 -36.83 30.18 -21.68
N VAL F 406 -37.36 29.49 -20.66
CA VAL F 406 -36.72 28.30 -20.11
C VAL F 406 -37.59 27.07 -20.47
N LEU F 407 -37.08 26.22 -21.37
CA LEU F 407 -37.84 25.07 -21.88
C LEU F 407 -37.47 23.77 -21.22
N ASP F 408 -38.49 23.05 -20.72
CA ASP F 408 -38.33 21.74 -20.09
C ASP F 408 -38.22 20.62 -21.16
N LEU F 409 -37.08 19.95 -21.23
CA LEU F 409 -36.88 18.88 -22.21
C LEU F 409 -37.57 17.57 -21.77
N LYS F 410 -37.93 17.46 -20.50
CA LYS F 410 -38.51 16.21 -19.98
C LYS F 410 -39.68 15.71 -20.81
N GLY F 411 -39.56 14.46 -21.27
CA GLY F 411 -40.65 13.79 -22.00
C GLY F 411 -40.92 14.30 -23.41
N GLN F 412 -40.01 15.11 -23.93
CA GLN F 412 -40.22 15.68 -25.25
C GLN F 412 -39.66 14.76 -26.34
N PRO F 413 -40.31 14.75 -27.50
CA PRO F 413 -39.58 14.28 -28.67
C PRO F 413 -38.54 15.33 -29.14
N LEU F 414 -37.25 14.97 -29.15
CA LEU F 414 -36.18 15.89 -29.58
C LEU F 414 -35.67 15.57 -30.97
N GLN F 415 -35.29 16.61 -31.71
CA GLN F 415 -34.61 16.46 -32.99
C GLN F 415 -33.29 17.19 -32.90
N ALA F 416 -32.19 16.44 -33.00
CA ALA F 416 -30.85 17.00 -32.82
C ALA F 416 -30.76 17.66 -31.46
N GLY F 417 -31.34 17.01 -30.45
CA GLY F 417 -31.46 17.59 -29.13
C GLY F 417 -32.31 18.85 -29.05
N LEU F 418 -33.05 19.20 -30.11
CA LEU F 418 -33.90 20.40 -30.09
C LEU F 418 -35.38 20.09 -29.85
N SER F 419 -35.99 20.83 -28.91
CA SER F 419 -37.43 20.71 -28.65
C SER F 419 -38.27 21.43 -29.72
N PRO F 420 -39.52 20.95 -29.92
CA PRO F 420 -40.48 21.61 -30.83
C PRO F 420 -40.66 23.11 -30.58
N ALA F 421 -40.77 23.49 -29.30
CA ALA F 421 -40.98 24.89 -28.91
C ALA F 421 -39.85 25.79 -29.38
N LEU F 422 -38.62 25.29 -29.33
CA LEU F 422 -37.47 26.02 -29.83
C LEU F 422 -37.53 26.16 -31.35
N ILE F 423 -37.81 25.06 -32.04
CA ILE F 423 -37.82 25.05 -33.51
C ILE F 423 -38.90 25.97 -34.08
N SER F 424 -40.09 25.91 -33.46
CA SER F 424 -41.20 26.84 -33.70
C SER F 424 -40.73 28.31 -33.62
N ARG F 425 -40.03 28.64 -32.55
CA ARG F 425 -39.46 29.99 -32.33
C ARG F 425 -38.34 30.32 -33.31
N MET F 426 -37.55 29.30 -33.68
CA MET F 426 -36.44 29.45 -34.66
C MET F 426 -36.88 29.89 -36.04
N ARG F 427 -37.91 29.23 -36.55
CA ARG F 427 -38.43 29.52 -37.88
C ARG F 427 -39.11 30.88 -37.97
N GLN F 428 -39.80 31.24 -36.90
CA GLN F 428 -40.44 32.55 -36.82
C GLN F 428 -39.42 33.70 -36.76
N HIS F 429 -38.17 33.39 -36.40
CA HIS F 429 -37.05 34.34 -36.48
C HIS F 429 -36.30 34.27 -37.80
N LEU F 430 -36.20 33.07 -38.38
CA LEU F 430 -35.58 32.91 -39.72
C LEU F 430 -36.42 33.47 -40.90
N GLN F 431 -37.75 33.28 -40.87
CA GLN F 431 -38.67 33.85 -41.89
C GLN F 431 -38.73 35.37 -41.83
N ALA F 432 -38.45 35.92 -40.64
CA ALA F 432 -38.32 37.37 -40.45
C ALA F 432 -36.93 37.87 -40.90
N ASP F 433 -36.14 36.97 -41.47
CA ASP F 433 -34.81 37.27 -42.06
C ASP F 433 -33.76 37.70 -41.03
N ASN F 434 -33.81 37.09 -39.85
CA ASN F 434 -32.85 37.36 -38.78
C ASN F 434 -31.90 36.18 -38.56
N GLN F 435 -30.84 36.41 -37.81
CA GLN F 435 -29.86 35.37 -37.52
C GLN F 435 -30.16 34.73 -36.17
N VAL F 436 -29.75 33.47 -36.05
CA VAL F 436 -30.00 32.61 -34.89
C VAL F 436 -28.74 31.87 -34.42
N ILE F 437 -28.29 32.17 -33.19
CA ILE F 437 -27.09 31.55 -32.62
C ILE F 437 -27.41 30.41 -31.65
N LEU F 438 -26.77 29.26 -31.86
CA LEU F 438 -26.87 28.09 -30.97
C LEU F 438 -25.55 27.84 -30.26
N PHE F 439 -25.59 27.65 -28.95
CA PHE F 439 -24.38 27.44 -28.14
C PHE F 439 -24.29 26.02 -27.55
N LEU F 440 -23.09 25.44 -27.62
CA LEU F 440 -22.82 24.09 -27.13
C LEU F 440 -21.57 24.09 -26.21
N ASN F 441 -21.17 22.91 -25.71
CA ASN F 441 -20.16 22.82 -24.63
C ASN F 441 -18.73 22.45 -25.03
N ARG F 442 -18.18 23.16 -26.01
CA ARG F 442 -16.87 22.80 -26.58
C ARG F 442 -16.96 21.34 -27.11
N ARG F 443 -15.86 20.60 -27.12
CA ARG F 443 -15.86 19.29 -27.79
C ARG F 443 -14.77 18.39 -27.26
N GLY F 444 -15.00 17.08 -27.36
CA GLY F 444 -14.07 16.08 -26.84
C GLY F 444 -14.36 15.72 -25.40
N PHE F 445 -15.13 16.56 -24.72
CA PHE F 445 -15.52 16.31 -23.34
C PHE F 445 -16.46 15.09 -23.19
N ALA F 446 -16.12 14.22 -22.24
CA ALA F 446 -16.91 13.00 -21.94
C ALA F 446 -18.23 13.27 -21.17
N PRO F 447 -19.35 12.65 -21.61
CA PRO F 447 -20.69 13.03 -21.15
C PRO F 447 -21.16 12.40 -19.86
N ALA F 448 -22.32 12.87 -19.37
CA ALA F 448 -23.00 12.30 -18.20
C ALA F 448 -24.20 11.52 -18.68
N LEU F 449 -24.82 10.79 -17.76
CA LEU F 449 -26.01 10.00 -18.08
C LEU F 449 -27.23 10.47 -17.31
N LEU F 450 -28.35 10.72 -18.01
CA LEU F 450 -29.63 11.04 -17.35
C LEU F 450 -30.87 10.52 -18.02
N CYS F 451 -31.95 10.52 -17.26
CA CYS F 451 -33.22 10.02 -17.72
C CYS F 451 -34.03 11.13 -18.38
N HIS F 452 -34.31 10.93 -19.67
CA HIS F 452 -35.05 11.88 -20.50
C HIS F 452 -36.49 12.12 -20.03
N ASP F 453 -37.09 11.13 -19.36
CA ASP F 453 -38.45 11.23 -18.89
C ASP F 453 -38.51 11.83 -17.50
N CYS F 454 -37.78 11.26 -16.55
CA CYS F 454 -37.94 11.62 -15.12
C CYS F 454 -36.85 12.52 -14.52
N GLY F 455 -35.78 12.74 -15.27
CA GLY F 455 -34.75 13.69 -14.86
C GLY F 455 -33.80 13.18 -13.80
N TRP F 456 -33.82 11.89 -13.51
CA TRP F 456 -32.79 11.29 -12.67
C TRP F 456 -31.41 11.45 -13.38
N ILE F 457 -30.34 11.71 -12.62
CA ILE F 457 -28.96 11.80 -13.17
C ILE F 457 -28.06 10.81 -12.46
N ALA F 458 -27.17 10.20 -13.22
CA ALA F 458 -26.26 9.18 -12.69
C ALA F 458 -25.28 9.80 -11.70
N GLU F 459 -25.55 9.65 -10.39
CA GLU F 459 -24.65 10.18 -9.35
C GLU F 459 -23.80 9.11 -8.73
N CYS F 460 -22.53 9.44 -8.43
CA CYS F 460 -21.55 8.55 -7.83
C CYS F 460 -21.74 8.64 -6.35
N PRO F 461 -22.29 7.59 -5.76
CA PRO F 461 -22.81 7.71 -4.39
C PRO F 461 -21.76 8.01 -3.28
N ARG F 462 -20.51 7.58 -3.44
CA ARG F 462 -19.44 7.98 -2.46
C ARG F 462 -19.32 9.50 -2.34
N CYS F 463 -18.89 10.13 -3.42
CA CYS F 463 -18.63 11.59 -3.41
C CYS F 463 -19.61 12.38 -4.26
N ASP F 464 -20.76 12.73 -3.70
CA ASP F 464 -21.81 13.45 -4.48
C ASP F 464 -21.11 14.14 -5.67
N SER F 465 -21.16 13.48 -6.83
CA SER F 465 -20.43 13.85 -8.04
C SER F 465 -21.09 13.07 -9.18
N TYR F 466 -21.10 13.62 -10.38
CA TYR F 466 -21.82 12.96 -11.47
C TYR F 466 -20.96 11.95 -12.21
N TYR F 467 -21.55 10.80 -12.54
CA TYR F 467 -20.85 9.78 -13.31
C TYR F 467 -20.67 10.25 -14.76
N THR F 468 -19.46 9.99 -15.26
CA THR F 468 -19.09 10.18 -16.66
C THR F 468 -19.38 8.89 -17.41
N LEU F 469 -20.10 8.98 -18.51
CA LEU F 469 -20.48 7.78 -19.27
C LEU F 469 -19.38 7.31 -20.22
N HIS F 470 -19.00 6.03 -20.10
CA HIS F 470 -18.08 5.39 -21.04
C HIS F 470 -18.77 4.23 -21.77
N GLN F 471 -19.70 4.62 -22.63
CA GLN F 471 -20.43 3.76 -23.56
C GLN F 471 -19.53 2.87 -24.42
N ALA F 472 -18.37 3.40 -24.80
CA ALA F 472 -17.36 2.69 -25.59
C ALA F 472 -16.71 1.52 -24.83
N GLN F 473 -16.56 1.64 -23.51
CA GLN F 473 -16.04 0.52 -22.68
C GLN F 473 -17.16 -0.18 -21.91
N HIS F 474 -18.40 0.25 -22.12
CA HIS F 474 -19.59 -0.38 -21.52
C HIS F 474 -19.69 -0.25 -19.97
N HIS F 475 -19.30 0.90 -19.43
CA HIS F 475 -19.42 1.20 -17.99
C HIS F 475 -19.57 2.70 -17.66
N LEU F 476 -20.04 2.99 -16.44
CA LEU F 476 -20.11 4.35 -15.87
C LEU F 476 -18.95 4.57 -14.90
N ARG F 477 -18.34 5.76 -14.92
CA ARG F 477 -17.12 6.01 -14.19
C ARG F 477 -17.15 7.37 -13.48
N CYS F 478 -16.73 7.43 -12.23
CA CYS F 478 -16.49 8.72 -11.56
C CYS F 478 -15.11 9.27 -11.91
N HIS F 479 -14.92 10.58 -11.96
CA HIS F 479 -13.57 11.15 -12.16
C HIS F 479 -13.02 11.88 -10.96
N HIS F 480 -13.91 12.33 -10.05
CA HIS F 480 -13.50 12.90 -8.77
C HIS F 480 -13.04 11.79 -7.82
N CYS F 481 -13.72 10.66 -7.78
CA CYS F 481 -13.10 9.47 -7.19
C CYS F 481 -12.96 8.50 -8.35
N ASP F 482 -12.63 7.25 -8.08
CA ASP F 482 -12.50 6.30 -9.16
C ASP F 482 -13.42 5.15 -8.85
N SER F 483 -14.69 5.26 -9.25
CA SER F 483 -15.64 4.16 -9.05
C SER F 483 -16.19 3.70 -10.39
N GLN F 484 -16.35 2.39 -10.50
CA GLN F 484 -16.93 1.77 -11.67
C GLN F 484 -18.38 1.46 -11.32
N ARG F 485 -19.21 1.35 -12.34
CA ARG F 485 -20.58 0.86 -12.21
C ARG F 485 -21.09 0.53 -13.61
N PRO F 486 -21.91 -0.52 -13.74
CA PRO F 486 -22.47 -0.85 -15.06
C PRO F 486 -23.49 0.18 -15.56
N ILE F 487 -23.57 0.36 -16.88
CA ILE F 487 -24.60 1.20 -17.47
C ILE F 487 -25.91 0.45 -17.35
N PRO F 488 -26.88 0.95 -16.54
CA PRO F 488 -28.21 0.30 -16.60
C PRO F 488 -28.98 0.63 -17.88
N ARG F 489 -29.71 -0.33 -18.46
CA ARG F 489 -30.47 -0.06 -19.69
C ARG F 489 -31.82 0.55 -19.37
N GLN F 490 -32.20 0.51 -18.09
CA GLN F 490 -33.35 1.29 -17.63
C GLN F 490 -33.09 2.08 -16.35
N CYS F 491 -33.74 3.25 -16.30
CA CYS F 491 -33.66 4.17 -15.18
C CYS F 491 -34.13 3.48 -13.89
N PRO F 492 -33.35 3.63 -12.80
CA PRO F 492 -33.71 3.07 -11.52
C PRO F 492 -34.71 3.88 -10.76
N SER F 493 -35.04 5.10 -11.22
CA SER F 493 -36.02 5.92 -10.50
C SER F 493 -37.44 5.85 -11.07
N CYS F 494 -37.59 5.75 -12.39
CA CYS F 494 -38.92 5.60 -12.95
C CYS F 494 -39.06 4.43 -13.93
N GLY F 495 -37.95 3.77 -14.27
CA GLY F 495 -38.01 2.62 -15.18
C GLY F 495 -37.93 2.90 -16.69
N SER F 496 -37.90 4.17 -17.10
CA SER F 496 -37.87 4.49 -18.53
C SER F 496 -36.63 3.89 -19.20
N THR F 497 -36.82 3.39 -20.41
CA THR F 497 -35.71 2.92 -21.22
C THR F 497 -34.98 4.09 -21.87
N HIS F 498 -35.61 5.27 -21.90
CA HIS F 498 -35.05 6.48 -22.51
C HIS F 498 -34.00 7.20 -21.58
N LEU F 499 -32.85 6.57 -21.38
CA LEU F 499 -31.68 7.20 -20.74
C LEU F 499 -30.78 7.74 -21.82
N VAL F 500 -30.38 9.01 -21.73
CA VAL F 500 -29.58 9.65 -22.77
C VAL F 500 -28.24 10.19 -22.27
N PRO F 501 -27.24 10.21 -23.14
CA PRO F 501 -26.03 10.98 -22.84
C PRO F 501 -26.23 12.49 -23.04
N VAL F 502 -25.67 13.30 -22.15
CA VAL F 502 -25.77 14.77 -22.26
C VAL F 502 -24.38 15.43 -22.35
N GLY F 503 -24.26 16.43 -23.23
CA GLY F 503 -23.02 17.21 -23.39
C GLY F 503 -22.30 16.91 -24.69
N ILE F 504 -23.07 16.83 -25.77
CA ILE F 504 -22.53 16.54 -27.10
C ILE F 504 -22.99 17.63 -28.10
N GLY F 505 -22.03 18.28 -28.72
CA GLY F 505 -22.28 19.15 -29.89
C GLY F 505 -21.20 19.09 -30.97
N THR F 506 -20.23 18.18 -30.78
CA THR F 506 -19.20 17.90 -31.78
C THR F 506 -19.74 16.93 -32.83
N GLU F 507 -20.84 16.25 -32.51
CA GLU F 507 -21.49 15.38 -33.48
C GLU F 507 -22.31 16.25 -34.39
N GLN F 508 -21.59 17.13 -35.06
CA GLN F 508 -22.06 17.84 -36.21
C GLN F 508 -23.56 18.01 -36.13
N LEU F 509 -23.94 18.95 -35.29
CA LEU F 509 -25.32 19.37 -35.18
C LEU F 509 -25.91 19.79 -36.54
N GLU F 510 -25.06 20.36 -37.42
CA GLU F 510 -25.47 20.73 -38.79
C GLU F 510 -26.00 19.53 -39.63
N GLN F 511 -25.52 18.32 -39.33
CA GLN F 511 -26.02 17.10 -39.98
C GLN F 511 -27.48 16.83 -39.68
N ALA F 512 -27.91 17.22 -38.49
CA ALA F 512 -29.30 17.08 -38.09
C ALA F 512 -30.09 18.39 -38.32
N LEU F 513 -29.37 19.52 -38.39
CA LEU F 513 -29.97 20.83 -38.70
C LEU F 513 -30.27 21.08 -40.19
N ALA F 514 -29.44 20.56 -41.10
CA ALA F 514 -29.60 20.77 -42.56
C ALA F 514 -30.91 20.18 -43.11
N PRO F 515 -31.27 18.93 -42.71
CA PRO F 515 -32.60 18.39 -43.02
C PRO F 515 -33.77 19.04 -42.25
N LEU F 516 -33.48 19.69 -41.12
CA LEU F 516 -34.48 20.43 -40.37
C LEU F 516 -34.68 21.85 -40.92
N PHE F 517 -33.62 22.45 -41.47
CA PHE F 517 -33.67 23.79 -42.08
C PHE F 517 -32.96 23.72 -43.44
N PRO F 518 -33.69 23.31 -44.52
CA PRO F 518 -33.06 23.17 -45.83
C PRO F 518 -31.84 24.09 -46.02
N GLU F 519 -30.68 23.47 -46.29
CA GLU F 519 -29.36 24.13 -46.21
C GLU F 519 -28.30 23.25 -45.52
N VAL F 520 -27.12 23.86 -45.37
CA VAL F 520 -25.89 23.30 -44.75
C VAL F 520 -25.16 24.31 -43.79
N PRO F 521 -23.91 23.98 -43.34
CA PRO F 521 -23.07 24.93 -42.60
C PRO F 521 -21.90 25.41 -43.50
N ILE F 522 -20.69 25.62 -42.94
CA ILE F 522 -19.47 25.89 -43.76
C ILE F 522 -19.00 24.63 -44.51
N SER F 523 -18.27 24.84 -45.62
CA SER F 523 -17.60 23.76 -46.38
C SER F 523 -16.63 22.98 -45.49
N LEU F 540 -13.83 34.41 -45.90
CA LEU F 540 -15.13 34.12 -46.50
C LEU F 540 -16.34 34.15 -45.52
N ALA F 541 -16.23 34.94 -44.45
CA ALA F 541 -17.34 35.14 -43.48
C ALA F 541 -18.30 36.27 -43.92
N ALA F 542 -19.43 35.90 -44.54
CA ALA F 542 -20.45 36.85 -45.02
C ALA F 542 -21.44 37.15 -43.88
N VAL F 543 -21.28 36.45 -42.75
CA VAL F 543 -22.01 36.74 -41.51
C VAL F 543 -22.41 38.21 -41.32
N HIS F 544 -21.51 39.13 -41.69
CA HIS F 544 -21.81 40.58 -41.76
C HIS F 544 -22.96 40.95 -42.72
N ARG F 545 -23.23 40.08 -43.72
CA ARG F 545 -24.25 40.32 -44.75
C ARG F 545 -25.69 40.31 -44.24
N GLY F 546 -25.92 39.71 -43.09
CA GLY F 546 -27.25 39.74 -42.50
C GLY F 546 -28.17 38.73 -43.13
N GLY F 547 -29.44 38.82 -42.77
CA GLY F 547 -30.45 37.86 -43.25
C GLY F 547 -30.41 36.53 -42.51
N ALA F 548 -31.27 35.61 -42.93
CA ALA F 548 -31.38 34.31 -42.27
C ALA F 548 -30.07 33.51 -42.32
N ARG F 549 -29.55 33.18 -41.13
CA ARG F 549 -28.40 32.31 -41.01
C ARG F 549 -28.38 31.66 -39.64
N ILE F 550 -27.81 30.44 -39.55
CA ILE F 550 -27.65 29.73 -38.28
C ILE F 550 -26.17 29.60 -37.93
N LEU F 551 -25.84 30.17 -36.78
CA LEU F 551 -24.49 30.25 -36.25
C LEU F 551 -24.39 29.32 -35.03
N ILE F 552 -23.39 28.46 -35.03
CA ILE F 552 -23.08 27.62 -33.87
C ILE F 552 -21.78 28.08 -33.23
N GLY F 553 -21.75 28.12 -31.91
CA GLY F 553 -20.58 28.57 -31.19
C GLY F 553 -20.38 27.75 -29.94
N THR F 554 -19.15 27.69 -29.46
CA THR F 554 -18.83 26.89 -28.28
C THR F 554 -18.38 27.74 -27.10
N GLN F 555 -17.83 28.90 -27.37
CA GLN F 555 -17.30 29.75 -26.32
C GLN F 555 -17.81 31.17 -26.46
N MET F 556 -17.48 32.00 -25.46
CA MET F 556 -17.91 33.39 -25.40
C MET F 556 -17.44 34.18 -26.63
N LEU F 557 -18.16 35.26 -26.94
CA LEU F 557 -17.80 36.17 -28.04
C LEU F 557 -16.69 37.16 -27.57
N ALA F 558 -15.91 37.72 -28.49
CA ALA F 558 -14.88 38.71 -28.09
C ALA F 558 -15.49 39.99 -27.52
N LYS F 559 -14.74 40.67 -26.64
CA LYS F 559 -15.15 41.97 -26.09
C LYS F 559 -15.50 42.92 -27.24
N GLY F 560 -16.63 43.59 -27.14
CA GLY F 560 -17.09 44.52 -28.18
C GLY F 560 -17.63 43.90 -29.46
N HIS F 561 -17.13 42.72 -29.83
CA HIS F 561 -17.55 42.03 -31.07
C HIS F 561 -19.01 41.59 -31.01
N HIS F 562 -19.80 42.19 -31.89
CA HIS F 562 -21.25 42.12 -31.82
C HIS F 562 -21.83 41.55 -33.11
N PHE F 563 -23.00 40.93 -32.98
CA PHE F 563 -23.77 40.43 -34.13
C PHE F 563 -25.10 41.18 -34.22
N PRO F 564 -25.16 42.21 -35.09
CA PRO F 564 -26.34 43.08 -35.19
C PRO F 564 -27.57 42.39 -35.78
N ASP F 565 -27.34 41.35 -36.58
CA ASP F 565 -28.45 40.65 -37.24
C ASP F 565 -29.05 39.50 -36.43
N VAL F 566 -28.52 39.19 -35.26
CA VAL F 566 -29.02 38.08 -34.44
C VAL F 566 -30.12 38.54 -33.47
N THR F 567 -31.31 37.96 -33.57
CA THR F 567 -32.40 38.24 -32.61
C THR F 567 -32.81 37.05 -31.73
N LEU F 568 -32.36 35.84 -32.10
CA LEU F 568 -32.60 34.64 -31.29
C LEU F 568 -31.31 33.89 -30.89
N VAL F 569 -30.99 33.91 -29.60
CA VAL F 569 -29.83 33.19 -29.05
C VAL F 569 -30.29 32.07 -28.14
N SER F 570 -29.90 30.85 -28.49
CA SER F 570 -30.33 29.69 -27.74
C SER F 570 -29.14 28.94 -27.13
N LEU F 571 -29.21 28.71 -25.82
CA LEU F 571 -28.22 27.92 -25.11
C LEU F 571 -28.81 26.53 -24.96
N LEU F 572 -28.33 25.62 -25.79
CA LEU F 572 -28.66 24.19 -25.70
C LEU F 572 -27.71 23.54 -24.71
N ASP F 573 -28.05 22.33 -24.24
CA ASP F 573 -27.19 21.58 -23.32
C ASP F 573 -26.76 22.43 -22.13
N VAL F 574 -27.73 22.99 -21.41
CA VAL F 574 -27.49 23.58 -20.10
C VAL F 574 -27.11 22.44 -19.17
N ASP F 575 -27.71 21.28 -19.44
CA ASP F 575 -27.41 20.03 -18.75
C ASP F 575 -25.94 19.70 -18.77
N GLY F 576 -25.33 19.79 -19.95
CA GLY F 576 -23.91 19.53 -20.12
C GLY F 576 -23.03 20.40 -19.22
N ALA F 577 -23.46 21.63 -18.97
CA ALA F 577 -22.75 22.52 -18.06
C ALA F 577 -23.07 22.24 -16.59
N LEU F 578 -24.31 21.90 -16.27
CA LEU F 578 -24.71 21.63 -14.88
C LEU F 578 -24.28 20.26 -14.36
N PHE F 579 -24.09 19.30 -15.25
CA PHE F 579 -23.82 17.93 -14.86
C PHE F 579 -22.52 17.38 -15.47
N SER F 580 -21.59 18.27 -15.77
CA SER F 580 -20.28 17.87 -16.28
C SER F 580 -19.39 17.24 -15.22
N ALA F 581 -18.42 16.46 -15.68
CA ALA F 581 -17.33 15.97 -14.85
C ALA F 581 -16.24 17.02 -14.65
N ASP F 582 -16.25 18.08 -15.45
CA ASP F 582 -15.40 19.24 -15.18
C ASP F 582 -16.17 20.16 -14.24
N PHE F 583 -15.61 20.40 -13.06
CA PHE F 583 -16.29 21.13 -11.99
C PHE F 583 -16.40 22.62 -12.27
N ARG F 584 -15.71 23.05 -13.32
CA ARG F 584 -15.75 24.42 -13.72
C ARG F 584 -16.89 24.75 -14.69
N SER F 585 -17.60 23.74 -15.21
CA SER F 585 -18.55 23.96 -16.31
C SER F 585 -19.69 24.93 -16.01
N ALA F 586 -20.18 24.93 -14.78
CA ALA F 586 -21.23 25.87 -14.35
C ALA F 586 -20.76 27.31 -14.46
N GLU F 587 -19.56 27.57 -13.95
CA GLU F 587 -18.93 28.89 -13.96
C GLU F 587 -18.77 29.40 -15.40
N ARG F 588 -18.27 28.54 -16.29
CA ARG F 588 -18.06 28.90 -17.71
C ARG F 588 -19.39 29.28 -18.35
N PHE F 589 -20.41 28.50 -18.03
CA PHE F 589 -21.75 28.74 -18.54
C PHE F 589 -22.31 30.05 -18.01
N ALA F 590 -22.21 30.26 -16.71
CA ALA F 590 -22.71 31.49 -16.11
C ALA F 590 -22.08 32.70 -16.79
N GLN F 591 -20.80 32.61 -17.10
CA GLN F 591 -20.11 33.70 -17.78
C GLN F 591 -20.67 33.90 -19.19
N LEU F 592 -20.80 32.80 -19.95
CA LEU F 592 -21.37 32.86 -21.28
C LEU F 592 -22.77 33.44 -21.25
N TYR F 593 -23.60 32.93 -20.35
CA TYR F 593 -25.00 33.33 -20.33
C TYR F 593 -25.10 34.80 -19.98
N THR F 594 -24.33 35.26 -19.01
CA THR F 594 -24.37 36.65 -18.62
C THR F 594 -23.88 37.55 -19.74
N GLN F 595 -22.82 37.13 -20.44
CA GLN F 595 -22.36 37.85 -21.64
C GLN F 595 -23.48 37.96 -22.69
N VAL F 596 -23.99 36.81 -23.14
CA VAL F 596 -24.94 36.73 -24.26
C VAL F 596 -26.35 37.21 -23.87
N SER F 597 -26.58 37.48 -22.59
CA SER F 597 -27.86 38.06 -22.15
C SER F 597 -28.00 39.54 -22.55
N GLY F 598 -26.89 40.23 -22.80
CA GLY F 598 -26.91 41.56 -23.37
C GLY F 598 -26.15 41.63 -24.70
N ARG F 599 -26.47 40.70 -25.63
CA ARG F 599 -25.90 40.67 -27.00
C ARG F 599 -26.76 39.92 -28.03
N GLN F 606 -34.71 44.25 -29.58
CA GLN F 606 -35.17 43.22 -28.64
C GLN F 606 -34.68 41.84 -29.03
N GLY F 607 -33.72 41.32 -28.26
CA GLY F 607 -33.24 39.94 -28.42
C GLY F 607 -34.08 38.96 -27.62
N GLU F 608 -34.06 37.70 -28.08
CA GLU F 608 -34.72 36.60 -27.40
C GLU F 608 -33.72 35.52 -27.02
N VAL F 609 -33.72 35.15 -25.75
CA VAL F 609 -32.85 34.12 -25.21
C VAL F 609 -33.72 32.91 -24.88
N ILE F 610 -33.30 31.72 -25.34
CA ILE F 610 -34.00 30.48 -25.01
C ILE F 610 -33.06 29.41 -24.45
N LEU F 611 -33.33 28.92 -23.23
CA LEU F 611 -32.57 27.82 -22.60
C LEU F 611 -33.33 26.49 -22.61
N GLN F 612 -32.63 25.41 -22.97
CA GLN F 612 -33.17 24.06 -22.90
C GLN F 612 -32.52 23.28 -21.79
N THR F 613 -33.32 22.69 -20.91
CA THR F 613 -32.77 21.88 -19.83
C THR F 613 -33.77 20.84 -19.31
N HIS F 614 -33.25 19.73 -18.80
CA HIS F 614 -34.08 18.71 -18.14
C HIS F 614 -34.41 19.09 -16.70
N HIS F 615 -33.68 20.06 -16.14
CA HIS F 615 -33.97 20.57 -14.81
C HIS F 615 -34.10 22.08 -14.77
N PRO F 616 -35.24 22.60 -15.22
CA PRO F 616 -35.43 24.03 -15.23
C PRO F 616 -35.37 24.62 -13.84
N GLU F 617 -35.66 23.84 -12.80
CA GLU F 617 -35.75 24.41 -11.45
C GLU F 617 -34.50 24.22 -10.56
N HIS F 618 -33.41 23.78 -11.18
CA HIS F 618 -32.09 23.69 -10.53
C HIS F 618 -31.79 24.97 -9.74
N PRO F 619 -31.43 24.84 -8.45
CA PRO F 619 -31.13 26.00 -7.60
C PRO F 619 -30.12 26.96 -8.20
N LEU F 620 -28.94 26.45 -8.55
CA LEU F 620 -27.88 27.27 -9.16
C LEU F 620 -28.32 27.98 -10.42
N LEU F 621 -29.01 27.28 -11.30
CA LEU F 621 -29.54 27.90 -12.51
C LEU F 621 -30.51 29.01 -12.17
N GLN F 622 -31.35 28.78 -11.15
CA GLN F 622 -32.39 29.73 -10.80
C GLN F 622 -31.78 31.00 -10.23
N THR F 623 -30.73 30.84 -9.43
CA THR F 623 -29.95 31.96 -8.92
C THR F 623 -29.42 32.80 -10.08
N LEU F 624 -28.85 32.15 -11.09
CA LEU F 624 -28.27 32.86 -12.22
C LEU F 624 -29.31 33.64 -13.02
N LEU F 625 -30.42 32.97 -13.35
CA LEU F 625 -31.44 33.53 -14.23
C LEU F 625 -32.21 34.70 -13.62
N TYR F 626 -32.38 34.67 -12.29
CA TYR F 626 -33.24 35.65 -11.58
C TYR F 626 -32.51 36.63 -10.66
N LYS F 627 -31.34 36.27 -10.14
CA LYS F 627 -30.58 37.16 -9.23
C LYS F 627 -29.30 37.74 -9.82
N GLY F 628 -28.73 37.07 -10.82
CA GLY F 628 -27.61 37.61 -11.59
C GLY F 628 -26.32 36.90 -11.29
N TYR F 629 -25.27 37.27 -12.02
CA TYR F 629 -23.99 36.55 -11.96
C TYR F 629 -23.39 36.55 -10.56
N ASP F 630 -23.35 37.70 -9.89
CA ASP F 630 -22.63 37.77 -8.61
C ASP F 630 -23.31 36.90 -7.55
N ALA F 631 -24.63 36.78 -7.62
CA ALA F 631 -25.39 35.94 -6.69
C ALA F 631 -25.10 34.47 -6.95
N PHE F 632 -25.04 34.14 -8.24
CA PHE F 632 -24.67 32.80 -8.68
C PHE F 632 -23.28 32.45 -8.12
N ALA F 633 -22.37 33.41 -8.26
CA ALA F 633 -21.00 33.20 -7.87
C ALA F 633 -20.89 32.94 -6.38
N GLU F 634 -21.62 33.74 -5.59
CA GLU F 634 -21.53 33.61 -4.15
C GLU F 634 -22.02 32.24 -3.72
N GLN F 635 -23.08 31.77 -4.36
CA GLN F 635 -23.62 30.45 -4.06
C GLN F 635 -22.74 29.31 -4.64
N ALA F 636 -22.26 29.48 -5.86
CA ALA F 636 -21.35 28.51 -6.48
C ALA F 636 -20.06 28.35 -5.67
N LEU F 637 -19.57 29.47 -5.15
CA LEU F 637 -18.35 29.50 -4.36
C LEU F 637 -18.50 28.77 -3.02
N ALA F 638 -19.65 28.88 -2.38
CA ALA F 638 -19.90 28.11 -1.16
C ALA F 638 -20.05 26.61 -1.45
N GLU F 639 -20.51 26.26 -2.64
CA GLU F 639 -20.58 24.85 -3.04
C GLU F 639 -19.21 24.25 -3.39
N ARG F 640 -18.29 25.08 -3.81
CA ARG F 640 -16.92 24.66 -4.03
C ARG F 640 -16.23 24.33 -2.71
N GLN F 641 -16.55 25.10 -1.67
CA GLN F 641 -16.03 24.88 -0.33
C GLN F 641 -16.51 23.54 0.20
N THR F 642 -17.80 23.28 -0.01
CA THR F 642 -18.43 22.00 0.33
C THR F 642 -17.65 20.87 -0.30
N MET F 643 -17.33 20.98 -1.56
CA MET F 643 -16.65 19.88 -2.23
C MET F 643 -15.12 19.95 -2.14
N GLN F 644 -14.61 20.92 -1.41
CA GLN F 644 -13.16 21.17 -1.33
C GLN F 644 -12.48 21.21 -2.72
N LEU F 645 -13.04 22.10 -3.55
CA LEU F 645 -12.50 22.39 -4.87
C LEU F 645 -11.96 23.80 -4.97
N PRO F 646 -11.13 24.04 -5.99
CA PRO F 646 -10.61 25.38 -6.20
C PRO F 646 -11.73 26.40 -6.35
N PRO F 647 -11.51 27.63 -5.85
CA PRO F 647 -10.28 28.15 -5.23
C PRO F 647 -10.15 27.89 -3.72
N TRP F 648 -10.99 27.02 -3.15
CA TRP F 648 -10.87 26.66 -1.74
C TRP F 648 -9.70 25.72 -1.50
N THR F 649 -9.31 24.98 -2.53
CA THR F 649 -8.10 24.18 -2.51
C THR F 649 -7.23 24.53 -3.69
N SER F 650 -5.99 24.06 -3.67
CA SER F 650 -5.10 24.15 -4.82
C SER F 650 -5.09 22.81 -5.52
N HIS F 651 -4.75 22.84 -6.79
CA HIS F 651 -4.72 21.65 -7.61
C HIS F 651 -3.44 21.61 -8.39
N VAL F 652 -3.00 20.41 -8.75
CA VAL F 652 -1.84 20.23 -9.63
C VAL F 652 -2.02 18.99 -10.50
N LEU F 653 -1.97 19.17 -11.82
CA LEU F 653 -2.05 18.05 -12.76
C LEU F 653 -0.68 17.65 -13.28
N ILE F 654 -0.57 16.39 -13.67
CA ILE F 654 0.68 15.82 -14.19
C ILE F 654 0.28 14.90 -15.35
N ARG F 655 0.63 15.27 -16.58
CA ARG F 655 0.14 14.56 -17.81
C ARG F 655 1.16 13.58 -18.42
N ASN F 661 0.92 3.07 -27.49
CA ASN F 661 0.02 3.52 -26.42
C ASN F 661 0.44 3.16 -24.97
N GLN F 662 1.19 2.09 -24.77
CA GLN F 662 1.46 1.66 -23.39
C GLN F 662 2.54 2.56 -22.79
N GLN F 663 3.04 2.28 -21.58
CA GLN F 663 4.20 3.02 -21.01
C GLN F 663 3.98 4.50 -21.02
N ALA F 664 2.80 4.94 -20.61
CA ALA F 664 2.42 6.33 -20.63
C ALA F 664 1.50 6.64 -19.45
N PRO F 665 0.45 5.80 -19.21
CA PRO F 665 -0.21 5.77 -17.91
C PRO F 665 0.65 5.19 -16.79
N LEU F 666 1.51 4.23 -17.13
CA LEU F 666 2.41 3.62 -16.18
C LEU F 666 3.37 4.61 -15.53
N PHE F 667 3.95 5.50 -16.32
CA PHE F 667 4.83 6.53 -15.76
C PHE F 667 4.20 7.19 -14.53
N LEU F 668 2.89 7.41 -14.56
CA LEU F 668 2.27 8.23 -13.53
C LEU F 668 2.18 7.55 -12.17
N GLN F 669 2.12 6.22 -12.16
CA GLN F 669 1.94 5.44 -10.91
C GLN F 669 3.06 5.43 -9.87
N GLN F 670 4.26 5.03 -10.29
CA GLN F 670 5.40 5.04 -9.40
C GLN F 670 5.60 6.42 -8.80
N LEU F 671 5.24 7.42 -9.59
CA LEU F 671 5.23 8.79 -9.12
C LEU F 671 4.20 9.03 -8.03
N ARG F 672 3.08 8.31 -8.09
CA ARG F 672 2.03 8.41 -7.07
C ARG F 672 2.55 7.96 -5.70
N ASN F 673 3.23 6.81 -5.68
CA ASN F 673 3.75 6.23 -4.43
C ASN F 673 4.90 7.05 -3.88
N LEU F 674 5.65 7.64 -4.80
CA LEU F 674 6.76 8.48 -4.42
C LEU F 674 6.25 9.77 -3.77
N LEU F 675 4.99 10.11 -4.06
CA LEU F 675 4.32 11.26 -3.47
C LEU F 675 3.67 10.93 -2.13
N GLN F 676 3.43 9.65 -1.88
CA GLN F 676 2.71 9.22 -0.68
C GLN F 676 3.54 9.50 0.57
N ALA F 677 4.72 8.89 0.62
CA ALA F 677 5.54 8.88 1.81
C ALA F 677 6.26 10.21 2.05
N SER F 678 6.50 10.98 0.99
CA SER F 678 7.18 12.26 1.10
C SER F 678 6.67 13.01 2.32
N PRO F 679 7.59 13.51 3.19
CA PRO F 679 7.06 14.16 4.37
C PRO F 679 6.10 15.27 3.95
N LEU F 680 4.98 15.38 4.65
CA LEU F 680 3.81 16.15 4.25
C LEU F 680 2.83 15.25 3.48
N ALA F 681 2.15 14.36 4.20
CA ALA F 681 0.93 13.74 3.70
C ALA F 681 -0.22 14.41 4.42
N ASP F 682 -0.10 14.59 5.75
CA ASP F 682 -1.11 15.27 6.61
C ASP F 682 -2.56 14.82 6.40
N GLU F 683 -2.71 13.65 5.75
CA GLU F 683 -4.00 13.09 5.33
C GLU F 683 -4.92 14.07 4.59
N LYS F 684 -4.46 15.32 4.43
CA LYS F 684 -5.19 16.34 3.69
C LYS F 684 -4.84 16.24 2.20
N LEU F 685 -3.55 16.00 1.89
CA LEU F 685 -3.11 15.74 0.51
C LEU F 685 -3.88 14.59 -0.07
N TRP F 686 -4.56 14.88 -1.16
CA TRP F 686 -5.49 13.96 -1.71
C TRP F 686 -5.14 13.82 -3.17
N VAL F 687 -4.86 12.59 -3.56
CA VAL F 687 -4.34 12.30 -4.88
C VAL F 687 -5.27 11.39 -5.63
N LEU F 688 -5.58 11.78 -6.86
CA LEU F 688 -6.28 10.91 -7.79
C LEU F 688 -5.27 10.08 -8.54
N GLY F 689 -5.27 8.78 -8.31
CA GLY F 689 -4.40 7.83 -9.03
C GLY F 689 -4.62 7.94 -10.53
N PRO F 690 -3.73 7.32 -11.35
CA PRO F 690 -3.78 7.52 -12.82
C PRO F 690 -5.17 7.29 -13.37
N VAL F 691 -5.78 8.36 -13.87
CA VAL F 691 -7.12 8.34 -14.43
C VAL F 691 -6.98 8.87 -15.86
N PRO F 692 -7.66 8.21 -16.82
CA PRO F 692 -7.64 8.72 -18.19
C PRO F 692 -8.15 10.15 -18.28
N ALA F 693 -7.54 10.94 -19.18
CA ALA F 693 -7.89 12.36 -19.33
C ALA F 693 -9.31 12.48 -19.81
N LEU F 694 -9.86 13.67 -19.77
CA LEU F 694 -11.16 13.86 -20.37
C LEU F 694 -10.94 13.94 -21.91
N ALA F 695 -9.87 13.30 -22.42
CA ALA F 695 -9.35 13.57 -23.77
C ALA F 695 -8.49 12.46 -24.41
N TRP F 704 -3.21 10.13 -20.37
CA TRP F 704 -3.44 9.95 -18.91
C TRP F 704 -2.91 11.13 -18.04
N GLN F 705 -3.28 11.12 -16.77
CA GLN F 705 -2.97 12.22 -15.84
C GLN F 705 -3.17 11.80 -14.39
N ILE F 706 -2.61 12.55 -13.44
CA ILE F 706 -2.99 12.43 -12.02
C ILE F 706 -3.23 13.82 -11.45
N LEU F 707 -4.08 13.89 -10.42
CA LEU F 707 -4.47 15.16 -9.82
C LEU F 707 -4.02 15.18 -8.36
N LEU F 708 -3.51 16.33 -7.90
CA LEU F 708 -3.10 16.47 -6.51
C LEU F 708 -3.90 17.63 -5.87
N GLN F 709 -4.35 17.47 -4.64
CA GLN F 709 -5.27 18.45 -4.03
C GLN F 709 -4.90 18.71 -2.59
N HIS F 710 -4.99 19.95 -2.14
CA HIS F 710 -4.52 20.31 -0.79
C HIS F 710 -5.00 21.72 -0.46
N PRO F 711 -5.49 21.96 0.77
CA PRO F 711 -5.96 23.32 1.13
C PRO F 711 -4.88 24.40 1.08
N SER F 712 -3.67 24.03 1.50
CA SER F 712 -2.49 24.90 1.41
C SER F 712 -1.76 24.86 0.05
N ARG F 713 -1.64 26.05 -0.52
CA ARG F 713 -0.89 26.27 -1.75
C ARG F 713 0.60 26.03 -1.53
N VAL F 714 1.12 26.57 -0.44
CA VAL F 714 2.55 26.53 -0.20
C VAL F 714 2.98 25.09 0.12
N ARG F 715 2.18 24.38 0.91
CA ARG F 715 2.51 22.99 1.25
C ARG F 715 2.52 22.09 0.03
N LEU F 716 1.51 22.23 -0.83
CA LEU F 716 1.49 21.46 -2.07
C LEU F 716 2.66 21.80 -3.04
N GLN F 717 3.16 23.04 -3.04
CA GLN F 717 4.34 23.39 -3.84
C GLN F 717 5.58 22.64 -3.34
N HIS F 718 5.77 22.62 -2.01
CA HIS F 718 6.90 21.90 -1.39
C HIS F 718 6.82 20.40 -1.67
N ILE F 719 5.62 19.83 -1.61
CA ILE F 719 5.45 18.39 -1.76
C ILE F 719 5.85 18.00 -3.18
N VAL F 720 5.50 18.83 -4.14
CA VAL F 720 5.87 18.58 -5.52
C VAL F 720 7.36 18.82 -5.70
N SER F 721 7.88 19.86 -5.04
CA SER F 721 9.29 20.21 -5.15
C SER F 721 10.19 19.06 -4.70
N GLY F 722 9.83 18.46 -3.57
CA GLY F 722 10.61 17.37 -2.99
C GLY F 722 10.52 16.08 -3.78
N THR F 723 9.31 15.68 -4.14
CA THR F 723 9.09 14.42 -4.86
C THR F 723 9.61 14.44 -6.32
N LEU F 724 9.72 15.64 -6.87
CA LEU F 724 10.22 15.83 -8.21
C LEU F 724 11.75 15.77 -8.18
N ALA F 725 12.31 16.23 -7.06
CA ALA F 725 13.77 16.28 -6.88
C ALA F 725 14.42 14.93 -7.15
N LEU F 726 13.76 13.86 -6.70
CA LEU F 726 14.36 12.53 -6.79
C LEU F 726 13.57 11.63 -7.72
N ILE F 727 14.26 11.06 -8.71
CA ILE F 727 13.65 10.32 -9.79
C ILE F 727 14.24 8.91 -10.00
N TRP F 738 5.65 13.82 -20.60
CA TRP F 738 5.55 14.17 -19.18
C TRP F 738 5.62 15.69 -18.91
N VAL F 739 4.50 16.28 -18.46
CA VAL F 739 4.42 17.72 -18.12
C VAL F 739 3.64 18.01 -16.83
N LEU F 740 3.91 19.19 -16.27
CA LEU F 740 3.48 19.56 -14.92
C LEU F 740 2.68 20.87 -14.97
N ASP F 741 1.43 20.83 -14.51
CA ASP F 741 0.48 21.93 -14.63
C ASP F 741 -0.07 22.37 -13.27
N VAL F 742 0.45 23.48 -12.75
CA VAL F 742 0.01 23.98 -11.44
C VAL F 742 -1.18 24.90 -11.65
N ASP F 743 -2.19 24.77 -10.78
CA ASP F 743 -3.42 25.55 -10.88
C ASP F 743 -3.99 25.48 -12.30
N PRO F 744 -4.39 24.27 -12.72
CA PRO F 744 -4.84 24.06 -14.08
C PRO F 744 -6.26 24.59 -14.28
N ILE F 745 -6.59 25.02 -15.50
CA ILE F 745 -7.99 25.36 -15.85
C ILE F 745 -8.75 24.16 -16.42
N GLU F 746 -8.05 23.02 -16.51
CA GLU F 746 -8.61 21.73 -16.96
C GLU F 746 -8.85 21.70 -18.45
N GLY F 747 -9.76 22.56 -18.92
CA GLY F 747 -10.15 22.57 -20.32
C GLY F 747 -9.16 23.33 -21.19
#